data_6D5B
#
_entry.id   6D5B
#
_cell.length_a   86.167
_cell.length_b   86.199
_cell.length_c   86.567
_cell.angle_alpha   83.87
_cell.angle_beta   83.93
_cell.angle_gamma   60.55
#
_symmetry.space_group_name_H-M   'P 1'
#
loop_
_entity.id
_entity.type
_entity.pdbx_description
1 polymer 'glycoside hydrolase WP_045175321'
2 non-polymer 'CALCIUM ION'
3 water water
#
_entity_poly.entity_id   1
_entity_poly.type   'polypeptide(L)'
_entity_poly.pdbx_seq_one_letter_code
;MAHHHHHHVDDDDKTSGQIKVLYANKETNSTTNTIRPWLKVVNTGSSSIDLSRVTIRYWYTVDGDRAQSAISDWAQIGAS
NVTFKFVKLSSSVSGADYYLEIGFKSGAGQLQPGKDTGEIQIRFNKSDWSNYNQGNDWSWLQSMTSYGENVKVTAYIDGV
LVWGQEPSGA
;
_entity_poly.pdbx_strand_id   A,B,C,D,E,F,G,H,I,J,K,L
#
loop_
_chem_comp.id
_chem_comp.type
_chem_comp.name
_chem_comp.formula
CA non-polymer 'CALCIUM ION' 'Ca 2'
#
# COMPACT_ATOMS: atom_id res chain seq x y z
N SER A 16 21.47 -17.82 39.74
CA SER A 16 20.52 -18.68 38.97
C SER A 16 20.56 -18.37 37.45
N GLY A 17 20.03 -17.21 37.03
CA GLY A 17 20.15 -16.78 35.65
C GLY A 17 18.88 -16.27 35.02
N GLN A 18 18.90 -14.99 34.62
CA GLN A 18 17.81 -14.38 33.87
C GLN A 18 18.32 -13.79 32.53
N ILE A 19 17.71 -14.24 31.44
CA ILE A 19 18.07 -13.73 30.12
C ILE A 19 16.86 -13.41 29.28
N LYS A 20 17.12 -12.53 28.33
CA LYS A 20 16.26 -12.19 27.23
C LYS A 20 17.06 -12.52 25.95
N VAL A 21 16.37 -12.96 24.89
CA VAL A 21 16.95 -13.10 23.58
C VAL A 21 16.29 -12.05 22.71
N LEU A 22 17.10 -11.24 22.00
CA LEU A 22 16.59 -10.33 20.96
C LEU A 22 16.78 -10.89 19.57
N TYR A 23 15.90 -10.50 18.64
CA TYR A 23 15.81 -11.10 17.34
C TYR A 23 15.65 -10.05 16.25
N ALA A 24 16.40 -10.21 15.18
CA ALA A 24 16.25 -9.41 13.96
C ALA A 24 16.10 -10.32 12.76
N ASN A 25 14.96 -10.23 12.11
CA ASN A 25 14.73 -10.97 10.89
C ASN A 25 15.43 -10.28 9.74
N LYS A 26 16.35 -10.98 9.10
CA LYS A 26 17.03 -10.39 7.94
C LYS A 26 16.63 -10.99 6.63
N GLU A 27 15.47 -11.65 6.59
CA GLU A 27 14.87 -12.05 5.33
C GLU A 27 13.36 -11.89 5.39
N THR A 28 12.87 -10.81 4.77
CA THR A 28 11.43 -10.47 4.79
C THR A 28 10.63 -11.24 3.83
N ASN A 29 11.24 -11.82 2.82
CA ASN A 29 10.49 -12.65 1.88
C ASN A 29 10.07 -13.95 2.60
N SER A 30 8.78 -14.26 2.59
CA SER A 30 8.29 -15.51 3.08
C SER A 30 8.95 -16.65 2.36
N THR A 31 9.09 -16.48 1.04
CA THR A 31 9.70 -17.51 0.21
C THR A 31 11.15 -17.16 0.06
N THR A 32 12.01 -18.07 0.48
CA THR A 32 13.45 -17.82 0.51
C THR A 32 14.16 -19.14 0.67
N ASN A 33 15.35 -19.23 0.09
CA ASN A 33 16.23 -20.37 0.31
C ASN A 33 17.11 -20.17 1.59
N THR A 34 17.07 -19.00 2.21
CA THR A 34 17.91 -18.67 3.35
C THR A 34 17.15 -17.92 4.45
N ILE A 35 16.93 -18.64 5.56
CA ILE A 35 16.35 -18.06 6.78
C ILE A 35 17.48 -17.33 7.53
N ARG A 36 17.15 -16.16 8.02
CA ARG A 36 18.13 -15.25 8.56
C ARG A 36 17.66 -14.70 9.92
N PRO A 37 17.75 -15.53 10.96
CA PRO A 37 17.28 -15.02 12.27
C PRO A 37 18.47 -14.55 13.10
N TRP A 38 18.75 -13.26 13.05
CA TRP A 38 19.87 -12.73 13.83
C TRP A 38 19.46 -12.59 15.28
N LEU A 39 20.41 -12.72 16.18
CA LEU A 39 20.04 -12.91 17.55
C LEU A 39 20.99 -12.19 18.43
N LYS A 40 20.57 -12.06 19.67
CA LYS A 40 21.38 -11.42 20.69
C LYS A 40 20.92 -12.00 21.99
N VAL A 41 21.85 -12.25 22.91
CA VAL A 41 21.46 -12.64 24.29
C VAL A 41 21.80 -11.48 25.23
N VAL A 42 20.84 -11.13 26.10
CA VAL A 42 20.95 -10.04 27.09
C VAL A 42 20.85 -10.72 28.45
N ASN A 43 21.82 -10.50 29.34
CA ASN A 43 21.73 -10.96 30.72
C ASN A 43 21.03 -9.87 31.54
N THR A 44 19.78 -10.11 31.96
CA THR A 44 18.95 -9.08 32.64
C THR A 44 18.88 -9.28 34.17
N GLY A 45 19.56 -10.30 34.68
CA GLY A 45 19.51 -10.64 36.08
C GLY A 45 20.72 -10.05 36.79
N SER A 46 21.10 -10.68 37.88
CA SER A 46 22.07 -10.08 38.82
C SER A 46 23.42 -10.77 38.95
N SER A 47 23.49 -12.04 38.56
CA SER A 47 24.73 -12.78 38.45
C SER A 47 25.20 -12.82 36.97
N SER A 48 26.45 -13.09 36.76
CA SER A 48 26.87 -13.38 35.41
C SER A 48 26.50 -14.83 35.02
N ILE A 49 26.50 -15.04 33.71
CA ILE A 49 26.10 -16.32 33.12
C ILE A 49 27.16 -16.69 32.13
N ASP A 50 27.65 -17.91 32.27
CA ASP A 50 28.51 -18.51 31.23
C ASP A 50 27.66 -18.77 29.98
N LEU A 51 28.01 -18.16 28.84
CA LEU A 51 27.23 -18.31 27.62
C LEU A 51 27.16 -19.76 27.12
N SER A 52 28.14 -20.60 27.47
CA SER A 52 28.04 -22.04 27.15
C SER A 52 26.84 -22.73 27.77
N ARG A 53 26.28 -22.15 28.83
CA ARG A 53 25.08 -22.72 29.47
C ARG A 53 23.80 -22.33 28.72
N VAL A 54 23.90 -21.38 27.81
CA VAL A 54 22.73 -20.82 27.16
C VAL A 54 22.52 -21.53 25.83
N THR A 55 21.29 -21.98 25.60
CA THR A 55 20.88 -22.39 24.24
C THR A 55 19.66 -21.61 23.80
N ILE A 56 19.58 -21.35 22.48
CA ILE A 56 18.44 -20.67 21.87
C ILE A 56 17.86 -21.58 20.79
N ARG A 57 16.54 -21.55 20.63
CA ARG A 57 15.89 -22.38 19.65
C ARG A 57 15.03 -21.57 18.70
N TYR A 58 15.25 -21.75 17.40
CA TYR A 58 14.40 -21.16 16.36
C TYR A 58 13.61 -22.33 15.80
N TRP A 59 12.29 -22.27 16.03
CA TRP A 59 11.36 -23.33 15.71
C TRP A 59 10.74 -23.00 14.38
N TYR A 60 10.67 -23.99 13.51
CA TYR A 60 10.18 -23.74 12.15
C TYR A 60 9.77 -25.02 11.45
N THR A 61 9.19 -24.84 10.28
CA THR A 61 8.85 -25.95 9.43
C THR A 61 9.83 -25.95 8.26
N VAL A 62 10.44 -27.13 8.04
CA VAL A 62 11.45 -27.33 7.04
C VAL A 62 10.92 -27.19 5.59
N ASP A 63 9.62 -27.47 5.37
CA ASP A 63 9.02 -27.36 4.01
C ASP A 63 9.63 -28.26 2.95
N GLY A 64 9.58 -29.55 3.21
CA GLY A 64 10.37 -30.49 2.40
C GLY A 64 11.74 -30.74 3.00
N ASP A 65 11.84 -31.79 3.80
CA ASP A 65 13.03 -32.12 4.56
C ASP A 65 14.25 -32.34 3.66
N ARG A 66 15.36 -31.76 4.07
CA ARG A 66 16.63 -31.90 3.42
C ARG A 66 17.67 -31.69 4.50
N ALA A 67 18.90 -32.11 4.18
CA ALA A 67 20.07 -31.68 4.90
C ALA A 67 20.00 -30.16 4.94
N GLN A 68 20.50 -29.61 6.05
CA GLN A 68 20.47 -28.20 6.30
C GLN A 68 21.82 -27.79 6.87
N SER A 69 22.15 -26.52 6.61
CA SER A 69 23.41 -25.89 7.01
C SER A 69 23.06 -24.54 7.62
N ALA A 70 23.68 -24.25 8.77
CA ALA A 70 23.59 -22.96 9.42
C ALA A 70 25.00 -22.38 9.54
N ILE A 71 25.11 -21.06 9.30
CA ILE A 71 26.40 -20.37 9.34
C ILE A 71 26.21 -19.04 10.01
N SER A 72 27.14 -18.68 10.91
CA SER A 72 27.30 -17.29 11.36
C SER A 72 28.39 -16.74 10.49
N ASP A 73 28.03 -15.79 9.62
CA ASP A 73 29.06 -15.01 8.92
C ASP A 73 29.86 -14.06 9.80
N TRP A 74 29.25 -13.63 10.90
CA TRP A 74 29.82 -12.70 11.82
C TRP A 74 29.03 -12.67 13.11
N ALA A 75 29.78 -12.65 14.22
CA ALA A 75 29.20 -12.50 15.54
C ALA A 75 30.19 -11.66 16.35
N GLN A 76 29.67 -10.74 17.17
CA GLN A 76 30.51 -9.86 18.03
C GLN A 76 31.39 -10.70 18.97
N ILE A 77 30.82 -11.78 19.47
CA ILE A 77 31.58 -12.74 20.30
C ILE A 77 32.50 -13.67 19.54
N GLY A 78 32.53 -13.52 18.20
CA GLY A 78 33.30 -14.38 17.29
C GLY A 78 32.45 -15.50 16.73
N ALA A 79 32.20 -15.46 15.42
CA ALA A 79 31.31 -16.43 14.82
C ALA A 79 31.68 -17.87 15.16
N SER A 80 32.99 -18.14 15.24
CA SER A 80 33.50 -19.48 15.58
C SER A 80 33.01 -19.97 16.94
N ASN A 81 32.54 -19.07 17.79
CA ASN A 81 32.06 -19.43 19.10
C ASN A 81 30.59 -19.78 19.15
N VAL A 82 29.92 -19.78 18.00
CA VAL A 82 28.51 -20.05 17.93
C VAL A 82 28.37 -21.46 17.43
N THR A 83 27.58 -22.28 18.11
CA THR A 83 27.33 -23.64 17.66
C THR A 83 25.92 -23.76 17.15
N PHE A 84 25.73 -24.67 16.20
CA PHE A 84 24.42 -24.93 15.62
C PHE A 84 24.07 -26.42 15.62
N LYS A 85 22.82 -26.70 15.90
CA LYS A 85 22.33 -28.08 15.93
C LYS A 85 20.90 -28.11 15.38
N PHE A 86 20.70 -28.74 14.23
CA PHE A 86 19.34 -28.94 13.75
C PHE A 86 18.68 -30.12 14.43
N VAL A 87 17.46 -29.95 14.95
CA VAL A 87 16.76 -31.01 15.66
C VAL A 87 15.44 -31.15 14.97
N LYS A 88 15.24 -32.31 14.33
CA LYS A 88 13.97 -32.67 13.72
C LYS A 88 13.09 -33.12 14.86
N LEU A 89 11.94 -32.49 15.02
CA LEU A 89 11.09 -32.83 16.16
C LEU A 89 10.45 -34.22 15.98
N SER A 90 10.42 -35.00 17.05
CA SER A 90 9.69 -36.29 17.06
C SER A 90 8.25 -36.19 16.56
N SER A 91 7.49 -35.22 17.07
CA SER A 91 6.16 -34.85 16.53
C SER A 91 6.15 -33.40 16.13
N SER A 92 5.45 -33.08 15.04
CA SER A 92 5.14 -31.74 14.59
C SER A 92 4.32 -31.04 15.64
N VAL A 93 4.49 -29.73 15.72
CA VAL A 93 3.68 -28.91 16.61
C VAL A 93 3.31 -27.65 15.81
N SER A 94 2.54 -26.76 16.43
N SER A 94 2.55 -26.74 16.41
CA SER A 94 2.15 -25.51 15.81
CA SER A 94 2.02 -25.61 15.65
C SER A 94 3.36 -24.85 15.17
C SER A 94 3.15 -24.70 15.15
N GLY A 95 3.42 -24.76 13.85
CA GLY A 95 4.50 -24.00 13.22
C GLY A 95 5.92 -24.55 13.39
N ALA A 96 6.04 -25.80 13.81
CA ALA A 96 7.34 -26.41 13.84
C ALA A 96 7.36 -27.92 13.69
N ASP A 97 8.27 -28.33 12.82
CA ASP A 97 8.75 -29.73 12.77
C ASP A 97 10.25 -29.80 12.98
N TYR A 98 10.89 -28.66 13.19
CA TYR A 98 12.31 -28.57 13.47
C TYR A 98 12.59 -27.40 14.41
N TYR A 99 13.76 -27.47 15.04
CA TYR A 99 14.34 -26.25 15.54
C TYR A 99 15.81 -26.17 15.24
N LEU A 100 16.29 -24.95 15.11
CA LEU A 100 17.71 -24.73 15.04
C LEU A 100 18.13 -24.36 16.46
N GLU A 101 19.00 -25.15 17.07
CA GLU A 101 19.48 -24.82 18.40
C GLU A 101 20.82 -24.10 18.30
N ILE A 102 20.84 -22.89 18.83
CA ILE A 102 22.03 -22.08 18.82
C ILE A 102 22.62 -22.18 20.22
N GLY A 103 23.90 -22.44 20.26
CA GLY A 103 24.64 -22.58 21.55
C GLY A 103 25.97 -21.88 21.43
N PHE A 104 26.76 -21.91 22.51
CA PHE A 104 27.99 -21.13 22.59
C PHE A 104 29.10 -21.97 23.18
N LYS A 105 30.29 -21.85 22.60
CA LYS A 105 31.47 -22.61 23.07
C LYS A 105 31.97 -21.85 24.31
N SER A 106 32.92 -22.45 25.05
CA SER A 106 33.52 -21.73 26.17
C SER A 106 34.08 -20.37 25.71
N GLY A 107 34.59 -20.31 24.49
CA GLY A 107 35.16 -19.06 23.98
C GLY A 107 34.22 -17.89 23.91
N ALA A 108 32.92 -18.15 23.86
CA ALA A 108 31.97 -17.06 23.98
C ALA A 108 32.06 -16.33 25.35
N GLY A 109 32.37 -17.07 26.42
CA GLY A 109 32.73 -16.47 27.69
C GLY A 109 31.47 -16.20 28.48
N GLN A 110 31.53 -15.13 29.26
CA GLN A 110 30.59 -14.87 30.30
C GLN A 110 29.85 -13.61 29.94
N LEU A 111 28.54 -13.63 30.15
CA LEU A 111 27.75 -12.44 30.02
C LEU A 111 27.47 -11.84 31.39
N GLN A 112 27.88 -10.58 31.57
CA GLN A 112 27.72 -9.89 32.83
C GLN A 112 26.30 -9.35 32.93
N PRO A 113 25.81 -9.09 34.17
CA PRO A 113 24.51 -8.43 34.37
C PRO A 113 24.40 -7.12 33.61
N GLY A 114 23.23 -6.90 33.01
CA GLY A 114 22.98 -5.75 32.15
C GLY A 114 23.65 -5.71 30.76
N LYS A 115 24.44 -6.71 30.42
CA LYS A 115 25.17 -6.68 29.18
C LYS A 115 24.59 -7.72 28.20
N ASP A 116 24.95 -7.57 26.94
CA ASP A 116 24.52 -8.50 25.88
C ASP A 116 25.66 -8.98 25.00
N THR A 117 25.36 -10.03 24.23
CA THR A 117 26.36 -10.66 23.37
C THR A 117 26.76 -9.78 22.23
N GLY A 118 26.02 -8.71 21.99
CA GLY A 118 26.08 -8.09 20.72
C GLY A 118 25.48 -8.99 19.65
N GLU A 119 25.62 -8.56 18.41
CA GLU A 119 24.95 -9.23 17.29
C GLU A 119 25.47 -10.63 16.98
N ILE A 120 24.55 -11.55 16.67
CA ILE A 120 24.90 -12.88 16.21
C ILE A 120 24.18 -13.03 14.88
N GLN A 121 24.95 -13.10 13.80
CA GLN A 121 24.33 -13.25 12.50
C GLN A 121 24.13 -14.71 12.31
N ILE A 122 23.00 -15.05 11.74
CA ILE A 122 22.70 -16.44 11.48
C ILE A 122 22.01 -16.48 10.13
N ARG A 123 22.45 -17.45 9.32
CA ARG A 123 21.65 -17.87 8.18
C ARG A 123 21.63 -19.39 8.09
N PHE A 124 20.55 -19.91 7.53
CA PHE A 124 20.51 -21.30 7.27
C PHE A 124 19.70 -21.65 6.02
N ASN A 125 20.13 -22.72 5.36
CA ASN A 125 19.54 -23.10 4.06
C ASN A 125 19.44 -24.62 4.00
N LYS A 126 18.65 -25.10 3.07
CA LYS A 126 18.67 -26.53 2.71
C LYS A 126 19.81 -26.78 1.74
N SER A 127 20.34 -27.99 1.77
CA SER A 127 21.57 -28.28 1.03
C SER A 127 21.39 -28.23 -0.49
N ASP A 128 20.16 -28.42 -0.97
CA ASP A 128 19.83 -28.22 -2.40
C ASP A 128 19.30 -26.81 -2.71
N TRP A 129 19.47 -25.87 -1.77
CA TRP A 129 18.96 -24.52 -1.85
C TRP A 129 17.47 -24.41 -2.19
N SER A 130 16.71 -25.47 -1.90
CA SER A 130 15.27 -25.44 -2.14
C SER A 130 14.67 -24.42 -1.15
N ASN A 131 13.52 -23.87 -1.54
CA ASN A 131 12.90 -22.78 -0.82
C ASN A 131 12.27 -23.24 0.49
N TYR A 132 12.31 -22.34 1.45
CA TYR A 132 11.51 -22.44 2.61
C TYR A 132 10.32 -21.56 2.38
N ASN A 133 9.35 -21.76 3.25
CA ASN A 133 8.22 -20.89 3.45
C ASN A 133 8.26 -20.45 4.90
N GLN A 134 8.51 -19.17 5.15
CA GLN A 134 8.74 -18.75 6.52
C GLN A 134 7.44 -18.46 7.22
N GLY A 135 6.40 -18.23 6.42
CA GLY A 135 5.05 -17.92 6.86
C GLY A 135 4.38 -18.94 7.75
N ASN A 136 4.81 -20.18 7.66
CA ASN A 136 4.27 -21.26 8.53
C ASN A 136 5.34 -21.69 9.58
N ASP A 137 6.18 -20.73 9.95
CA ASP A 137 7.25 -20.94 11.00
C ASP A 137 6.90 -20.29 12.31
N TRP A 138 6.84 -21.10 13.37
CA TRP A 138 6.58 -20.60 14.73
C TRP A 138 7.42 -19.35 15.08
N SER A 139 8.71 -19.42 14.84
CA SER A 139 9.60 -18.39 15.33
C SER A 139 9.74 -17.20 14.38
N TRP A 140 9.20 -17.24 13.17
CA TRP A 140 9.39 -16.13 12.26
C TRP A 140 8.59 -14.87 12.68
N LEU A 141 9.25 -13.73 12.66
CA LEU A 141 8.54 -12.47 12.88
C LEU A 141 8.99 -11.58 11.75
N GLN A 142 8.22 -11.64 10.66
CA GLN A 142 8.58 -10.99 9.43
C GLN A 142 9.02 -9.53 9.62
N SER A 143 8.23 -8.78 10.41
CA SER A 143 8.38 -7.35 10.50
C SER A 143 9.38 -6.87 11.53
N MET A 144 9.86 -7.73 12.43
CA MET A 144 10.84 -7.31 13.42
C MET A 144 12.19 -7.42 12.74
N THR A 145 12.51 -6.44 11.90
CA THR A 145 13.76 -6.45 11.09
C THR A 145 14.92 -5.81 11.80
N SER A 146 14.63 -5.12 12.89
CA SER A 146 15.62 -4.62 13.83
C SER A 146 15.48 -5.36 15.14
N TYR A 147 16.49 -5.32 15.99
CA TYR A 147 16.44 -6.14 17.20
C TYR A 147 15.24 -5.83 18.11
N GLY A 148 14.44 -6.85 18.39
CA GLY A 148 13.35 -6.74 19.38
C GLY A 148 13.06 -8.05 20.08
N GLU A 149 11.99 -8.05 20.86
CA GLU A 149 11.61 -9.20 21.61
C GLU A 149 10.69 -10.12 20.77
N ASN A 150 11.28 -11.20 20.28
CA ASN A 150 10.53 -12.23 19.60
C ASN A 150 10.40 -13.34 20.63
N VAL A 151 9.25 -13.42 21.29
CA VAL A 151 9.05 -14.43 22.32
C VAL A 151 8.91 -15.85 21.81
N LYS A 152 8.77 -16.02 20.48
CA LYS A 152 8.74 -17.34 19.88
C LYS A 152 10.10 -17.94 19.49
N VAL A 153 11.17 -17.19 19.73
CA VAL A 153 12.49 -17.75 19.81
C VAL A 153 12.74 -17.98 21.27
N THR A 154 13.00 -19.22 21.65
CA THR A 154 13.05 -19.53 23.04
C THR A 154 14.48 -19.71 23.49
N ALA A 155 14.71 -19.59 24.78
CA ALA A 155 16.06 -19.68 25.25
C ALA A 155 16.12 -20.41 26.55
N TYR A 156 17.25 -21.05 26.78
CA TYR A 156 17.39 -22.03 27.89
C TYR A 156 18.68 -21.75 28.64
N ILE A 157 18.68 -22.06 29.92
CA ILE A 157 19.91 -22.06 30.72
C ILE A 157 19.99 -23.49 31.27
N ASP A 158 21.08 -24.20 30.95
CA ASP A 158 21.25 -25.61 31.31
C ASP A 158 20.07 -26.45 30.85
N GLY A 159 19.52 -26.14 29.67
CA GLY A 159 18.41 -26.92 29.21
C GLY A 159 17.06 -26.55 29.79
N VAL A 160 16.97 -25.59 30.70
CA VAL A 160 15.69 -25.18 31.34
C VAL A 160 15.19 -23.92 30.64
N LEU A 161 13.96 -23.93 30.14
CA LEU A 161 13.35 -22.78 29.48
C LEU A 161 13.29 -21.57 30.43
N VAL A 162 13.91 -20.46 30.02
CA VAL A 162 13.90 -19.26 30.75
C VAL A 162 13.41 -18.05 29.98
N TRP A 163 13.31 -18.15 28.68
CA TRP A 163 12.81 -17.06 27.85
C TRP A 163 11.94 -17.66 26.78
N GLY A 164 10.77 -17.09 26.54
CA GLY A 164 10.01 -17.32 25.32
C GLY A 164 8.93 -18.38 25.53
N GLN A 165 8.12 -18.53 24.49
CA GLN A 165 7.08 -19.52 24.41
C GLN A 165 7.42 -20.58 23.37
N GLU A 166 7.60 -21.82 23.81
CA GLU A 166 7.73 -22.94 22.89
C GLU A 166 6.41 -23.19 22.14
N PRO A 167 6.48 -23.75 20.92
CA PRO A 167 5.23 -24.08 20.22
C PRO A 167 4.37 -25.08 21.05
N SER A 168 3.08 -24.81 21.15
CA SER A 168 2.15 -25.64 21.93
C SER A 168 1.92 -27.01 21.29
N THR B 15 0.65 3.76 53.98
CA THR B 15 0.15 2.71 53.03
C THR B 15 -0.12 3.34 51.63
N SER B 16 -1.40 3.64 51.31
CA SER B 16 -1.92 4.15 49.98
C SER B 16 -0.98 4.06 48.76
N GLY B 17 -0.62 5.20 48.14
CA GLY B 17 0.30 5.24 47.00
C GLY B 17 -0.38 5.61 45.68
N GLN B 18 0.44 5.62 44.63
CA GLN B 18 0.00 6.04 43.31
C GLN B 18 0.81 5.30 42.29
N ILE B 19 0.09 4.60 41.41
CA ILE B 19 0.66 3.84 40.30
C ILE B 19 -0.02 4.13 38.96
N LYS B 20 0.75 4.00 37.88
CA LYS B 20 0.21 3.87 36.54
C LYS B 20 0.48 2.43 36.12
N VAL B 21 -0.38 1.92 35.24
CA VAL B 21 -0.09 0.69 34.48
C VAL B 21 0.15 1.07 33.05
N LEU B 22 1.23 0.55 32.48
CA LEU B 22 1.50 0.65 31.06
C LEU B 22 1.21 -0.69 30.43
N TYR B 23 0.79 -0.61 29.18
CA TYR B 23 0.33 -1.70 28.38
C TYR B 23 0.94 -1.74 26.95
N ALA B 24 1.31 -2.95 26.54
CA ALA B 24 1.71 -3.25 25.17
C ALA B 24 0.93 -4.43 24.63
N ASN B 25 0.10 -4.16 23.61
CA ASN B 25 -0.60 -5.17 22.88
C ASN B 25 0.41 -5.90 21.97
N LYS B 26 0.62 -7.18 22.23
CA LYS B 26 1.46 -8.00 21.43
C LYS B 26 0.68 -9.01 20.58
N GLU B 27 -0.58 -8.69 20.26
CA GLU B 27 -1.34 -9.38 19.27
C GLU B 27 -2.30 -8.44 18.56
N THR B 28 -1.95 -8.02 17.36
CA THR B 28 -2.72 -7.05 16.62
C THR B 28 -3.92 -7.64 15.89
N ASN B 29 -3.97 -8.94 15.75
CA ASN B 29 -5.06 -9.63 15.10
C ASN B 29 -6.24 -9.65 16.04
N SER B 30 -7.37 -9.18 15.59
CA SER B 30 -8.57 -9.26 16.37
C SER B 30 -8.92 -10.72 16.67
N THR B 31 -8.77 -11.57 15.68
CA THR B 31 -9.09 -12.98 15.80
C THR B 31 -7.78 -13.64 16.10
N THR B 32 -7.75 -14.32 17.25
CA THR B 32 -6.52 -14.89 17.76
C THR B 32 -6.90 -15.87 18.82
N ASN B 33 -6.08 -16.89 18.99
CA ASN B 33 -6.29 -17.83 20.10
C ASN B 33 -5.56 -17.44 21.40
N THR B 34 -4.82 -16.33 21.35
CA THR B 34 -3.92 -15.99 22.44
C THR B 34 -3.90 -14.50 22.53
N ILE B 35 -4.50 -13.99 23.60
CA ILE B 35 -4.42 -12.58 23.95
C ILE B 35 -3.10 -12.30 24.68
N ARG B 36 -2.53 -11.14 24.37
CA ARG B 36 -1.17 -10.80 24.80
C ARG B 36 -1.10 -9.37 25.32
N PRO B 37 -1.53 -9.14 26.57
CA PRO B 37 -1.53 -7.81 27.14
C PRO B 37 -0.30 -7.65 28.04
N TRP B 38 0.81 -7.22 27.49
CA TRP B 38 1.98 -6.97 28.27
C TRP B 38 1.77 -5.74 29.15
N LEU B 39 2.37 -5.77 30.33
CA LEU B 39 2.14 -4.78 31.32
C LEU B 39 3.40 -4.41 32.07
N LYS B 40 3.28 -3.32 32.80
CA LYS B 40 4.36 -2.80 33.61
C LYS B 40 3.66 -1.94 34.63
N VAL B 41 4.13 -1.98 35.90
CA VAL B 41 3.59 -1.10 36.92
C VAL B 41 4.62 -0.03 37.22
N VAL B 42 4.18 1.23 37.24
CA VAL B 42 5.01 2.41 37.54
C VAL B 42 4.55 3.01 38.87
N ASN B 43 5.46 3.13 39.86
CA ASN B 43 5.17 3.84 41.11
C ASN B 43 5.43 5.31 40.80
N THR B 44 4.37 6.11 40.83
CA THR B 44 4.49 7.52 40.50
C THR B 44 4.34 8.40 41.73
N GLY B 45 4.04 7.81 42.89
CA GLY B 45 3.85 8.59 44.13
C GLY B 45 5.19 8.76 44.85
N SER B 46 5.10 8.92 46.17
CA SER B 46 6.26 9.29 47.00
C SER B 46 6.72 8.19 47.99
N SER B 47 5.93 7.15 48.17
CA SER B 47 6.32 6.05 49.02
C SER B 47 6.42 4.77 48.22
N SER B 48 7.03 3.80 48.83
CA SER B 48 7.19 2.49 48.22
C SER B 48 5.93 1.73 48.33
N ILE B 49 5.75 0.82 47.41
CA ILE B 49 4.60 -0.07 47.43
C ILE B 49 5.10 -1.49 47.24
N ASP B 50 4.67 -2.35 48.17
CA ASP B 50 4.85 -3.75 48.05
C ASP B 50 3.98 -4.15 46.87
N LEU B 51 4.63 -4.69 45.84
CA LEU B 51 3.90 -5.21 44.69
C LEU B 51 2.76 -6.19 45.00
N SER B 52 2.88 -7.03 46.03
CA SER B 52 1.79 -7.94 46.40
C SER B 52 0.52 -7.21 46.76
N ARG B 53 0.60 -5.92 47.05
CA ARG B 53 -0.62 -5.14 47.35
C ARG B 53 -1.40 -4.70 46.08
N VAL B 54 -0.77 -4.86 44.93
CA VAL B 54 -1.22 -4.29 43.67
C VAL B 54 -1.85 -5.39 42.81
N THR B 55 -3.04 -5.12 42.30
CA THR B 55 -3.62 -5.97 41.32
C THR B 55 -3.96 -5.18 40.08
N ILE B 56 -3.96 -5.87 38.93
CA ILE B 56 -4.37 -5.25 37.65
C ILE B 56 -5.42 -6.14 37.05
N ARG B 57 -6.35 -5.52 36.33
CA ARG B 57 -7.39 -6.25 35.67
C ARG B 57 -7.45 -5.91 34.20
N TYR B 58 -7.47 -6.98 33.37
CA TYR B 58 -7.66 -6.87 31.99
C TYR B 58 -9.06 -7.40 31.72
N TRP B 59 -9.90 -6.53 31.16
CA TRP B 59 -11.31 -6.81 31.02
C TRP B 59 -11.63 -7.13 29.57
N TYR B 60 -12.45 -8.17 29.36
CA TYR B 60 -12.66 -8.65 28.03
C TYR B 60 -13.83 -9.61 27.94
N THR B 61 -14.25 -9.94 26.72
CA THR B 61 -15.31 -10.93 26.49
C THR B 61 -14.68 -12.22 26.09
N VAL B 62 -15.04 -13.29 26.78
CA VAL B 62 -14.45 -14.58 26.58
C VAL B 62 -14.80 -15.17 25.21
N ASP B 63 -15.92 -14.73 24.59
CA ASP B 63 -16.31 -15.29 23.29
C ASP B 63 -16.53 -16.84 23.25
N GLY B 64 -17.29 -17.34 24.20
CA GLY B 64 -17.55 -18.81 24.26
C GLY B 64 -16.72 -19.30 25.44
N ASP B 65 -17.36 -19.38 26.59
CA ASP B 65 -16.68 -19.57 27.84
C ASP B 65 -16.05 -20.92 27.80
N ARG B 66 -14.82 -20.97 28.28
CA ARG B 66 -14.06 -22.18 28.41
C ARG B 66 -13.15 -21.97 29.60
N ALA B 67 -12.55 -23.04 30.10
CA ALA B 67 -11.45 -22.90 31.00
C ALA B 67 -10.35 -22.12 30.23
N GLN B 68 -9.55 -21.39 30.97
CA GLN B 68 -8.63 -20.44 30.40
C GLN B 68 -7.37 -20.61 31.20
N SER B 69 -6.29 -20.15 30.62
CA SER B 69 -4.97 -20.29 31.20
C SER B 69 -4.15 -19.08 30.78
N ALA B 70 -3.53 -18.46 31.77
CA ALA B 70 -2.66 -17.31 31.55
C ALA B 70 -1.29 -17.70 32.03
N ILE B 71 -0.27 -17.34 31.24
CA ILE B 71 1.15 -17.64 31.47
C ILE B 71 1.95 -16.35 31.29
N SER B 72 2.82 -16.02 32.24
CA SER B 72 3.86 -15.07 31.95
C SER B 72 5.07 -15.87 31.46
N ASP B 73 5.46 -15.69 30.20
CA ASP B 73 6.69 -16.38 29.71
C ASP B 73 7.99 -15.80 30.27
N TRP B 74 7.91 -14.56 30.70
CA TRP B 74 9.06 -13.77 31.15
C TRP B 74 8.50 -12.50 31.77
N ALA B 75 9.02 -12.16 32.93
CA ALA B 75 8.82 -10.86 33.54
C ALA B 75 10.17 -10.47 34.16
N GLN B 76 10.51 -9.18 34.09
CA GLN B 76 11.73 -8.63 34.72
C GLN B 76 11.78 -8.95 36.20
N ILE B 77 10.61 -8.89 36.86
CA ILE B 77 10.51 -9.30 38.27
C ILE B 77 10.52 -10.81 38.53
N GLY B 78 10.69 -11.62 37.49
CA GLY B 78 10.52 -13.07 37.61
C GLY B 78 9.08 -13.47 37.31
N ALA B 79 8.90 -14.14 36.17
CA ALA B 79 7.61 -14.69 35.78
C ALA B 79 6.95 -15.46 36.95
N SER B 80 7.77 -16.14 37.76
CA SER B 80 7.23 -16.89 38.87
C SER B 80 6.52 -16.02 39.95
N ASN B 81 6.78 -14.72 40.01
CA ASN B 81 6.09 -13.86 40.97
C ASN B 81 4.84 -13.21 40.49
N VAL B 82 4.43 -13.50 39.27
CA VAL B 82 3.18 -13.02 38.72
C VAL B 82 2.08 -14.02 38.96
N THR B 83 1.02 -13.61 39.63
CA THR B 83 -0.14 -14.46 39.84
C THR B 83 -1.28 -14.08 38.87
N PHE B 84 -2.06 -15.07 38.44
CA PHE B 84 -3.20 -14.84 37.53
C PHE B 84 -4.46 -15.41 38.14
N LYS B 85 -5.56 -14.69 38.02
CA LYS B 85 -6.84 -15.22 38.42
C LYS B 85 -7.87 -14.78 37.39
N PHE B 86 -8.59 -15.74 36.83
CA PHE B 86 -9.67 -15.41 35.90
C PHE B 86 -10.96 -15.27 36.67
N VAL B 87 -11.59 -14.11 36.59
CA VAL B 87 -12.86 -13.82 37.27
C VAL B 87 -13.94 -13.59 36.22
N LYS B 88 -14.94 -14.45 36.25
CA LYS B 88 -16.17 -14.28 35.46
C LYS B 88 -17.07 -13.28 36.17
N LEU B 89 -17.48 -12.22 35.47
CA LEU B 89 -18.24 -11.16 36.09
C LEU B 89 -19.65 -11.68 36.44
N SER B 90 -20.09 -11.43 37.66
CA SER B 90 -21.50 -11.72 38.05
C SER B 90 -22.51 -11.20 37.01
N SER B 91 -22.29 -9.98 36.56
CA SER B 91 -23.13 -9.35 35.56
C SER B 91 -22.20 -8.81 34.44
N SER B 92 -22.38 -9.27 33.20
CA SER B 92 -21.59 -8.78 32.05
C SER B 92 -21.98 -7.36 31.71
N VAL B 93 -20.98 -6.60 31.26
CA VAL B 93 -21.11 -5.14 31.06
C VAL B 93 -20.42 -4.80 29.75
N SER B 94 -20.28 -3.50 29.43
CA SER B 94 -19.74 -3.03 28.13
C SER B 94 -18.32 -3.59 27.84
N GLY B 95 -18.22 -4.60 26.99
CA GLY B 95 -16.90 -5.18 26.60
C GLY B 95 -16.25 -6.09 27.64
N ALA B 96 -17.01 -6.51 28.64
CA ALA B 96 -16.51 -7.41 29.65
C ALA B 96 -17.53 -8.38 30.15
N ASP B 97 -17.15 -9.64 30.13
CA ASP B 97 -17.76 -10.68 30.99
C ASP B 97 -16.73 -11.38 31.86
N TYR B 98 -15.45 -11.06 31.66
CA TYR B 98 -14.41 -11.57 32.50
C TYR B 98 -13.39 -10.50 32.71
N TYR B 99 -12.55 -10.71 33.70
CA TYR B 99 -11.29 -10.08 33.73
C TYR B 99 -10.27 -11.04 34.18
N LEU B 100 -9.05 -10.77 33.72
CA LEU B 100 -7.91 -11.48 34.16
C LEU B 100 -7.33 -10.54 35.17
N GLU B 101 -7.08 -11.07 36.35
CA GLU B 101 -6.50 -10.28 37.43
C GLU B 101 -5.09 -10.75 37.58
N ILE B 102 -4.19 -9.80 37.43
CA ILE B 102 -2.78 -10.02 37.57
C ILE B 102 -2.41 -9.44 38.94
N GLY B 103 -1.72 -10.28 39.68
CA GLY B 103 -1.20 -9.98 40.98
C GLY B 103 0.24 -10.36 41.12
N PHE B 104 0.76 -10.16 42.32
CA PHE B 104 2.17 -10.21 42.59
C PHE B 104 2.39 -10.94 43.90
N LYS B 105 3.36 -11.82 43.89
CA LYS B 105 3.72 -12.53 45.11
C LYS B 105 4.68 -11.62 45.87
N SER B 106 4.88 -11.93 47.15
CA SER B 106 5.91 -11.28 48.01
C SER B 106 7.24 -11.16 47.30
N GLY B 107 7.62 -12.23 46.60
CA GLY B 107 8.85 -12.31 45.84
C GLY B 107 9.04 -11.24 44.80
N ALA B 108 7.96 -10.58 44.36
CA ALA B 108 8.08 -9.45 43.45
C ALA B 108 8.71 -8.25 44.12
N GLY B 109 8.63 -8.19 45.44
CA GLY B 109 9.26 -7.16 46.24
C GLY B 109 8.48 -5.85 46.19
N GLN B 110 9.23 -4.76 46.16
CA GLN B 110 8.73 -3.43 46.37
C GLN B 110 8.98 -2.63 45.14
N LEU B 111 8.04 -1.76 44.83
CA LEU B 111 8.24 -0.80 43.79
C LEU B 111 8.57 0.58 44.42
N GLN B 112 9.75 1.09 44.11
CA GLN B 112 10.21 2.37 44.64
C GLN B 112 9.60 3.52 43.91
N PRO B 113 9.50 4.68 44.60
CA PRO B 113 9.06 5.92 43.94
C PRO B 113 9.80 6.19 42.63
N GLY B 114 9.08 6.49 41.55
CA GLY B 114 9.69 6.71 40.22
C GLY B 114 10.17 5.48 39.43
N LYS B 115 10.02 4.29 40.00
CA LYS B 115 10.47 3.05 39.38
C LYS B 115 9.29 2.24 38.81
N ASP B 116 9.63 1.30 37.97
CA ASP B 116 8.64 0.39 37.43
C ASP B 116 9.07 -1.07 37.55
N THR B 117 8.14 -1.96 37.24
CA THR B 117 8.37 -3.41 37.37
C THR B 117 9.22 -3.91 36.22
N GLY B 118 9.37 -3.09 35.19
CA GLY B 118 9.86 -3.57 33.95
C GLY B 118 8.73 -4.46 33.39
N GLU B 119 9.06 -5.12 32.29
CA GLU B 119 8.13 -5.78 31.44
C GLU B 119 7.57 -7.03 32.12
N ILE B 120 6.27 -7.22 31.95
CA ILE B 120 5.60 -8.37 32.46
C ILE B 120 4.94 -8.94 31.24
N GLN B 121 5.49 -10.01 30.68
CA GLN B 121 4.81 -10.63 29.58
C GLN B 121 3.63 -11.43 30.08
N ILE B 122 2.57 -11.40 29.31
CA ILE B 122 1.36 -12.15 29.55
C ILE B 122 0.79 -12.66 28.26
N ARG B 123 0.28 -13.86 28.33
CA ARG B 123 -0.52 -14.37 27.26
C ARG B 123 -1.55 -15.23 27.93
N PHE B 124 -2.69 -15.36 27.25
CA PHE B 124 -3.69 -16.28 27.72
C PHE B 124 -4.57 -16.75 26.61
N ASN B 125 -5.12 -17.94 26.83
CA ASN B 125 -5.84 -18.66 25.81
C ASN B 125 -6.92 -19.46 26.47
N LYS B 126 -7.87 -19.92 25.66
CA LYS B 126 -8.88 -20.84 26.17
C LYS B 126 -8.31 -22.23 26.03
N SER B 127 -8.74 -23.12 26.90
CA SER B 127 -8.11 -24.46 27.03
C SER B 127 -8.17 -25.27 25.72
N ASP B 128 -9.20 -25.00 24.94
CA ASP B 128 -9.38 -25.68 23.68
C ASP B 128 -8.75 -24.87 22.54
N TRP B 129 -7.97 -23.84 22.84
CA TRP B 129 -7.41 -22.97 21.82
C TRP B 129 -8.40 -22.36 20.85
N SER B 130 -9.67 -22.24 21.28
CA SER B 130 -10.70 -21.55 20.51
C SER B 130 -10.39 -20.08 20.38
N ASN B 131 -10.89 -19.47 19.30
CA ASN B 131 -10.56 -18.09 19.00
C ASN B 131 -11.23 -17.16 19.96
N TYR B 132 -10.52 -16.07 20.23
CA TYR B 132 -11.09 -14.93 20.83
C TYR B 132 -11.39 -13.97 19.70
N ASN B 133 -12.21 -13.01 20.04
CA ASN B 133 -12.42 -11.82 19.27
C ASN B 133 -11.96 -10.68 20.19
N GLN B 134 -10.90 -9.97 19.85
CA GLN B 134 -10.40 -8.89 20.73
C GLN B 134 -11.09 -7.56 20.56
N GLY B 135 -11.67 -7.32 19.38
CA GLY B 135 -12.37 -6.08 19.09
C GLY B 135 -13.55 -5.81 20.00
N ASN B 136 -14.10 -6.83 20.64
CA ASN B 136 -15.20 -6.61 21.60
C ASN B 136 -14.73 -6.69 23.10
N ASP B 137 -13.44 -6.43 23.30
CA ASP B 137 -12.82 -6.49 24.63
C ASP B 137 -12.60 -5.10 25.15
N TRP B 138 -13.17 -4.77 26.30
CA TRP B 138 -12.99 -3.45 26.92
C TRP B 138 -11.53 -2.98 26.93
N SER B 139 -10.65 -3.87 27.39
CA SER B 139 -9.25 -3.54 27.64
C SER B 139 -8.31 -3.59 26.43
N TRP B 140 -8.74 -4.11 25.30
CA TRP B 140 -7.84 -4.22 24.14
C TRP B 140 -7.53 -2.88 23.51
N LEU B 141 -6.27 -2.60 23.21
CA LEU B 141 -5.98 -1.38 22.50
C LEU B 141 -5.02 -1.80 21.41
N GLN B 142 -5.64 -2.07 20.25
CA GLN B 142 -5.02 -2.76 19.16
C GLN B 142 -3.74 -2.09 18.76
N SER B 143 -3.80 -0.77 18.67
CA SER B 143 -2.70 0.07 18.20
C SER B 143 -1.61 0.36 19.23
N MET B 144 -1.84 0.10 20.51
CA MET B 144 -0.78 0.36 21.47
C MET B 144 0.10 -0.90 21.55
N THR B 145 0.99 -1.01 20.58
CA THR B 145 1.89 -2.17 20.44
C THR B 145 3.16 -1.96 21.26
N SER B 146 3.46 -0.71 21.59
CA SER B 146 4.55 -0.36 22.50
C SER B 146 3.92 0.21 23.74
N TYR B 147 4.62 0.12 24.86
CA TYR B 147 4.09 0.46 26.12
C TYR B 147 3.53 1.87 26.16
N GLY B 148 2.25 1.99 26.48
CA GLY B 148 1.59 3.30 26.66
C GLY B 148 0.51 3.21 27.74
N GLU B 149 -0.27 4.26 27.85
CA GLU B 149 -1.28 4.31 28.90
C GLU B 149 -2.59 3.83 28.35
N ASN B 150 -2.92 2.60 28.72
CA ASN B 150 -4.17 2.02 28.34
C ASN B 150 -5.04 2.16 29.58
N VAL B 151 -5.88 3.17 29.60
CA VAL B 151 -6.64 3.45 30.85
C VAL B 151 -7.73 2.44 31.10
N LYS B 152 -8.00 1.58 30.12
CA LYS B 152 -8.97 0.49 30.25
C LYS B 152 -8.40 -0.79 30.78
N VAL B 153 -7.10 -0.81 31.07
CA VAL B 153 -6.52 -1.77 32.01
C VAL B 153 -6.46 -1.18 33.43
N THR B 154 -7.23 -1.73 34.36
CA THR B 154 -7.40 -1.10 35.65
C THR B 154 -6.43 -1.65 36.69
N ALA B 155 -6.08 -0.81 37.65
CA ALA B 155 -5.20 -1.25 38.74
C ALA B 155 -5.70 -0.83 40.10
N TYR B 156 -5.25 -1.57 41.11
CA TYR B 156 -5.82 -1.51 42.47
C TYR B 156 -4.68 -1.64 43.46
N ILE B 157 -4.84 -0.98 44.60
CA ILE B 157 -3.91 -1.10 45.75
C ILE B 157 -4.81 -1.56 46.86
N ASP B 158 -4.51 -2.73 47.40
CA ASP B 158 -5.36 -3.38 48.40
C ASP B 158 -6.79 -3.48 47.92
N GLY B 159 -7.02 -3.76 46.65
CA GLY B 159 -8.39 -3.84 46.17
C GLY B 159 -9.13 -2.54 45.89
N VAL B 160 -8.50 -1.39 46.11
CA VAL B 160 -9.12 -0.09 45.82
C VAL B 160 -8.63 0.38 44.47
N LEU B 161 -9.55 0.73 43.57
CA LEU B 161 -9.18 1.25 42.26
C LEU B 161 -8.40 2.54 42.36
N VAL B 162 -7.21 2.57 41.74
CA VAL B 162 -6.29 3.72 41.72
C VAL B 162 -5.82 4.10 40.32
N TRP B 163 -6.03 3.23 39.33
CA TRP B 163 -5.72 3.54 37.96
C TRP B 163 -6.76 2.95 37.02
N GLY B 164 -7.08 3.71 35.97
CA GLY B 164 -7.94 3.25 34.95
C GLY B 164 -9.45 3.45 35.13
N GLN B 165 -10.13 3.16 34.05
CA GLN B 165 -11.57 3.18 33.98
C GLN B 165 -12.06 1.73 33.92
N GLU B 166 -12.88 1.31 34.90
CA GLU B 166 -13.56 0.00 34.80
C GLU B 166 -14.67 0.06 33.77
N PRO B 167 -15.09 -1.11 33.22
CA PRO B 167 -16.18 -1.06 32.24
C PRO B 167 -17.52 -0.64 32.88
N SER B 168 -18.55 -0.35 32.08
CA SER B 168 -19.93 -0.19 32.64
C SER B 168 -21.00 -0.45 31.58
N SER C 16 0.95 38.81 37.37
CA SER C 16 0.98 37.51 38.13
C SER C 16 0.35 36.36 37.33
N GLY C 17 1.20 35.53 36.72
CA GLY C 17 0.81 34.24 36.15
C GLY C 17 1.00 34.11 34.64
N GLN C 18 1.85 33.17 34.21
CA GLN C 18 1.91 32.76 32.83
C GLN C 18 1.78 31.24 32.74
N ILE C 19 0.78 30.73 32.03
CA ILE C 19 0.65 29.28 31.86
C ILE C 19 0.39 28.94 30.43
N LYS C 20 0.65 27.69 30.17
CA LYS C 20 0.24 27.08 28.95
C LYS C 20 -0.53 25.82 29.34
N VAL C 21 -1.57 25.50 28.56
CA VAL C 21 -2.27 24.23 28.71
C VAL C 21 -1.87 23.33 27.55
N LEU C 22 -1.46 22.12 27.85
CA LEU C 22 -1.25 21.09 26.84
C LEU C 22 -2.45 20.16 26.86
N TYR C 23 -2.76 19.64 25.68
CA TYR C 23 -3.91 18.79 25.40
C TYR C 23 -3.53 17.53 24.66
N ALA C 24 -4.15 16.43 25.04
CA ALA C 24 -4.02 15.22 24.28
C ALA C 24 -5.41 14.62 24.15
N ASN C 25 -5.87 14.49 22.92
CA ASN C 25 -7.12 13.86 22.56
C ASN C 25 -6.99 12.33 22.62
N LYS C 26 -7.71 11.71 23.53
CA LYS C 26 -7.71 10.28 23.68
C LYS C 26 -9.01 9.64 23.16
N GLU C 27 -9.73 10.33 22.28
CA GLU C 27 -10.83 9.75 21.53
C GLU C 27 -10.87 10.37 20.10
N THR C 28 -10.33 9.64 19.14
CA THR C 28 -10.32 10.06 17.73
C THR C 28 -11.64 9.97 16.97
N ASN C 29 -12.55 9.14 17.47
CA ASN C 29 -13.83 8.99 16.80
C ASN C 29 -14.59 10.29 16.95
N SER C 30 -14.96 10.87 15.82
CA SER C 30 -15.85 11.98 15.84
C SER C 30 -17.13 11.69 16.58
N THR C 31 -17.59 10.45 16.54
CA THR C 31 -18.82 10.08 17.23
C THR C 31 -18.37 9.28 18.41
N THR C 32 -18.81 9.63 19.64
CA THR C 32 -18.40 8.88 20.84
C THR C 32 -19.33 9.25 21.98
N ASN C 33 -19.46 8.36 22.95
CA ASN C 33 -20.26 8.64 24.18
C ASN C 33 -19.39 9.26 25.28
N THR C 34 -18.08 9.28 25.03
CA THR C 34 -17.08 9.75 25.98
C THR C 34 -16.01 10.62 25.32
N ILE C 35 -16.09 11.92 25.60
CA ILE C 35 -15.05 12.87 25.23
C ILE C 35 -13.88 12.73 26.22
N ARG C 36 -12.66 12.75 25.68
CA ARG C 36 -11.44 12.51 26.47
C ARG C 36 -10.37 13.59 26.17
N PRO C 37 -10.54 14.78 26.77
CA PRO C 37 -9.60 15.86 26.57
C PRO C 37 -8.59 15.85 27.74
N TRP C 38 -7.47 15.18 27.56
CA TRP C 38 -6.48 15.09 28.63
C TRP C 38 -5.69 16.39 28.61
N LEU C 39 -5.32 16.87 29.78
CA LEU C 39 -4.69 18.17 29.94
C LEU C 39 -3.50 18.19 30.85
N LYS C 40 -2.66 19.17 30.63
CA LYS C 40 -1.55 19.45 31.50
C LYS C 40 -1.49 20.94 31.59
N VAL C 41 -1.14 21.45 32.78
CA VAL C 41 -0.84 22.87 32.90
C VAL C 41 0.66 23.05 33.05
N VAL C 42 1.22 24.00 32.31
CA VAL C 42 2.65 24.27 32.40
C VAL C 42 2.83 25.67 32.93
N ASN C 43 3.64 25.85 33.97
CA ASN C 43 3.89 27.21 34.46
C ASN C 43 5.10 27.71 33.67
N THR C 44 4.85 28.64 32.75
CA THR C 44 5.90 29.18 31.86
C THR C 44 6.49 30.49 32.35
N GLY C 45 5.90 31.13 33.35
CA GLY C 45 6.37 32.42 33.80
C GLY C 45 7.44 32.26 34.87
N SER C 46 7.67 33.36 35.59
CA SER C 46 8.77 33.43 36.54
C SER C 46 8.31 33.19 38.01
N SER C 47 7.00 33.17 38.26
CA SER C 47 6.49 32.98 39.64
C SER C 47 5.67 31.72 39.83
N SER C 48 5.54 31.29 41.09
CA SER C 48 4.68 30.17 41.44
C SER C 48 3.25 30.54 41.30
N ILE C 49 2.43 29.56 40.93
CA ILE C 49 0.97 29.73 40.87
C ILE C 49 0.35 28.58 41.64
N ASP C 50 -0.57 28.90 42.53
CA ASP C 50 -1.35 27.92 43.23
C ASP C 50 -2.33 27.42 42.16
N LEU C 51 -2.38 26.11 42.01
CA LEU C 51 -3.25 25.52 40.99
C LEU C 51 -4.73 25.90 41.17
N SER C 52 -5.15 26.18 42.42
CA SER C 52 -6.54 26.61 42.69
C SER C 52 -6.95 27.87 41.95
N ARG C 53 -5.99 28.72 41.63
CA ARG C 53 -6.25 29.95 40.89
C ARG C 53 -6.54 29.70 39.43
N VAL C 54 -6.15 28.51 38.93
CA VAL C 54 -6.26 28.11 37.55
C VAL C 54 -7.55 27.36 37.18
N THR C 55 -8.18 27.84 36.12
CA THR C 55 -9.26 27.12 35.47
C THR C 55 -8.94 26.90 33.99
N ILE C 56 -9.48 25.80 33.44
CA ILE C 56 -9.36 25.44 32.02
C ILE C 56 -10.77 25.17 31.49
N ARG C 57 -11.06 25.66 30.30
CA ARG C 57 -12.30 25.38 29.60
C ARG C 57 -12.14 24.62 28.27
N TYR C 58 -12.87 23.51 28.18
CA TYR C 58 -13.05 22.75 27.00
C TYR C 58 -14.46 23.08 26.45
N TRP C 59 -14.45 23.73 25.29
CA TRP C 59 -15.63 24.29 24.63
C TRP C 59 -16.11 23.30 23.60
N TYR C 60 -17.42 23.06 23.63
CA TYR C 60 -18.03 22.08 22.76
C TYR C 60 -19.56 22.25 22.72
N THR C 61 -20.16 21.44 21.86
CA THR C 61 -21.62 21.38 21.65
C THR C 61 -22.08 20.05 22.22
N VAL C 62 -23.07 20.12 23.11
CA VAL C 62 -23.54 18.95 23.84
C VAL C 62 -24.24 17.94 22.93
N ASP C 63 -24.85 18.43 21.84
CA ASP C 63 -25.52 17.56 20.83
C ASP C 63 -26.68 16.80 21.48
N GLY C 64 -27.66 17.56 21.95
CA GLY C 64 -28.81 17.05 22.70
C GLY C 64 -28.56 17.17 24.18
N ASP C 65 -29.01 18.26 24.78
CA ASP C 65 -28.65 18.56 26.15
C ASP C 65 -29.08 17.41 27.10
N ARG C 66 -28.13 16.97 27.92
CA ARG C 66 -28.36 16.01 28.99
C ARG C 66 -27.54 16.41 30.19
N ALA C 67 -27.89 15.83 31.33
CA ALA C 67 -27.02 15.86 32.47
C ALA C 67 -25.69 15.20 32.01
N GLN C 68 -24.58 15.64 32.60
CA GLN C 68 -23.26 15.21 32.18
C GLN C 68 -22.42 14.92 33.38
N SER C 69 -21.47 14.06 33.16
CA SER C 69 -20.58 13.66 34.20
C SER C 69 -19.19 13.76 33.66
N ALA C 70 -18.28 14.40 34.42
CA ALA C 70 -16.84 14.34 34.12
C ALA C 70 -16.08 13.60 35.23
N ILE C 71 -15.09 12.80 34.83
CA ILE C 71 -14.29 12.04 35.74
C ILE C 71 -12.83 12.12 35.33
N SER C 72 -11.95 12.29 36.33
CA SER C 72 -10.54 12.06 36.14
C SER C 72 -10.20 10.71 36.74
N ASP C 73 -9.80 9.75 35.88
CA ASP C 73 -9.51 8.41 36.34
C ASP C 73 -8.15 8.35 37.04
N TRP C 74 -7.30 9.33 36.73
CA TRP C 74 -5.94 9.38 37.19
C TRP C 74 -5.40 10.78 36.81
N ALA C 75 -4.69 11.35 37.76
CA ALA C 75 -3.94 12.59 37.56
C ALA C 75 -2.70 12.53 38.45
N GLN C 76 -1.58 13.03 37.94
CA GLN C 76 -0.30 13.05 38.69
C GLN C 76 -0.50 13.83 40.00
N ILE C 77 -1.21 14.97 39.92
CA ILE C 77 -1.53 15.76 41.11
C ILE C 77 -2.56 15.11 42.04
N GLY C 78 -3.06 13.93 41.66
CA GLY C 78 -4.17 13.29 42.37
C GLY C 78 -5.50 13.61 41.71
N ALA C 79 -6.17 12.60 41.13
CA ALA C 79 -7.50 12.79 40.51
C ALA C 79 -8.45 13.53 41.45
N SER C 80 -8.36 13.26 42.74
CA SER C 80 -9.28 13.86 43.69
C SER C 80 -9.09 15.39 43.87
N ASN C 81 -7.96 15.94 43.42
CA ASN C 81 -7.76 17.40 43.41
C ASN C 81 -8.25 18.13 42.18
N VAL C 82 -8.88 17.42 41.25
CA VAL C 82 -9.36 18.00 40.01
C VAL C 82 -10.84 18.20 40.17
N THR C 83 -11.32 19.40 39.89
CA THR C 83 -12.74 19.69 39.93
C THR C 83 -13.24 19.88 38.53
N PHE C 84 -14.53 19.61 38.36
CA PHE C 84 -15.22 19.73 37.09
C PHE C 84 -16.51 20.49 37.29
N LYS C 85 -16.86 21.30 36.31
CA LYS C 85 -18.07 22.09 36.39
C LYS C 85 -18.53 22.33 35.00
N PHE C 86 -19.71 21.82 34.68
CA PHE C 86 -20.28 22.01 33.36
C PHE C 86 -20.98 23.35 33.32
N VAL C 87 -20.73 24.15 32.30
CA VAL C 87 -21.40 25.41 32.17
C VAL C 87 -22.10 25.43 30.82
N LYS C 88 -23.42 25.48 30.85
CA LYS C 88 -24.20 25.73 29.63
C LYS C 88 -24.10 27.22 29.36
N LEU C 89 -23.68 27.62 28.17
CA LEU C 89 -23.52 29.05 27.85
C LEU C 89 -24.91 29.70 27.74
N SER C 90 -25.01 30.94 28.20
CA SER C 90 -26.27 31.66 28.08
C SER C 90 -26.60 31.90 26.59
N SER C 91 -25.59 32.23 25.78
CA SER C 91 -25.70 32.26 24.31
C SER C 91 -24.79 31.24 23.67
N SER C 92 -25.33 30.38 22.81
CA SER C 92 -24.46 29.50 22.01
C SER C 92 -23.58 30.34 21.03
N VAL C 93 -22.45 29.77 20.60
CA VAL C 93 -21.47 30.47 19.75
C VAL C 93 -20.88 29.43 18.75
N SER C 94 -19.81 29.78 18.04
CA SER C 94 -19.21 28.87 17.03
C SER C 94 -18.58 27.63 17.66
N GLY C 95 -19.19 26.46 17.50
CA GLY C 95 -18.72 25.20 18.16
C GLY C 95 -18.81 25.09 19.68
N ALA C 96 -19.67 25.91 20.31
CA ALA C 96 -19.88 25.85 21.73
C ALA C 96 -21.28 26.25 22.19
N ASP C 97 -21.95 25.31 22.86
CA ASP C 97 -23.08 25.65 23.74
C ASP C 97 -22.83 25.35 25.21
N TYR C 98 -21.65 24.80 25.46
CA TYR C 98 -21.22 24.38 26.80
C TYR C 98 -19.71 24.56 26.91
N TYR C 99 -19.23 24.65 28.13
CA TYR C 99 -17.88 24.25 28.39
C TYR C 99 -17.80 23.45 29.62
N LEU C 100 -16.80 22.57 29.64
CA LEU C 100 -16.41 21.88 30.83
C LEU C 100 -15.31 22.75 31.41
N GLU C 101 -15.48 23.19 32.68
CA GLU C 101 -14.42 23.89 33.37
C GLU C 101 -13.71 22.95 34.33
N ILE C 102 -12.39 22.91 34.22
CA ILE C 102 -11.55 22.09 35.05
C ILE C 102 -10.92 23.08 35.97
N GLY C 103 -11.00 22.77 37.27
CA GLY C 103 -10.34 23.53 38.34
C GLY C 103 -9.56 22.62 39.26
N PHE C 104 -8.92 23.23 40.23
CA PHE C 104 -8.06 22.50 41.15
C PHE C 104 -8.34 22.87 42.59
N LYS C 105 -8.31 21.86 43.45
CA LYS C 105 -8.39 22.08 44.89
C LYS C 105 -7.07 22.62 45.42
N SER C 106 -7.14 23.15 46.63
CA SER C 106 -5.92 23.49 47.35
C SER C 106 -4.87 22.33 47.36
N GLY C 107 -5.32 21.08 47.50
CA GLY C 107 -4.42 19.93 47.57
C GLY C 107 -3.60 19.63 46.31
N ALA C 108 -4.01 20.20 45.17
CA ALA C 108 -3.21 20.14 43.95
C ALA C 108 -1.91 20.88 44.09
N GLY C 109 -1.87 21.81 45.02
CA GLY C 109 -0.63 22.49 45.40
C GLY C 109 -0.26 23.60 44.42
N GLN C 110 1.05 23.84 44.35
CA GLN C 110 1.66 24.92 43.58
C GLN C 110 2.32 24.37 42.35
N LEU C 111 2.32 25.22 41.32
CA LEU C 111 3.07 24.93 40.13
C LEU C 111 4.30 25.84 40.13
N GLN C 112 5.49 25.27 40.28
CA GLN C 112 6.75 26.01 40.22
C GLN C 112 7.04 26.46 38.78
N PRO C 113 7.70 27.61 38.63
CA PRO C 113 8.21 28.03 37.33
C PRO C 113 8.88 26.89 36.54
N GLY C 114 8.57 26.78 35.24
CA GLY C 114 9.07 25.69 34.38
C GLY C 114 8.46 24.28 34.62
N LYS C 115 7.60 24.12 35.62
CA LYS C 115 7.08 22.82 35.96
C LYS C 115 5.70 22.70 35.40
N ASP C 116 5.23 21.46 35.36
CA ASP C 116 3.87 21.16 34.90
C ASP C 116 3.17 20.18 35.84
N THR C 117 1.86 20.12 35.72
CA THR C 117 1.02 19.29 36.58
C THR C 117 1.26 17.82 36.36
N GLY C 118 1.95 17.49 35.27
CA GLY C 118 1.82 16.24 34.68
C GLY C 118 0.39 16.01 34.18
N GLU C 119 0.15 14.76 33.81
CA GLU C 119 -1.02 14.34 33.11
C GLU C 119 -2.27 14.50 33.99
N ILE C 120 -3.34 15.03 33.42
CA ILE C 120 -4.65 15.06 34.03
C ILE C 120 -5.60 14.35 33.05
N GLN C 121 -6.00 13.13 33.36
CA GLN C 121 -6.92 12.41 32.51
C GLN C 121 -8.28 12.96 32.77
N ILE C 122 -9.03 13.16 31.69
CA ILE C 122 -10.40 13.62 31.78
C ILE C 122 -11.18 12.76 30.83
N ARG C 123 -12.38 12.41 31.27
CA ARG C 123 -13.37 11.88 30.37
C ARG C 123 -14.69 12.48 30.80
N PHE C 124 -15.58 12.74 29.83
CA PHE C 124 -16.93 13.08 30.19
C PHE C 124 -17.94 12.54 29.22
N ASN C 125 -19.16 12.40 29.73
CA ASN C 125 -20.26 11.73 29.06
C ASN C 125 -21.55 12.31 29.54
N LYS C 126 -22.57 12.11 28.73
CA LYS C 126 -23.92 12.42 29.09
C LYS C 126 -24.47 11.25 29.88
N SER C 127 -25.41 11.55 30.77
N SER C 127 -25.41 11.52 30.78
CA SER C 127 -25.95 10.61 31.75
CA SER C 127 -25.84 10.53 31.76
C SER C 127 -26.59 9.35 31.14
C SER C 127 -26.64 9.35 31.18
N ASP C 128 -27.25 9.52 30.01
CA ASP C 128 -27.78 8.39 29.24
C ASP C 128 -26.76 7.81 28.20
N TRP C 129 -25.48 8.14 28.27
CA TRP C 129 -24.49 7.62 27.33
C TRP C 129 -24.79 7.83 25.84
N SER C 130 -25.56 8.86 25.53
CA SER C 130 -25.84 9.18 24.15
C SER C 130 -24.58 9.77 23.55
N ASN C 131 -24.48 9.60 22.23
CA ASN C 131 -23.29 9.91 21.48
C ASN C 131 -23.14 11.40 21.43
N TYR C 132 -21.89 11.85 21.43
CA TYR C 132 -21.55 13.20 21.03
C TYR C 132 -21.03 13.11 19.60
N ASN C 133 -20.99 14.28 18.98
CA ASN C 133 -20.29 14.57 17.73
C ASN C 133 -19.16 15.57 18.04
N GLN C 134 -17.93 15.08 17.92
CA GLN C 134 -16.76 15.85 18.34
C GLN C 134 -16.39 16.85 17.24
N GLY C 135 -16.78 16.55 16.00
CA GLY C 135 -16.48 17.41 14.85
C GLY C 135 -17.01 18.82 14.89
N ASN C 136 -18.02 19.11 15.69
CA ASN C 136 -18.50 20.55 15.83
C ASN C 136 -18.20 21.15 17.19
N ASP C 137 -17.12 20.65 17.83
CA ASP C 137 -16.68 21.15 19.14
C ASP C 137 -15.50 22.06 18.87
N TRP C 138 -15.62 23.31 19.32
CA TRP C 138 -14.58 24.31 19.23
C TRP C 138 -13.25 23.72 19.72
N SER C 139 -13.24 23.13 20.91
CA SER C 139 -11.97 22.67 21.52
C SER C 139 -11.39 21.37 21.00
N TRP C 140 -12.13 20.59 20.19
CA TRP C 140 -11.64 19.27 19.79
C TRP C 140 -10.49 19.41 18.80
N LEU C 141 -9.45 18.63 19.00
CA LEU C 141 -8.35 18.61 18.04
C LEU C 141 -8.08 17.17 17.82
N GLN C 142 -8.73 16.61 16.82
CA GLN C 142 -8.75 15.17 16.56
C GLN C 142 -7.39 14.52 16.53
N SER C 143 -6.48 15.14 15.75
CA SER C 143 -5.15 14.65 15.49
C SER C 143 -4.12 14.93 16.58
N MET C 144 -4.44 15.75 17.59
CA MET C 144 -3.44 15.95 18.65
C MET C 144 -3.64 14.89 19.70
N THR C 145 -3.15 13.68 19.44
CA THR C 145 -3.40 12.52 20.30
C THR C 145 -2.31 12.38 21.36
N SER C 146 -1.19 13.08 21.20
CA SER C 146 -0.19 13.22 22.26
C SER C 146 -0.10 14.69 22.60
N TYR C 147 0.40 14.98 23.79
CA TYR C 147 0.25 16.31 24.35
C TYR C 147 0.81 17.38 23.40
N GLY C 148 -0.02 18.37 23.07
CA GLY C 148 0.45 19.54 22.30
C GLY C 148 -0.29 20.80 22.66
N GLU C 149 -0.10 21.81 21.85
CA GLU C 149 -0.76 23.07 22.06
C GLU C 149 -2.04 23.13 21.26
N ASN C 150 -3.14 22.83 21.94
CA ASN C 150 -4.47 23.07 21.46
C ASN C 150 -4.91 24.45 21.99
N VAL C 151 -4.84 25.46 21.13
CA VAL C 151 -5.16 26.81 21.57
C VAL C 151 -6.65 27.06 21.75
N LYS C 152 -7.47 26.11 21.35
CA LYS C 152 -8.90 26.22 21.52
C LYS C 152 -9.42 25.66 22.85
N VAL C 153 -8.51 25.11 23.64
CA VAL C 153 -8.70 24.87 25.06
C VAL C 153 -8.19 26.13 25.73
N THR C 154 -9.05 26.85 26.46
CA THR C 154 -8.62 28.12 27.09
C THR C 154 -8.32 27.95 28.58
N ALA C 155 -7.52 28.84 29.09
CA ALA C 155 -7.13 28.74 30.46
C ALA C 155 -7.10 30.11 31.11
N TYR C 156 -7.30 30.12 32.41
CA TYR C 156 -7.58 31.34 33.19
C TYR C 156 -6.86 31.31 34.52
N ILE C 157 -6.36 32.48 34.95
CA ILE C 157 -5.80 32.67 36.31
C ILE C 157 -6.74 33.68 36.98
N ASP C 158 -7.32 33.29 38.12
CA ASP C 158 -8.35 34.10 38.80
C ASP C 158 -9.44 34.55 37.81
N GLY C 159 -9.81 33.64 36.90
CA GLY C 159 -10.87 33.92 35.89
C GLY C 159 -10.49 34.83 34.73
N VAL C 160 -9.24 35.28 34.66
CA VAL C 160 -8.77 36.10 33.52
C VAL C 160 -8.14 35.16 32.51
N LEU C 161 -8.59 35.27 31.25
CA LEU C 161 -8.05 34.48 30.13
C LEU C 161 -6.61 34.76 29.99
N VAL C 162 -5.79 33.71 30.03
CA VAL C 162 -4.34 33.79 29.90
C VAL C 162 -3.75 32.90 28.83
N TRP C 163 -4.51 31.94 28.33
CA TRP C 163 -4.10 31.04 27.29
C TRP C 163 -5.28 30.73 26.38
N GLY C 164 -5.01 30.66 25.08
CA GLY C 164 -5.95 30.16 24.12
C GLY C 164 -6.94 31.22 23.58
N GLN C 165 -7.81 30.75 22.72
CA GLN C 165 -8.76 31.59 21.97
C GLN C 165 -10.11 31.01 22.33
N GLU C 166 -10.93 31.83 22.98
CA GLU C 166 -12.29 31.48 23.25
C GLU C 166 -13.10 31.49 21.95
N PRO C 167 -14.20 30.74 21.92
CA PRO C 167 -15.00 30.68 20.69
C PRO C 167 -15.51 32.08 20.30
N SER C 168 -15.55 32.35 18.99
CA SER C 168 -16.03 33.65 18.46
C SER C 168 -17.56 33.73 18.49
N SER D 16 25.24 45.66 12.45
CA SER D 16 25.30 44.50 13.40
C SER D 16 23.91 44.11 13.89
N GLY D 17 23.83 42.85 14.32
CA GLY D 17 22.58 42.19 14.64
C GLY D 17 22.31 41.07 13.63
N GLN D 18 22.18 39.83 14.08
CA GLN D 18 21.81 38.76 13.17
C GLN D 18 20.66 37.96 13.77
N ILE D 19 19.61 37.75 12.99
CA ILE D 19 18.46 36.95 13.40
C ILE D 19 17.96 36.04 12.32
N LYS D 20 17.36 34.94 12.77
CA LYS D 20 16.47 34.13 11.94
C LYS D 20 15.08 34.32 12.46
N VAL D 21 14.10 34.14 11.57
CA VAL D 21 12.71 33.97 11.99
C VAL D 21 12.36 32.51 11.69
N LEU D 22 11.79 31.85 12.69
CA LEU D 22 11.16 30.59 12.51
C LEU D 22 9.68 30.75 12.44
N TYR D 23 9.05 29.81 11.76
CA TYR D 23 7.66 29.88 11.39
C TYR D 23 7.02 28.52 11.48
N ALA D 24 5.83 28.49 12.04
CA ALA D 24 4.99 27.34 11.99
C ALA D 24 3.65 27.80 11.54
N ASN D 25 3.17 27.18 10.47
CA ASN D 25 1.85 27.43 9.93
C ASN D 25 0.88 26.62 10.76
N LYS D 26 -0.09 27.28 11.36
CA LYS D 26 -1.07 26.53 12.13
C LYS D 26 -2.45 26.51 11.47
N GLU D 27 -2.54 26.83 10.19
CA GLU D 27 -3.75 26.65 9.42
C GLU D 27 -3.33 26.13 8.08
N THR D 28 -3.60 24.84 7.86
CA THR D 28 -3.18 24.13 6.68
C THR D 28 -4.23 24.26 5.61
N ASN D 29 -5.43 24.77 5.93
CA ASN D 29 -6.46 24.96 4.90
C ASN D 29 -6.18 26.24 4.13
N SER D 30 -6.07 26.08 2.83
CA SER D 30 -5.88 27.20 1.93
C SER D 30 -6.99 28.24 2.09
N THR D 31 -8.23 27.76 2.23
CA THR D 31 -9.41 28.59 2.49
C THR D 31 -9.66 28.54 3.99
N THR D 32 -9.57 29.73 4.56
CA THR D 32 -9.74 29.93 5.99
C THR D 32 -10.12 31.40 6.25
N ASN D 33 -10.86 31.59 7.32
CA ASN D 33 -11.08 32.94 7.82
C ASN D 33 -9.97 33.45 8.72
N THR D 34 -9.01 32.58 9.04
CA THR D 34 -7.97 32.86 10.06
C THR D 34 -6.59 32.34 9.65
N ILE D 35 -5.74 33.27 9.25
CA ILE D 35 -4.34 32.96 8.98
C ILE D 35 -3.60 32.82 10.33
N ARG D 36 -2.72 31.82 10.46
CA ARG D 36 -2.08 31.51 11.72
C ARG D 36 -0.61 31.29 11.48
N PRO D 37 0.13 32.38 11.36
CA PRO D 37 1.57 32.30 11.18
C PRO D 37 2.32 32.42 12.49
N TRP D 38 2.58 31.31 13.17
CA TRP D 38 3.25 31.37 14.43
C TRP D 38 4.73 31.59 14.17
N LEU D 39 5.35 32.36 15.04
CA LEU D 39 6.69 32.84 14.81
C LEU D 39 7.56 32.77 16.04
N LYS D 40 8.85 32.87 15.76
CA LYS D 40 9.91 32.88 16.74
C LYS D 40 11.01 33.72 16.16
N VAL D 41 11.67 34.49 17.01
CA VAL D 41 12.88 35.19 16.57
C VAL D 41 14.04 34.54 17.30
N VAL D 42 15.08 34.23 16.56
CA VAL D 42 16.26 33.59 17.11
C VAL D 42 17.35 34.59 16.88
N ASN D 43 18.16 34.86 17.91
CA ASN D 43 19.33 35.72 17.74
C ASN D 43 20.49 34.74 17.50
N THR D 44 21.05 34.80 16.30
CA THR D 44 22.14 33.91 15.88
C THR D 44 23.49 34.66 15.78
N GLY D 45 23.50 35.94 16.11
CA GLY D 45 24.70 36.73 16.05
C GLY D 45 25.49 36.63 17.35
N SER D 46 26.41 37.58 17.45
CA SER D 46 27.31 37.73 18.59
C SER D 46 26.81 38.80 19.60
N SER D 47 25.82 39.57 19.22
CA SER D 47 25.43 40.77 19.96
C SER D 47 24.02 40.60 20.51
N SER D 48 23.70 41.26 21.62
CA SER D 48 22.31 41.35 22.10
C SER D 48 21.45 42.23 21.20
N ILE D 49 20.20 41.88 21.04
CA ILE D 49 19.28 42.66 20.25
C ILE D 49 18.05 42.95 21.09
N ASP D 50 17.76 44.23 21.25
CA ASP D 50 16.50 44.68 21.85
C ASP D 50 15.35 44.30 20.88
N LEU D 51 14.45 43.44 21.34
CA LEU D 51 13.37 42.97 20.47
C LEU D 51 12.58 44.13 19.90
N SER D 52 12.53 45.26 20.62
CA SER D 52 11.85 46.43 20.07
C SER D 52 12.40 46.87 18.72
N ARG D 53 13.64 46.50 18.41
CA ARG D 53 14.31 46.84 17.15
C ARG D 53 13.92 45.98 15.95
N VAL D 54 13.30 44.83 16.23
CA VAL D 54 13.00 43.84 15.26
C VAL D 54 11.57 43.97 14.76
N THR D 55 11.40 43.97 13.46
CA THR D 55 10.07 43.72 12.91
C THR D 55 10.11 42.49 11.97
N ILE D 56 8.94 41.89 11.79
CA ILE D 56 8.73 40.75 10.96
C ILE D 56 7.53 41.09 10.09
N ARG D 57 7.65 40.73 8.80
CA ARG D 57 6.54 40.88 7.84
C ARG D 57 6.07 39.55 7.25
N TYR D 58 4.76 39.37 7.33
CA TYR D 58 4.10 38.29 6.70
C TYR D 58 3.34 38.89 5.52
N TRP D 59 3.76 38.51 4.31
CA TRP D 59 3.29 39.03 3.02
C TRP D 59 2.23 38.13 2.44
N TYR D 60 1.18 38.74 1.92
CA TYR D 60 0.03 38.00 1.53
C TYR D 60 -0.93 38.88 0.72
N THR D 61 -1.91 38.21 0.16
CA THR D 61 -2.98 38.82 -0.62
C THR D 61 -4.28 38.75 0.24
N VAL D 62 -4.85 39.92 0.50
CA VAL D 62 -5.98 40.06 1.38
C VAL D 62 -7.22 39.37 0.82
N ASP D 63 -7.32 39.21 -0.49
CA ASP D 63 -8.51 38.56 -1.10
C ASP D 63 -9.85 39.20 -0.74
N GLY D 64 -9.98 40.43 -1.21
CA GLY D 64 -11.16 41.21 -0.87
C GLY D 64 -10.87 42.00 0.35
N ASP D 65 -10.38 43.23 0.13
CA ASP D 65 -9.90 44.07 1.19
C ASP D 65 -10.95 44.35 2.25
N ARG D 66 -10.56 44.23 3.51
CA ARG D 66 -11.42 44.55 4.61
C ARG D 66 -10.51 45.07 5.71
N ALA D 67 -11.13 45.71 6.71
CA ALA D 67 -10.51 45.86 8.03
C ALA D 67 -10.06 44.47 8.50
N GLN D 68 -8.92 44.43 9.20
CA GLN D 68 -8.37 43.18 9.67
C GLN D 68 -7.92 43.34 11.11
N SER D 69 -7.69 42.22 11.76
CA SER D 69 -7.34 42.17 13.16
C SER D 69 -6.44 41.00 13.40
N ALA D 70 -5.34 41.25 14.12
CA ALA D 70 -4.37 40.21 14.50
C ALA D 70 -4.35 40.19 16.00
N ILE D 71 -4.26 38.99 16.54
CA ILE D 71 -4.16 38.78 17.94
C ILE D 71 -3.06 37.75 18.22
N SER D 72 -2.30 37.94 19.30
CA SER D 72 -1.49 36.90 19.85
C SER D 72 -2.28 36.42 21.08
N ASP D 73 -2.72 35.17 21.09
CA ASP D 73 -3.37 34.58 22.24
C ASP D 73 -2.38 34.21 23.32
N TRP D 74 -1.11 34.05 22.95
CA TRP D 74 -0.10 33.64 23.88
C TRP D 74 1.23 33.81 23.19
N ALA D 75 2.18 34.36 23.94
CA ALA D 75 3.54 34.50 23.52
C ALA D 75 4.36 34.28 24.83
N GLN D 76 5.43 33.52 24.71
CA GLN D 76 6.39 33.24 25.79
C GLN D 76 6.91 34.53 26.39
N ILE D 77 7.20 35.49 25.54
CA ILE D 77 7.58 36.83 25.97
C ILE D 77 6.41 37.64 26.55
N GLY D 78 5.18 37.12 26.53
CA GLY D 78 3.99 37.92 26.89
C GLY D 78 3.30 38.50 25.65
N ALA D 79 2.11 38.00 25.39
CA ALA D 79 1.31 38.41 24.25
C ALA D 79 1.18 39.92 24.15
N SER D 80 1.03 40.59 25.29
CA SER D 80 0.86 42.05 25.31
C SER D 80 2.09 42.86 24.83
N ASN D 81 3.23 42.19 24.74
CA ASN D 81 4.45 42.75 24.18
C ASN D 81 4.54 42.62 22.69
N VAL D 82 3.56 41.97 22.06
CA VAL D 82 3.56 41.78 20.63
C VAL D 82 2.74 42.90 20.02
N THR D 83 3.27 43.58 19.00
CA THR D 83 2.56 44.63 18.27
C THR D 83 2.26 44.10 16.87
N PHE D 84 1.18 44.58 16.29
CA PHE D 84 0.79 44.24 14.92
C PHE D 84 0.40 45.50 14.18
N LYS D 85 0.62 45.49 12.88
CA LYS D 85 0.27 46.59 12.02
C LYS D 85 0.05 46.03 10.63
N PHE D 86 -1.14 46.21 10.07
CA PHE D 86 -1.38 45.82 8.66
C PHE D 86 -0.92 46.94 7.72
N VAL D 87 -0.17 46.61 6.68
CA VAL D 87 0.22 47.60 5.70
C VAL D 87 -0.26 47.10 4.36
N LYS D 88 -1.10 47.89 3.71
CA LYS D 88 -1.44 47.70 2.31
C LYS D 88 -0.26 48.14 1.41
N LEU D 89 0.18 47.30 0.47
CA LEU D 89 1.37 47.66 -0.30
C LEU D 89 1.01 48.82 -1.22
N SER D 90 1.96 49.74 -1.35
CA SER D 90 1.82 50.83 -2.31
C SER D 90 1.46 50.30 -3.68
N SER D 91 2.19 49.30 -4.18
CA SER D 91 1.81 48.59 -5.39
C SER D 91 1.85 47.09 -5.11
N SER D 92 0.82 46.36 -5.55
CA SER D 92 0.80 44.92 -5.27
C SER D 92 1.81 44.20 -6.17
N VAL D 93 2.21 43.03 -5.72
CA VAL D 93 3.23 42.24 -6.36
C VAL D 93 2.84 40.77 -6.27
N SER D 94 3.63 39.89 -6.87
CA SER D 94 3.39 38.46 -6.86
C SER D 94 3.21 38.00 -5.41
N GLY D 95 2.03 37.50 -5.12
CA GLY D 95 1.72 36.96 -3.83
C GLY D 95 1.58 37.94 -2.68
N ALA D 96 1.56 39.25 -2.95
CA ALA D 96 1.29 40.22 -1.88
C ALA D 96 0.69 41.53 -2.30
N ASP D 97 -0.35 41.92 -1.59
CA ASP D 97 -0.87 43.29 -1.56
C ASP D 97 -0.93 43.89 -0.15
N TYR D 98 -0.62 43.08 0.85
CA TYR D 98 -0.49 43.53 2.21
C TYR D 98 0.67 42.84 2.85
N TYR D 99 1.16 43.42 3.94
CA TYR D 99 1.81 42.62 4.97
C TYR D 99 1.26 42.89 6.36
N LEU D 100 1.39 41.88 7.21
CA LEU D 100 1.24 42.01 8.64
C LEU D 100 2.63 42.20 9.16
N GLU D 101 2.85 43.35 9.84
CA GLU D 101 4.10 43.64 10.47
C GLU D 101 3.95 43.31 11.93
N ILE D 102 4.82 42.47 12.41
CA ILE D 102 4.87 42.10 13.81
C ILE D 102 6.06 42.85 14.40
N GLY D 103 5.86 43.47 15.55
CA GLY D 103 6.90 44.14 16.32
C GLY D 103 6.78 43.81 17.79
N PHE D 104 7.55 44.51 18.58
CA PHE D 104 7.76 44.16 19.97
C PHE D 104 7.83 45.39 20.81
N LYS D 105 7.14 45.36 21.94
CA LYS D 105 7.28 46.41 22.95
C LYS D 105 8.60 46.27 23.73
N SER D 106 9.06 47.38 24.32
CA SER D 106 10.06 47.43 25.40
C SER D 106 10.00 46.24 26.34
N GLY D 107 8.81 45.88 26.82
CA GLY D 107 8.72 44.74 27.73
C GLY D 107 9.04 43.38 27.12
N ALA D 108 9.13 43.29 25.80
CA ALA D 108 9.66 42.06 25.20
C ALA D 108 11.12 41.84 25.62
N GLY D 109 11.83 42.92 25.91
CA GLY D 109 13.14 42.77 26.50
C GLY D 109 14.15 42.59 25.39
N GLN D 110 15.15 41.77 25.70
CA GLN D 110 16.36 41.66 24.96
C GLN D 110 16.56 40.21 24.60
N LEU D 111 17.01 39.98 23.36
CA LEU D 111 17.36 38.67 22.89
C LEU D 111 18.89 38.50 22.86
N GLN D 112 19.39 37.66 23.75
CA GLN D 112 20.82 37.37 23.88
C GLN D 112 21.26 36.50 22.72
N PRO D 113 22.55 36.53 22.40
CA PRO D 113 23.11 35.63 21.42
C PRO D 113 22.77 34.20 21.68
N GLY D 114 22.42 33.48 20.60
CA GLY D 114 21.96 32.08 20.68
C GLY D 114 20.55 31.86 21.22
N LYS D 115 19.90 32.89 21.76
CA LYS D 115 18.61 32.72 22.38
C LYS D 115 17.48 33.02 21.39
N ASP D 116 16.30 32.55 21.74
CA ASP D 116 15.13 32.86 20.96
C ASP D 116 13.99 33.38 21.87
N THR D 117 13.00 34.00 21.22
CA THR D 117 11.85 34.60 21.91
C THR D 117 10.93 33.56 22.48
N GLY D 118 11.12 32.31 22.08
CA GLY D 118 10.08 31.32 22.18
C GLY D 118 8.88 31.65 21.31
N GLU D 119 7.83 30.88 21.52
CA GLU D 119 6.68 30.91 20.69
C GLU D 119 5.93 32.24 20.77
N ILE D 120 5.53 32.73 19.62
CA ILE D 120 4.70 33.88 19.45
C ILE D 120 3.54 33.37 18.60
N GLN D 121 2.39 33.14 19.23
CA GLN D 121 1.20 32.76 18.49
C GLN D 121 0.62 33.99 17.85
N ILE D 122 0.14 33.83 16.63
CA ILE D 122 -0.44 34.88 15.81
C ILE D 122 -1.60 34.27 15.10
N ARG D 123 -2.71 34.98 15.12
CA ARG D 123 -3.80 34.72 14.21
C ARG D 123 -4.30 36.04 13.66
N PHE D 124 -4.74 36.07 12.40
CA PHE D 124 -5.44 37.24 11.94
C PHE D 124 -6.59 36.93 11.03
N ASN D 125 -7.58 37.83 11.05
CA ASN D 125 -8.78 37.64 10.27
C ASN D 125 -9.25 38.98 9.75
N LYS D 126 -10.15 38.95 8.76
CA LYS D 126 -10.85 40.14 8.32
C LYS D 126 -12.05 40.36 9.23
N SER D 127 -12.49 41.60 9.31
CA SER D 127 -13.41 42.02 10.34
C SER D 127 -14.78 41.41 10.16
N ASP D 128 -15.13 41.13 8.90
CA ASP D 128 -16.35 40.38 8.56
C ASP D 128 -16.17 38.83 8.48
N TRP D 129 -15.01 38.31 8.89
CA TRP D 129 -14.73 36.87 8.89
C TRP D 129 -14.78 36.23 7.48
N SER D 130 -14.61 37.02 6.46
CA SER D 130 -14.56 36.53 5.10
C SER D 130 -13.28 35.74 4.88
N ASN D 131 -13.32 34.82 3.93
CA ASN D 131 -12.27 33.86 3.77
C ASN D 131 -11.06 34.49 3.14
N TYR D 132 -9.90 34.00 3.54
CA TYR D 132 -8.71 34.18 2.77
C TYR D 132 -8.55 32.94 1.90
N ASN D 133 -7.71 33.12 0.88
CA ASN D 133 -7.10 32.10 0.07
C ASN D 133 -5.61 32.19 0.46
N GLN D 134 -5.11 31.22 1.21
CA GLN D 134 -3.70 31.28 1.61
C GLN D 134 -2.79 30.90 0.44
N GLY D 135 -3.33 30.22 -0.58
CA GLY D 135 -2.51 29.68 -1.66
C GLY D 135 -1.89 30.70 -2.61
N ASN D 136 -2.38 31.93 -2.60
CA ASN D 136 -1.79 33.03 -3.38
C ASN D 136 -1.06 34.04 -2.50
N ASP D 137 -0.51 33.53 -1.39
CA ASP D 137 0.14 34.40 -0.37
C ASP D 137 1.62 34.13 -0.47
N TRP D 138 2.40 35.19 -0.63
CA TRP D 138 3.84 35.07 -0.71
C TRP D 138 4.39 34.29 0.48
N SER D 139 3.95 34.61 1.69
CA SER D 139 4.67 34.07 2.91
C SER D 139 4.15 32.73 3.46
N TRP D 140 3.06 32.21 2.89
CA TRP D 140 2.44 30.99 3.37
C TRP D 140 3.28 29.76 3.05
N LEU D 141 3.49 28.94 4.04
CA LEU D 141 4.25 27.70 3.80
C LEU D 141 3.42 26.64 4.45
N GLN D 142 2.50 26.15 3.67
CA GLN D 142 1.45 25.22 4.11
C GLN D 142 1.98 24.06 4.89
N SER D 143 3.08 23.48 4.39
CA SER D 143 3.62 22.25 4.91
C SER D 143 4.46 22.46 6.14
N MET D 144 4.99 23.67 6.34
CA MET D 144 5.81 23.96 7.55
C MET D 144 4.94 24.23 8.78
N THR D 145 4.38 23.14 9.31
CA THR D 145 3.43 23.17 10.42
C THR D 145 4.12 23.14 11.79
N SER D 146 5.40 22.79 11.86
CA SER D 146 6.15 23.03 13.11
C SER D 146 7.24 24.03 12.74
N TYR D 147 7.88 24.62 13.76
CA TYR D 147 8.81 25.72 13.55
C TYR D 147 9.95 25.41 12.58
N GLY D 148 9.98 26.08 11.42
CA GLY D 148 11.12 25.95 10.49
C GLY D 148 11.45 27.29 9.89
N GLU D 149 12.31 27.27 8.90
CA GLU D 149 12.81 28.47 8.24
C GLU D 149 12.01 28.78 6.98
N ASN D 150 11.01 29.63 7.14
CA ASN D 150 10.25 30.17 6.02
C ASN D 150 10.90 31.50 5.67
N VAL D 151 11.73 31.45 4.63
CA VAL D 151 12.45 32.62 4.20
C VAL D 151 11.55 33.65 3.55
N LYS D 152 10.30 33.29 3.26
CA LYS D 152 9.41 34.25 2.70
C LYS D 152 8.62 35.05 3.76
N VAL D 153 8.83 34.73 5.04
CA VAL D 153 8.54 35.66 6.09
C VAL D 153 9.84 36.44 6.34
N THR D 154 9.80 37.74 6.13
CA THR D 154 11.01 38.55 6.23
C THR D 154 11.14 39.24 7.58
N ALA D 155 12.36 39.65 7.91
CA ALA D 155 12.60 40.29 9.19
C ALA D 155 13.61 41.43 9.07
N TYR D 156 13.43 42.40 9.96
CA TYR D 156 14.12 43.68 9.90
C TYR D 156 14.68 44.03 11.26
N ILE D 157 15.85 44.67 11.26
CA ILE D 157 16.43 45.30 12.44
C ILE D 157 16.55 46.77 12.05
N ASP D 158 15.83 47.65 12.79
CA ASP D 158 15.75 49.07 12.52
C ASP D 158 15.21 49.34 11.13
N GLY D 159 14.27 48.51 10.68
CA GLY D 159 13.69 48.66 9.34
C GLY D 159 14.62 48.19 8.22
N VAL D 160 15.75 47.58 8.56
CA VAL D 160 16.64 47.03 7.50
C VAL D 160 16.46 45.53 7.34
N LEU D 161 16.21 45.08 6.13
CA LEU D 161 16.01 43.68 5.85
C LEU D 161 17.20 42.90 6.25
N VAL D 162 17.03 41.94 7.17
CA VAL D 162 18.15 41.09 7.61
C VAL D 162 17.82 39.60 7.52
N TRP D 163 16.58 39.26 7.24
CA TRP D 163 16.19 37.89 7.13
C TRP D 163 15.14 37.80 6.00
N GLY D 164 15.36 36.88 5.07
CA GLY D 164 14.30 36.44 4.20
C GLY D 164 14.28 37.19 2.88
N GLN D 165 13.29 36.84 2.08
CA GLN D 165 13.17 37.28 0.69
C GLN D 165 11.88 38.01 0.57
N GLU D 166 11.95 39.29 0.27
CA GLU D 166 10.75 40.03 0.02
C GLU D 166 10.16 39.62 -1.35
N PRO D 167 8.84 39.71 -1.51
CA PRO D 167 8.21 39.46 -2.80
C PRO D 167 8.83 40.27 -3.95
N SER D 168 9.14 39.64 -5.08
CA SER D 168 9.61 40.36 -6.28
C SER D 168 8.42 40.99 -7.01
N SER E 16 46.46 19.28 1.92
CA SER E 16 45.76 20.57 2.20
C SER E 16 44.56 20.36 3.16
N GLY E 17 43.60 21.29 3.09
CA GLY E 17 42.35 21.11 3.82
C GLY E 17 41.49 19.92 3.37
N GLN E 18 40.60 19.52 4.26
CA GLN E 18 39.59 18.53 3.91
C GLN E 18 38.26 19.13 4.20
N ILE E 19 37.38 19.19 3.20
CA ILE E 19 36.06 19.72 3.40
C ILE E 19 35.04 18.82 2.79
N LYS E 20 33.85 18.87 3.37
CA LYS E 20 32.62 18.43 2.73
C LYS E 20 31.73 19.64 2.44
N VAL E 21 30.84 19.48 1.46
CA VAL E 21 29.80 20.43 1.24
C VAL E 21 28.52 19.71 1.55
N LEU E 22 27.72 20.26 2.44
CA LEU E 22 26.33 19.82 2.64
C LEU E 22 25.37 20.69 1.79
N TYR E 23 24.27 20.09 1.34
CA TYR E 23 23.38 20.69 0.42
C TYR E 23 21.96 20.39 0.87
N ALA E 24 21.12 21.39 0.80
CA ALA E 24 19.69 21.23 1.02
C ALA E 24 18.98 21.89 -0.16
N ASN E 25 18.20 21.13 -0.88
CA ASN E 25 17.37 21.68 -1.94
C ASN E 25 16.14 22.35 -1.38
N LYS E 26 16.00 23.65 -1.56
CA LYS E 26 14.80 24.34 -1.09
C LYS E 26 13.82 24.68 -2.21
N GLU E 27 13.94 24.00 -3.33
CA GLU E 27 12.94 24.04 -4.38
C GLU E 27 12.77 22.64 -5.01
N THR E 28 11.72 21.97 -4.59
CA THR E 28 11.47 20.60 -5.03
C THR E 28 10.83 20.51 -6.40
N ASN E 29 10.29 21.63 -6.90
CA ASN E 29 9.68 21.61 -8.23
C ASN E 29 10.76 21.61 -9.30
N SER E 30 10.63 20.67 -10.22
CA SER E 30 11.51 20.63 -11.36
C SER E 30 11.40 21.93 -12.22
N THR E 31 10.18 22.41 -12.42
CA THR E 31 9.94 23.69 -13.02
C THR E 31 9.93 24.71 -11.93
N THR E 32 10.77 25.71 -12.12
CA THR E 32 10.85 26.81 -11.18
C THR E 32 11.60 27.97 -11.81
N ASN E 33 11.28 29.17 -11.37
CA ASN E 33 12.11 30.32 -11.80
C ASN E 33 13.26 30.62 -10.85
N THR E 34 13.40 29.84 -9.79
CA THR E 34 14.35 30.13 -8.73
C THR E 34 14.87 28.86 -8.16
N ILE E 35 16.12 28.59 -8.53
CA ILE E 35 16.88 27.48 -8.01
C ILE E 35 17.45 27.85 -6.62
N ARG E 36 17.32 26.91 -5.69
CA ARG E 36 17.58 27.19 -4.26
C ARG E 36 18.48 26.11 -3.71
N PRO E 37 19.78 26.18 -4.06
CA PRO E 37 20.68 25.19 -3.52
C PRO E 37 21.37 25.69 -2.25
N TRP E 38 20.87 25.37 -1.08
CA TRP E 38 21.46 25.89 0.16
C TRP E 38 22.65 25.03 0.48
N LEU E 39 23.67 25.65 1.07
CA LEU E 39 24.91 24.97 1.27
C LEU E 39 25.46 25.19 2.64
N LYS E 40 26.31 24.26 3.07
CA LYS E 40 27.18 24.47 4.23
C LYS E 40 28.50 23.83 3.90
N VAL E 41 29.56 24.47 4.36
CA VAL E 41 30.87 23.86 4.28
C VAL E 41 31.25 23.31 5.66
N VAL E 42 31.66 22.06 5.74
CA VAL E 42 32.18 21.43 6.95
C VAL E 42 33.67 21.20 6.80
N ASN E 43 34.45 21.64 7.79
CA ASN E 43 35.87 21.32 7.79
C ASN E 43 35.97 20.00 8.55
N THR E 44 36.30 18.94 7.80
CA THR E 44 36.44 17.59 8.36
C THR E 44 37.92 17.19 8.62
N GLY E 45 38.85 18.06 8.22
CA GLY E 45 40.26 17.77 8.32
C GLY E 45 40.87 18.23 9.65
N SER E 46 42.17 18.35 9.64
CA SER E 46 42.92 18.60 10.88
C SER E 46 43.39 20.07 10.93
N SER E 47 43.15 20.81 9.85
CA SER E 47 43.71 22.12 9.73
C SER E 47 42.62 23.16 9.46
N SER E 48 42.90 24.39 9.86
CA SER E 48 42.03 25.51 9.55
C SER E 48 42.01 25.80 8.08
N ILE E 49 40.88 26.29 7.58
CA ILE E 49 40.83 26.71 6.18
C ILE E 49 40.25 28.08 6.05
N ASP E 50 40.97 28.99 5.41
CA ASP E 50 40.42 30.26 5.06
C ASP E 50 39.27 30.03 4.09
N LEU E 51 38.05 30.42 4.45
CA LEU E 51 36.91 30.31 3.54
C LEU E 51 37.11 30.95 2.18
N SER E 52 37.88 32.03 2.09
CA SER E 52 38.13 32.67 0.83
C SER E 52 38.83 31.76 -0.18
N ARG E 53 39.51 30.72 0.31
CA ARG E 53 40.16 29.73 -0.57
C ARG E 53 39.22 28.65 -1.09
N VAL E 54 37.98 28.63 -0.59
CA VAL E 54 37.00 27.58 -0.94
C VAL E 54 36.10 28.11 -2.02
N THR E 55 35.94 27.34 -3.11
CA THR E 55 34.85 27.54 -4.07
C THR E 55 33.91 26.32 -4.15
N ILE E 56 32.64 26.57 -4.50
CA ILE E 56 31.69 25.51 -4.64
C ILE E 56 31.01 25.74 -5.99
N ARG E 57 30.80 24.66 -6.70
CA ARG E 57 30.15 24.72 -7.98
C ARG E 57 28.88 23.90 -8.01
N TYR E 58 27.83 24.56 -8.46
CA TYR E 58 26.56 24.00 -8.68
C TYR E 58 26.40 23.99 -10.22
N TRP E 59 26.30 22.78 -10.77
CA TRP E 59 26.40 22.54 -12.21
C TRP E 59 25.02 22.28 -12.70
N TYR E 60 24.66 22.88 -13.82
CA TYR E 60 23.28 22.79 -14.28
C TYR E 60 23.15 23.26 -15.74
N THR E 61 21.97 23.06 -16.32
CA THR E 61 21.59 23.51 -17.68
C THR E 61 20.70 24.71 -17.60
N VAL E 62 21.15 25.80 -18.23
CA VAL E 62 20.43 27.06 -18.08
C VAL E 62 18.99 27.06 -18.65
N ASP E 63 18.75 26.22 -19.65
CA ASP E 63 17.42 26.05 -20.26
C ASP E 63 16.98 27.37 -20.92
N GLY E 64 17.75 27.76 -21.92
CA GLY E 64 17.58 29.02 -22.65
C GLY E 64 18.37 30.09 -21.90
N ASP E 65 19.52 30.41 -22.45
CA ASP E 65 20.50 31.26 -21.82
C ASP E 65 19.92 32.66 -21.64
N ARG E 66 20.10 33.21 -20.44
CA ARG E 66 19.74 34.55 -20.15
C ARG E 66 20.77 35.01 -19.19
N ALA E 67 20.80 36.30 -18.95
CA ALA E 67 21.51 36.80 -17.79
C ALA E 67 20.86 36.18 -16.53
N GLN E 68 21.68 35.93 -15.54
CA GLN E 68 21.24 35.33 -14.30
C GLN E 68 21.71 36.13 -13.11
N SER E 69 21.03 35.95 -12.00
CA SER E 69 21.31 36.59 -10.76
C SER E 69 21.25 35.57 -9.62
N ALA E 70 22.29 35.53 -8.77
CA ALA E 70 22.21 34.79 -7.50
C ALA E 70 22.21 35.75 -6.28
N ILE E 71 21.44 35.39 -5.24
CA ILE E 71 21.31 36.10 -3.97
C ILE E 71 21.38 35.13 -2.78
N SER E 72 22.16 35.48 -1.77
CA SER E 72 22.03 34.89 -0.45
C SER E 72 21.18 35.84 0.42
N ASP E 73 19.98 35.42 0.73
CA ASP E 73 19.13 36.18 1.61
C ASP E 73 19.62 36.17 3.10
N TRP E 74 20.38 35.14 3.46
CA TRP E 74 20.89 34.98 4.82
C TRP E 74 21.95 33.93 4.81
N ALA E 75 22.97 34.14 5.62
CA ALA E 75 24.00 33.13 5.81
C ALA E 75 24.52 33.36 7.22
N GLN E 76 24.77 32.30 7.94
CA GLN E 76 25.31 32.38 9.28
C GLN E 76 26.60 33.20 9.37
N ILE E 77 27.47 33.06 8.38
CA ILE E 77 28.65 33.87 8.24
C ILE E 77 28.37 35.27 7.74
N GLY E 78 27.11 35.61 7.49
CA GLY E 78 26.82 36.89 6.88
C GLY E 78 26.69 36.75 5.37
N ALA E 79 25.49 36.96 4.85
CA ALA E 79 25.24 36.85 3.41
C ALA E 79 26.15 37.72 2.57
N SER E 80 26.48 38.90 3.06
CA SER E 80 27.37 39.80 2.29
C SER E 80 28.78 39.21 2.06
N ASN E 81 29.16 38.20 2.83
CA ASN E 81 30.40 37.45 2.60
C ASN E 81 30.39 36.31 1.58
N VAL E 82 29.24 36.05 0.97
CA VAL E 82 29.09 35.03 -0.06
C VAL E 82 29.21 35.75 -1.40
N THR E 83 30.06 35.25 -2.29
CA THR E 83 30.20 35.72 -3.66
C THR E 83 29.63 34.70 -4.65
N PHE E 84 29.17 35.21 -5.77
CA PHE E 84 28.61 34.39 -6.84
C PHE E 84 29.26 34.74 -8.20
N LYS E 85 29.54 33.73 -8.98
CA LYS E 85 29.94 33.85 -10.38
C LYS E 85 29.25 32.80 -11.22
N PHE E 86 28.54 33.23 -12.27
CA PHE E 86 28.01 32.33 -13.26
C PHE E 86 29.05 32.09 -14.35
N VAL E 87 29.34 30.82 -14.62
CA VAL E 87 30.34 30.47 -15.62
C VAL E 87 29.64 29.64 -16.64
N LYS E 88 29.59 30.15 -17.87
CA LYS E 88 29.10 29.40 -19.01
C LYS E 88 30.17 28.43 -19.48
N LEU E 89 29.86 27.12 -19.49
CA LEU E 89 30.88 26.12 -19.87
C LEU E 89 31.29 26.32 -21.36
N SER E 90 32.58 26.18 -21.63
CA SER E 90 33.11 26.28 -23.01
C SER E 90 32.53 25.21 -23.89
N SER E 91 32.31 24.01 -23.33
CA SER E 91 31.42 23.05 -23.98
C SER E 91 30.54 22.37 -22.93
N SER E 92 29.29 22.17 -23.28
CA SER E 92 28.34 21.54 -22.38
C SER E 92 28.65 20.07 -22.18
N VAL E 93 28.30 19.57 -21.01
CA VAL E 93 28.57 18.19 -20.62
C VAL E 93 27.28 17.62 -20.03
N SER E 94 27.37 16.42 -19.43
CA SER E 94 26.21 15.77 -18.83
C SER E 94 25.54 16.60 -17.76
N GLY E 95 24.36 17.07 -18.05
CA GLY E 95 23.55 17.87 -17.08
C GLY E 95 24.09 19.26 -16.77
N ALA E 96 24.96 19.79 -17.62
CA ALA E 96 25.54 21.11 -17.35
C ALA E 96 25.99 21.89 -18.60
N ASP E 97 25.47 23.11 -18.72
CA ASP E 97 26.13 24.08 -19.64
C ASP E 97 26.61 25.33 -18.94
N TYR E 98 26.36 25.37 -17.62
CA TYR E 98 26.81 26.41 -16.74
C TYR E 98 27.21 25.81 -15.40
N TYR E 99 27.96 26.56 -14.62
CA TYR E 99 27.86 26.43 -13.18
C TYR E 99 27.77 27.74 -12.50
N LEU E 100 27.20 27.66 -11.30
CA LEU E 100 27.25 28.71 -10.38
C LEU E 100 28.38 28.44 -9.44
N GLU E 101 29.27 29.40 -9.31
CA GLU E 101 30.38 29.27 -8.35
C GLU E 101 30.15 30.20 -7.15
N ILE E 102 30.20 29.58 -5.97
CA ILE E 102 30.00 30.19 -4.72
C ILE E 102 31.36 30.29 -4.12
N GLY E 103 31.67 31.48 -3.66
CA GLY E 103 32.95 31.82 -3.04
C GLY E 103 32.69 32.57 -1.80
N PHE E 104 33.77 33.01 -1.14
CA PHE E 104 33.68 33.63 0.18
C PHE E 104 34.63 34.79 0.30
N LYS E 105 34.12 35.94 0.75
CA LYS E 105 35.05 37.08 1.01
C LYS E 105 35.88 36.76 2.27
N SER E 106 36.97 37.49 2.47
CA SER E 106 37.78 37.35 3.69
C SER E 106 36.91 37.53 4.94
N GLY E 107 35.88 38.38 4.87
CA GLY E 107 34.96 38.58 6.03
C GLY E 107 34.28 37.32 6.54
N ALA E 108 34.28 36.26 5.72
CA ALA E 108 33.69 34.98 6.10
C ALA E 108 34.57 34.26 7.12
N GLY E 109 35.86 34.55 7.10
CA GLY E 109 36.77 34.13 8.16
C GLY E 109 37.30 32.75 7.90
N GLN E 110 37.56 32.01 8.98
CA GLN E 110 38.20 30.74 8.92
C GLN E 110 37.25 29.68 9.31
N LEU E 111 37.51 28.49 8.83
CA LEU E 111 36.72 27.38 9.26
C LEU E 111 37.64 26.40 9.99
N GLN E 112 37.40 26.22 11.29
CA GLN E 112 38.27 25.44 12.17
C GLN E 112 37.94 23.99 11.94
N PRO E 113 38.84 23.08 12.36
CA PRO E 113 38.55 21.65 12.27
C PRO E 113 37.30 21.24 13.01
N GLY E 114 36.44 20.48 12.36
CA GLY E 114 35.27 19.94 13.01
C GLY E 114 34.14 20.96 13.10
N LYS E 115 34.31 22.12 12.47
CA LYS E 115 33.30 23.17 12.49
C LYS E 115 32.68 23.28 11.09
N ASP E 116 31.53 23.96 10.99
CA ASP E 116 30.92 24.27 9.71
C ASP E 116 30.49 25.74 9.61
N THR E 117 30.25 26.19 8.37
CA THR E 117 29.89 27.60 8.10
C THR E 117 28.53 27.99 8.68
N GLY E 118 27.77 27.00 9.11
CA GLY E 118 26.38 27.18 9.29
C GLY E 118 25.72 27.29 7.92
N GLU E 119 24.43 27.61 7.94
CA GLU E 119 23.62 27.61 6.73
C GLU E 119 24.03 28.75 5.79
N ILE E 120 24.13 28.46 4.49
CA ILE E 120 24.30 29.46 3.49
C ILE E 120 23.10 29.35 2.53
N GLN E 121 22.21 30.31 2.57
CA GLN E 121 21.03 30.30 1.70
C GLN E 121 21.43 30.86 0.35
N ILE E 122 20.97 30.23 -0.71
CA ILE E 122 21.23 30.68 -2.05
C ILE E 122 19.96 30.52 -2.80
N ARG E 123 19.71 31.50 -3.67
CA ARG E 123 18.74 31.35 -4.72
C ARG E 123 19.28 31.95 -6.02
N PHE E 124 18.99 31.35 -7.19
CA PHE E 124 19.29 32.11 -8.44
C PHE E 124 18.19 31.99 -9.48
N ASN E 125 18.12 32.95 -10.38
CA ASN E 125 17.06 33.02 -11.33
C ASN E 125 17.60 33.63 -12.57
N LYS E 126 16.87 33.49 -13.67
CA LYS E 126 17.22 34.24 -14.87
C LYS E 126 16.58 35.60 -14.81
N SER E 127 17.13 36.56 -15.54
N SER E 127 17.14 36.53 -15.57
CA SER E 127 16.79 37.97 -15.31
CA SER E 127 16.81 37.97 -15.44
C SER E 127 15.39 38.33 -15.84
C SER E 127 15.36 38.26 -15.79
N ASP E 128 14.83 37.50 -16.73
CA ASP E 128 13.44 37.67 -17.18
C ASP E 128 12.56 36.65 -16.42
N TRP E 129 13.08 36.00 -15.38
CA TRP E 129 12.34 35.03 -14.61
C TRP E 129 11.75 33.89 -15.41
N SER E 130 12.36 33.54 -16.53
CA SER E 130 11.96 32.38 -17.30
C SER E 130 12.30 31.12 -16.51
N ASN E 131 11.60 30.04 -16.85
CA ASN E 131 11.70 28.83 -16.07
C ASN E 131 12.97 28.04 -16.34
N TYR E 132 13.51 27.47 -15.27
CA TYR E 132 14.46 26.40 -15.38
C TYR E 132 13.71 25.08 -15.38
N ASN E 133 14.37 24.09 -15.92
CA ASN E 133 14.07 22.70 -15.70
C ASN E 133 15.24 22.14 -14.87
N GLN E 134 14.95 21.90 -13.60
CA GLN E 134 15.95 21.40 -12.67
C GLN E 134 16.24 19.89 -12.87
N GLY E 135 15.33 19.16 -13.52
CA GLY E 135 15.49 17.69 -13.70
C GLY E 135 16.64 17.27 -14.62
N ASN E 136 17.15 18.21 -15.42
CA ASN E 136 18.28 17.92 -16.27
C ASN E 136 19.50 18.69 -15.80
N ASP E 137 19.56 18.98 -14.49
CA ASP E 137 20.76 19.65 -13.86
C ASP E 137 21.62 18.65 -13.15
N TRP E 138 22.89 18.56 -13.49
CA TRP E 138 23.84 17.73 -12.81
C TRP E 138 23.73 17.75 -11.29
N SER E 139 23.66 18.92 -10.69
CA SER E 139 23.83 19.08 -9.25
C SER E 139 22.53 19.01 -8.42
N TRP E 140 21.38 18.94 -9.08
CA TRP E 140 20.12 18.98 -8.35
C TRP E 140 19.89 17.62 -7.73
N LEU E 141 19.45 17.64 -6.50
CA LEU E 141 19.04 16.49 -5.77
C LEU E 141 17.71 16.86 -5.06
N GLN E 142 16.63 16.59 -5.80
CA GLN E 142 15.29 17.00 -5.49
C GLN E 142 14.90 16.58 -4.11
N SER E 143 15.20 15.33 -3.76
CA SER E 143 14.77 14.75 -2.46
C SER E 143 15.64 15.16 -1.23
N MET E 144 16.87 15.66 -1.41
CA MET E 144 17.68 16.14 -0.25
C MET E 144 17.22 17.57 0.14
N THR E 145 16.11 17.63 0.88
CA THR E 145 15.51 18.87 1.34
C THR E 145 16.07 19.32 2.67
N SER E 146 16.66 18.40 3.45
N SER E 146 16.65 18.39 3.44
CA SER E 146 17.51 18.78 4.58
CA SER E 146 17.50 18.73 4.59
C SER E 146 18.96 18.49 4.22
C SER E 146 18.97 18.47 4.23
N TYR E 147 19.86 19.20 4.87
CA TYR E 147 21.29 19.14 4.59
C TYR E 147 21.81 17.72 4.55
N GLY E 148 22.44 17.38 3.44
CA GLY E 148 22.99 16.04 3.26
C GLY E 148 24.14 16.14 2.30
N GLU E 149 24.69 14.99 1.97
CA GLU E 149 25.85 14.92 1.09
C GLU E 149 25.44 14.78 -0.39
N ASN E 150 25.44 15.89 -1.10
CA ASN E 150 25.17 15.89 -2.54
C ASN E 150 26.54 15.97 -3.15
N VAL E 151 27.02 14.83 -3.61
CA VAL E 151 28.35 14.78 -4.21
C VAL E 151 28.41 15.41 -5.58
N LYS E 152 27.27 15.76 -6.18
CA LYS E 152 27.34 16.47 -7.48
C LYS E 152 27.46 18.01 -7.40
N VAL E 153 27.48 18.56 -6.16
CA VAL E 153 27.84 19.91 -5.90
C VAL E 153 29.30 19.81 -5.52
N THR E 154 30.17 20.44 -6.30
CA THR E 154 31.61 20.15 -6.16
C THR E 154 32.25 21.27 -5.41
N ALA E 155 33.33 20.99 -4.72
CA ALA E 155 34.02 22.03 -4.02
C ALA E 155 35.52 21.95 -4.20
N TYR E 156 36.17 23.09 -4.07
CA TYR E 156 37.58 23.25 -4.44
C TYR E 156 38.23 24.03 -3.31
N ILE E 157 39.54 23.84 -3.17
CA ILE E 157 40.38 24.66 -2.34
C ILE E 157 41.50 25.09 -3.25
N ASP E 158 41.61 26.40 -3.45
CA ASP E 158 42.58 27.00 -4.38
C ASP E 158 42.34 26.53 -5.80
N GLY E 159 41.07 26.31 -6.15
CA GLY E 159 40.73 25.81 -7.48
C GLY E 159 41.03 24.33 -7.70
N VAL E 160 41.51 23.62 -6.71
CA VAL E 160 41.71 22.17 -6.82
C VAL E 160 40.48 21.45 -6.26
N LEU E 161 39.91 20.57 -7.03
CA LEU E 161 38.79 19.73 -6.63
C LEU E 161 39.09 18.90 -5.38
N VAL E 162 38.26 19.04 -4.35
CA VAL E 162 38.46 18.28 -3.10
C VAL E 162 37.24 17.65 -2.57
N TRP E 163 36.10 17.99 -3.16
CA TRP E 163 34.86 17.36 -2.79
C TRP E 163 34.04 17.21 -4.07
N GLY E 164 33.46 16.04 -4.25
CA GLY E 164 32.38 15.89 -5.22
C GLY E 164 32.89 15.38 -6.53
N GLN E 165 31.92 15.13 -7.40
CA GLN E 165 32.13 14.57 -8.71
C GLN E 165 31.66 15.61 -9.70
N GLU E 166 32.58 16.06 -10.53
CA GLU E 166 32.22 16.96 -11.64
C GLU E 166 31.49 16.20 -12.75
N PRO E 167 30.56 16.86 -13.47
CA PRO E 167 29.94 16.18 -14.61
C PRO E 167 30.93 15.52 -15.59
N SER E 168 30.53 14.34 -16.05
CA SER E 168 31.08 13.66 -17.23
C SER E 168 30.79 14.54 -18.47
N GLY F 17 42.27 -9.67 14.07
CA GLY F 17 41.15 -8.80 14.52
C GLY F 17 39.73 -9.02 13.98
N GLN F 18 38.84 -8.11 14.34
CA GLN F 18 37.41 -8.24 14.03
C GLN F 18 36.94 -6.89 13.47
N ILE F 19 36.29 -6.94 12.31
CA ILE F 19 35.73 -5.79 11.70
C ILE F 19 34.36 -6.08 11.20
N LYS F 20 33.64 -5.00 11.06
CA LYS F 20 32.38 -4.98 10.38
C LYS F 20 32.53 -3.97 9.24
N VAL F 21 31.86 -4.22 8.10
CA VAL F 21 31.81 -3.22 7.07
C VAL F 21 30.40 -2.71 7.00
N LEU F 22 30.23 -1.38 6.99
CA LEU F 22 28.97 -0.78 6.75
C LEU F 22 28.90 -0.29 5.30
N TYR F 23 27.69 -0.27 4.78
CA TYR F 23 27.45 0.06 3.38
C TYR F 23 26.30 1.03 3.25
N ALA F 24 26.45 1.95 2.29
CA ALA F 24 25.34 2.84 1.92
C ALA F 24 25.24 2.87 0.43
N ASN F 25 24.12 2.44 -0.11
CA ASN F 25 23.89 2.48 -1.56
C ASN F 25 23.54 3.92 -1.92
N LYS F 26 24.35 4.55 -2.76
CA LYS F 26 24.06 5.86 -3.29
C LYS F 26 23.61 5.91 -4.72
N GLU F 27 23.16 4.78 -5.28
CA GLU F 27 22.41 4.77 -6.56
C GLU F 27 21.28 3.74 -6.47
N THR F 28 20.07 4.25 -6.27
CA THR F 28 18.87 3.40 -6.15
C THR F 28 18.29 2.98 -7.49
N ASN F 29 18.72 3.60 -8.58
CA ASN F 29 18.29 3.10 -9.87
C ASN F 29 19.00 1.79 -10.22
N SER F 30 18.21 0.81 -10.62
CA SER F 30 18.73 -0.46 -11.01
C SER F 30 19.55 -0.27 -12.28
N THR F 31 19.11 0.64 -13.15
CA THR F 31 19.81 0.94 -14.38
C THR F 31 20.55 2.24 -14.13
N THR F 32 21.88 2.15 -14.21
CA THR F 32 22.74 3.27 -13.94
C THR F 32 24.07 3.01 -14.71
N ASN F 33 24.73 4.07 -15.14
CA ASN F 33 26.09 3.99 -15.61
C ASN F 33 27.11 4.06 -14.48
N THR F 34 26.66 4.27 -13.25
CA THR F 34 27.55 4.49 -12.09
C THR F 34 26.98 3.78 -10.86
N ILE F 35 27.71 2.73 -10.45
CA ILE F 35 27.48 2.10 -9.19
C ILE F 35 28.12 2.91 -8.05
N ARG F 36 27.42 3.05 -6.95
CA ARG F 36 27.90 3.82 -5.83
C ARG F 36 27.77 3.09 -4.48
N PRO F 37 28.72 2.22 -4.21
CA PRO F 37 28.64 1.47 -2.93
C PRO F 37 29.52 2.15 -1.89
N TRP F 38 28.95 3.02 -1.08
CA TRP F 38 29.77 3.79 -0.11
C TRP F 38 29.97 2.88 1.06
N LEU F 39 31.12 2.99 1.70
CA LEU F 39 31.52 2.03 2.70
C LEU F 39 32.17 2.65 3.92
N LYS F 40 32.22 1.84 4.95
CA LYS F 40 32.93 2.23 6.12
C LYS F 40 33.48 0.97 6.73
N VAL F 41 34.67 1.03 7.32
CA VAL F 41 35.16 -0.11 8.13
C VAL F 41 35.14 0.25 9.63
N VAL F 42 34.59 -0.66 10.44
CA VAL F 42 34.47 -0.49 11.91
C VAL F 42 35.32 -1.60 12.54
N ASN F 43 36.22 -1.19 13.43
CA ASN F 43 36.96 -2.12 14.23
C ASN F 43 36.10 -2.38 15.50
N THR F 44 35.56 -3.60 15.60
CA THR F 44 34.71 -4.02 16.71
C THR F 44 35.46 -4.91 17.67
N GLY F 45 36.74 -5.18 17.39
CA GLY F 45 37.52 -6.11 18.19
C GLY F 45 38.28 -5.38 19.27
N SER F 46 39.20 -6.08 19.90
CA SER F 46 40.00 -5.53 21.00
C SER F 46 41.40 -5.07 20.53
N SER F 47 41.78 -5.38 19.29
CA SER F 47 43.10 -5.09 18.76
C SER F 47 43.03 -4.04 17.66
N SER F 48 44.08 -3.24 17.52
CA SER F 48 44.25 -2.36 16.36
C SER F 48 44.39 -3.08 15.08
N ILE F 49 43.95 -2.44 14.01
CA ILE F 49 44.14 -3.02 12.67
C ILE F 49 44.67 -1.97 11.69
N ASP F 50 45.77 -2.28 11.01
CA ASP F 50 46.28 -1.45 9.94
C ASP F 50 45.29 -1.58 8.83
N LEU F 51 44.76 -0.46 8.33
CA LEU F 51 43.78 -0.58 7.20
C LEU F 51 44.35 -1.25 5.94
N SER F 52 45.66 -1.17 5.70
CA SER F 52 46.25 -1.81 4.50
C SER F 52 46.09 -3.33 4.52
N ARG F 53 45.89 -3.94 5.69
CA ARG F 53 45.59 -5.38 5.80
C ARG F 53 44.16 -5.71 5.38
N VAL F 54 43.28 -4.71 5.29
CA VAL F 54 41.85 -4.92 5.08
C VAL F 54 41.50 -4.79 3.62
N THR F 55 40.73 -5.73 3.09
CA THR F 55 40.16 -5.58 1.76
C THR F 55 38.68 -5.81 1.85
N ILE F 56 37.96 -5.20 0.89
CA ILE F 56 36.52 -5.28 0.85
C ILE F 56 36.15 -5.62 -0.58
N ARG F 57 35.15 -6.47 -0.74
CA ARG F 57 34.71 -6.84 -2.08
C ARG F 57 33.23 -6.58 -2.30
N TYR F 58 32.95 -5.90 -3.41
CA TYR F 58 31.62 -5.64 -3.90
C TYR F 58 31.48 -6.53 -5.15
N TRP F 59 30.59 -7.49 -5.03
CA TRP F 59 30.43 -8.57 -6.02
C TRP F 59 29.28 -8.23 -6.93
N TYR F 60 29.44 -8.43 -8.21
CA TYR F 60 28.43 -7.92 -9.18
C TYR F 60 28.64 -8.47 -10.60
N THR F 61 27.63 -8.24 -11.45
CA THR F 61 27.62 -8.71 -12.84
C THR F 61 27.82 -7.47 -13.67
N VAL F 62 28.90 -7.47 -14.45
CA VAL F 62 29.34 -6.33 -15.20
C VAL F 62 28.34 -5.88 -16.28
N ASP F 63 27.47 -6.80 -16.74
CA ASP F 63 26.43 -6.54 -17.80
C ASP F 63 27.04 -6.02 -19.08
N GLY F 64 27.88 -6.88 -19.63
CA GLY F 64 28.63 -6.50 -20.84
C GLY F 64 29.98 -6.00 -20.43
N ASP F 65 30.93 -6.89 -20.54
CA ASP F 65 32.29 -6.64 -20.12
C ASP F 65 32.89 -5.44 -20.85
N ARG F 66 33.47 -4.54 -20.07
CA ARG F 66 34.15 -3.34 -20.53
C ARG F 66 35.27 -3.06 -19.56
N ALA F 67 36.25 -2.28 -20.00
CA ALA F 67 37.15 -1.61 -19.09
C ALA F 67 36.29 -0.88 -18.06
N GLN F 68 36.78 -0.89 -16.81
CA GLN F 68 36.10 -0.27 -15.72
C GLN F 68 36.99 0.71 -14.98
N SER F 69 36.34 1.68 -14.38
CA SER F 69 37.00 2.66 -13.54
C SER F 69 36.27 2.86 -12.23
N ALA F 70 37.01 2.92 -11.12
CA ALA F 70 36.45 3.26 -9.81
C ALA F 70 37.13 4.50 -9.27
N ILE F 71 36.37 5.36 -8.61
CA ILE F 71 36.88 6.60 -8.05
C ILE F 71 36.23 6.81 -6.66
N SER F 72 37.07 7.14 -5.68
CA SER F 72 36.60 7.72 -4.45
C SER F 72 36.68 9.23 -4.59
N ASP F 73 35.55 9.91 -4.65
CA ASP F 73 35.58 11.38 -4.72
C ASP F 73 35.98 12.03 -3.39
N TRP F 74 35.82 11.26 -2.32
CA TRP F 74 36.04 11.75 -0.97
C TRP F 74 36.00 10.55 -0.03
N ALA F 75 36.87 10.59 0.95
CA ALA F 75 36.90 9.60 1.99
C ALA F 75 37.46 10.30 3.20
N GLN F 76 36.91 10.05 4.39
CA GLN F 76 37.38 10.67 5.65
C GLN F 76 38.86 10.44 5.85
N ILE F 77 39.30 9.23 5.50
CA ILE F 77 40.72 8.86 5.54
C ILE F 77 41.55 9.47 4.43
N GLY F 78 40.93 10.22 3.52
CA GLY F 78 41.64 10.72 2.34
C GLY F 78 41.40 9.78 1.17
N ALA F 79 40.72 10.30 0.17
CA ALA F 79 40.35 9.52 -1.00
C ALA F 79 41.54 8.85 -1.68
N SER F 80 42.68 9.54 -1.70
CA SER F 80 43.90 8.98 -2.29
C SER F 80 44.48 7.77 -1.55
N ASN F 81 43.98 7.51 -0.33
CA ASN F 81 44.31 6.29 0.40
C ASN F 81 43.45 5.05 0.11
N VAL F 82 42.46 5.18 -0.76
CA VAL F 82 41.65 4.05 -1.19
C VAL F 82 42.25 3.51 -2.47
N THR F 83 42.38 2.18 -2.55
CA THR F 83 42.84 1.46 -3.76
C THR F 83 41.67 0.67 -4.32
N PHE F 84 41.69 0.50 -5.60
CA PHE F 84 40.66 -0.26 -6.31
C PHE F 84 41.25 -1.28 -7.23
N LYS F 85 40.67 -2.45 -7.27
CA LYS F 85 41.08 -3.46 -8.22
C LYS F 85 39.81 -4.17 -8.68
N PHE F 86 39.61 -4.22 -9.99
CA PHE F 86 38.56 -5.01 -10.60
C PHE F 86 39.02 -6.43 -10.87
N VAL F 87 38.28 -7.43 -10.37
CA VAL F 87 38.66 -8.82 -10.60
C VAL F 87 37.49 -9.44 -11.32
N LYS F 88 37.73 -9.86 -12.58
CA LYS F 88 36.79 -10.69 -13.32
C LYS F 88 36.86 -12.13 -12.80
N LEU F 89 35.74 -12.65 -12.32
CA LEU F 89 35.72 -14.00 -11.78
C LEU F 89 36.09 -15.02 -12.87
N SER F 90 36.97 -15.98 -12.54
CA SER F 90 37.21 -17.12 -13.46
C SER F 90 35.93 -17.88 -13.85
N SER F 91 35.02 -18.06 -12.89
CA SER F 91 33.70 -18.64 -13.08
C SER F 91 32.70 -17.67 -12.50
N SER F 92 31.71 -17.29 -13.28
CA SER F 92 30.63 -16.48 -12.77
C SER F 92 29.80 -17.32 -11.80
N VAL F 93 29.20 -16.64 -10.82
CA VAL F 93 28.37 -17.27 -9.80
C VAL F 93 27.13 -16.43 -9.54
N SER F 94 26.27 -16.95 -8.68
CA SER F 94 25.17 -16.22 -8.03
C SER F 94 25.39 -14.70 -8.01
N GLY F 95 24.84 -13.98 -8.94
CA GLY F 95 24.98 -12.51 -8.99
C GLY F 95 26.37 -11.89 -9.03
N ALA F 96 27.35 -12.60 -9.58
CA ALA F 96 28.66 -12.04 -9.74
C ALA F 96 29.45 -12.68 -10.88
N ASP F 97 30.06 -11.83 -11.69
CA ASP F 97 31.11 -12.26 -12.60
C ASP F 97 32.35 -11.40 -12.41
N TYR F 98 32.27 -10.47 -11.45
CA TYR F 98 33.33 -9.58 -11.05
C TYR F 98 33.17 -9.24 -9.58
N TYR F 99 34.29 -8.88 -8.96
CA TYR F 99 34.20 -8.01 -7.84
C TYR F 99 35.11 -6.84 -7.99
N LEU F 100 34.73 -5.79 -7.33
CA LEU F 100 35.57 -4.60 -7.16
C LEU F 100 36.15 -4.81 -5.79
N GLU F 101 37.46 -4.80 -5.70
CA GLU F 101 38.12 -4.94 -4.43
C GLU F 101 38.64 -3.62 -3.94
N ILE F 102 38.20 -3.24 -2.74
CA ILE F 102 38.58 -1.98 -2.14
C ILE F 102 39.64 -2.29 -1.12
N GLY F 103 40.74 -1.55 -1.18
CA GLY F 103 41.85 -1.67 -0.25
C GLY F 103 42.30 -0.33 0.23
N PHE F 104 43.36 -0.35 1.02
CA PHE F 104 43.83 0.84 1.73
C PHE F 104 45.32 0.94 1.68
N LYS F 105 45.84 2.13 1.34
CA LYS F 105 47.31 2.37 1.40
C LYS F 105 47.69 2.49 2.87
N SER F 106 49.01 2.49 3.11
CA SER F 106 49.50 2.65 4.49
C SER F 106 49.09 4.02 5.01
N GLY F 107 48.97 5.03 4.15
CA GLY F 107 48.44 6.33 4.57
C GLY F 107 47.01 6.34 5.14
N ALA F 108 46.27 5.26 5.01
CA ALA F 108 44.98 5.15 5.67
C ALA F 108 45.14 4.96 7.17
N GLY F 109 46.32 4.49 7.59
CA GLY F 109 46.64 4.36 9.00
C GLY F 109 45.99 3.13 9.62
N GLN F 110 45.82 3.17 10.95
CA GLN F 110 45.33 2.09 11.79
C GLN F 110 43.92 2.39 12.22
N LEU F 111 43.17 1.35 12.52
CA LEU F 111 41.84 1.50 12.98
C LEU F 111 41.82 0.97 14.40
N GLN F 112 41.40 1.80 15.35
CA GLN F 112 41.46 1.46 16.79
C GLN F 112 40.17 0.75 17.17
N PRO F 113 40.21 -0.06 18.25
CA PRO F 113 39.04 -0.72 18.81
C PRO F 113 37.89 0.24 19.04
N GLY F 114 36.70 -0.11 18.54
CA GLY F 114 35.55 0.75 18.69
C GLY F 114 35.54 1.96 17.77
N LYS F 115 36.45 2.02 16.81
CA LYS F 115 36.51 3.13 15.86
C LYS F 115 36.22 2.69 14.42
N ASP F 116 35.92 3.68 13.58
CA ASP F 116 35.68 3.45 12.19
C ASP F 116 36.42 4.44 11.29
N THR F 117 36.42 4.15 9.99
CA THR F 117 37.15 4.88 8.98
C THR F 117 36.45 6.21 8.63
N GLY F 118 35.23 6.41 9.13
CA GLY F 118 34.34 7.35 8.54
C GLY F 118 34.00 6.87 7.12
N GLU F 119 33.24 7.72 6.48
CA GLU F 119 32.67 7.47 5.17
C GLU F 119 33.77 7.25 4.11
N ILE F 120 33.62 6.22 3.29
CA ILE F 120 34.41 6.07 2.10
C ILE F 120 33.44 6.14 0.93
N GLN F 121 33.50 7.21 0.16
CA GLN F 121 32.69 7.28 -1.06
C GLN F 121 33.35 6.51 -2.16
N ILE F 122 32.52 5.79 -2.91
CA ILE F 122 32.99 5.01 -4.04
C ILE F 122 31.98 5.16 -5.15
N ARG F 123 32.50 5.24 -6.35
CA ARG F 123 31.65 5.10 -7.56
C ARG F 123 32.44 4.35 -8.57
N PHE F 124 31.76 3.55 -9.41
CA PHE F 124 32.48 3.00 -10.56
C PHE F 124 31.59 2.84 -11.80
N ASN F 125 32.25 2.81 -12.96
CA ASN F 125 31.59 2.85 -14.24
C ASN F 125 32.37 2.07 -15.28
N LYS F 126 31.72 1.79 -16.40
CA LYS F 126 32.41 1.19 -17.56
C LYS F 126 32.95 2.31 -18.38
N SER F 127 34.03 2.06 -19.11
CA SER F 127 34.78 3.16 -19.72
C SER F 127 34.02 3.85 -20.86
N ASP F 128 33.08 3.13 -21.43
CA ASP F 128 32.20 3.77 -22.45
C ASP F 128 30.89 4.30 -21.81
N TRP F 129 30.82 4.35 -20.47
CA TRP F 129 29.63 4.78 -19.74
C TRP F 129 28.36 4.00 -20.07
N SER F 130 28.51 2.77 -20.50
CA SER F 130 27.37 1.88 -20.71
C SER F 130 26.73 1.51 -19.36
N ASN F 131 25.46 1.18 -19.41
CA ASN F 131 24.67 0.98 -18.17
C ASN F 131 24.99 -0.37 -17.52
N TYR F 132 24.93 -0.37 -16.22
CA TYR F 132 24.86 -1.55 -15.42
C TYR F 132 23.40 -1.78 -15.13
N ASN F 133 23.07 -3.04 -14.88
CA ASN F 133 21.87 -3.49 -14.18
C ASN F 133 22.29 -3.90 -12.73
N GLN F 134 21.91 -3.14 -11.74
CA GLN F 134 22.31 -3.46 -10.35
C GLN F 134 21.51 -4.62 -9.78
N GLY F 135 20.34 -4.90 -10.37
CA GLY F 135 19.39 -5.83 -9.78
C GLY F 135 19.83 -7.26 -9.85
N ASN F 136 20.87 -7.55 -10.62
CA ASN F 136 21.46 -8.88 -10.68
C ASN F 136 22.83 -8.94 -10.08
N ASP F 137 23.03 -8.08 -9.09
CA ASP F 137 24.30 -7.91 -8.41
C ASP F 137 24.19 -8.46 -7.01
N TRP F 138 25.04 -9.39 -6.71
CA TRP F 138 25.11 -9.98 -5.33
C TRP F 138 25.11 -8.94 -4.22
N SER F 139 26.02 -8.00 -4.31
CA SER F 139 26.24 -7.05 -3.21
C SER F 139 25.31 -5.85 -3.18
N TRP F 140 24.46 -5.64 -4.17
CA TRP F 140 23.62 -4.48 -4.16
C TRP F 140 22.52 -4.59 -3.09
N LEU F 141 22.34 -3.56 -2.29
CA LEU F 141 21.21 -3.52 -1.34
C LEU F 141 20.52 -2.24 -1.57
N GLN F 142 19.58 -2.27 -2.50
CA GLN F 142 18.90 -1.09 -3.00
C GLN F 142 18.41 -0.17 -1.91
N SER F 143 17.75 -0.75 -0.91
CA SER F 143 17.11 -0.01 0.14
C SER F 143 18.03 0.49 1.23
N MET F 144 19.21 -0.12 1.42
CA MET F 144 20.15 0.42 2.44
C MET F 144 20.87 1.69 1.91
N THR F 145 20.18 2.82 1.93
CA THR F 145 20.72 4.09 1.41
C THR F 145 21.47 4.85 2.48
N SER F 146 21.22 4.52 3.74
CA SER F 146 22.05 4.96 4.88
C SER F 146 22.96 3.84 5.34
N TYR F 147 24.06 4.22 5.97
CA TYR F 147 25.02 3.20 6.37
C TYR F 147 24.37 2.12 7.21
N GLY F 148 24.46 0.89 6.72
CA GLY F 148 24.01 -0.28 7.47
C GLY F 148 24.85 -1.49 7.19
N GLU F 149 24.45 -2.59 7.78
CA GLU F 149 25.15 -3.87 7.60
C GLU F 149 24.67 -4.57 6.36
N ASN F 150 25.43 -4.47 5.28
CA ASN F 150 25.23 -5.25 4.07
C ASN F 150 26.19 -6.44 4.11
N VAL F 151 25.63 -7.61 4.43
CA VAL F 151 26.47 -8.78 4.59
C VAL F 151 26.97 -9.34 3.27
N LYS F 152 26.44 -8.88 2.15
CA LYS F 152 26.89 -9.36 0.85
C LYS F 152 28.03 -8.55 0.25
N VAL F 153 28.44 -7.50 0.95
CA VAL F 153 29.75 -6.91 0.78
C VAL F 153 30.67 -7.61 1.76
N THR F 154 31.73 -8.24 1.25
CA THR F 154 32.56 -9.09 2.10
C THR F 154 33.87 -8.40 2.36
N ALA F 155 34.46 -8.72 3.50
CA ALA F 155 35.71 -8.07 3.88
C ALA F 155 36.68 -9.05 4.45
N TYR F 156 37.95 -8.70 4.36
CA TYR F 156 39.03 -9.65 4.59
C TYR F 156 40.10 -8.89 5.35
N ILE F 157 40.75 -9.62 6.25
CA ILE F 157 42.01 -9.20 6.87
C ILE F 157 43.10 -10.19 6.41
N ASP F 158 44.11 -9.65 5.71
CA ASP F 158 45.19 -10.43 5.09
C ASP F 158 44.62 -11.46 4.16
N GLY F 159 43.62 -11.05 3.37
CA GLY F 159 43.01 -11.94 2.44
C GLY F 159 42.15 -13.04 3.01
N VAL F 160 41.81 -13.02 4.29
CA VAL F 160 40.98 -14.08 4.91
C VAL F 160 39.63 -13.48 5.21
N LEU F 161 38.57 -14.21 4.89
CA LEU F 161 37.26 -13.67 4.98
C LEU F 161 36.95 -13.52 6.46
N VAL F 162 36.55 -12.30 6.89
CA VAL F 162 36.18 -12.04 8.26
C VAL F 162 34.84 -11.32 8.41
N TRP F 163 34.20 -10.96 7.29
CA TRP F 163 32.90 -10.30 7.31
C TRP F 163 32.18 -10.64 6.01
N GLY F 164 30.90 -10.91 6.13
CA GLY F 164 30.07 -11.08 4.99
C GLY F 164 29.97 -12.50 4.51
N GLN F 165 29.07 -12.66 3.54
CA GLN F 165 28.82 -13.92 2.85
C GLN F 165 29.22 -13.70 1.41
N GLU F 166 30.16 -14.52 0.95
CA GLU F 166 30.52 -14.49 -0.46
C GLU F 166 29.43 -15.17 -1.29
N PRO F 167 29.39 -14.83 -2.60
CA PRO F 167 28.41 -15.48 -3.46
C PRO F 167 28.61 -17.01 -3.54
N SER F 168 27.51 -17.74 -3.56
CA SER F 168 27.52 -19.21 -3.61
C SER F 168 28.15 -19.69 -4.92
N SER G 16 4.46 -22.99 -46.70
CA SER G 16 3.84 -24.21 -46.08
C SER G 16 2.66 -23.73 -45.21
N GLY G 17 2.70 -24.09 -43.92
CA GLY G 17 1.77 -23.58 -42.96
C GLY G 17 2.31 -22.53 -42.02
N GLN G 18 1.40 -22.03 -41.21
CA GLN G 18 1.70 -21.06 -40.19
C GLN G 18 1.13 -21.59 -38.86
N ILE G 19 1.98 -21.66 -37.85
CA ILE G 19 1.57 -22.09 -36.53
C ILE G 19 2.10 -21.14 -35.49
N LYS G 20 1.38 -21.08 -34.37
CA LYS G 20 1.89 -20.49 -33.14
C LYS G 20 1.91 -21.56 -32.02
N VAL G 21 2.86 -21.45 -31.10
CA VAL G 21 2.88 -22.34 -29.93
C VAL G 21 2.49 -21.54 -28.71
N LEU G 22 1.53 -22.09 -27.99
CA LEU G 22 1.12 -21.52 -26.74
C LEU G 22 1.76 -22.37 -25.63
N TYR G 23 2.08 -21.71 -24.53
CA TYR G 23 2.82 -22.26 -23.40
C TYR G 23 2.17 -21.87 -22.05
N ALA G 24 2.09 -22.84 -21.15
CA ALA G 24 1.69 -22.62 -19.77
C ALA G 24 2.72 -23.23 -18.86
N ASN G 25 3.33 -22.42 -18.04
CA ASN G 25 4.26 -22.89 -17.04
C ASN G 25 3.49 -23.45 -15.84
N LYS G 26 3.68 -24.75 -15.56
CA LYS G 26 3.08 -25.39 -14.43
C LYS G 26 4.06 -25.69 -13.28
N GLU G 27 5.22 -25.07 -13.30
CA GLU G 27 6.10 -25.08 -12.15
C GLU G 27 6.71 -23.69 -11.95
N THR G 28 6.13 -22.92 -11.01
CA THR G 28 6.65 -21.60 -10.72
C THR G 28 7.93 -21.59 -9.91
N ASN G 29 8.24 -22.69 -9.21
CA ASN G 29 9.53 -22.73 -8.48
C ASN G 29 10.73 -22.79 -9.42
N SER G 30 11.65 -21.84 -9.27
CA SER G 30 12.85 -21.86 -10.04
C SER G 30 13.68 -23.07 -9.67
N THR G 31 13.68 -23.45 -8.41
CA THR G 31 14.33 -24.68 -8.04
C THR G 31 13.29 -25.78 -8.05
N THR G 32 13.45 -26.82 -8.87
CA THR G 32 12.43 -27.88 -8.92
C THR G 32 13.06 -29.12 -9.45
N ASN G 33 12.53 -30.28 -9.09
CA ASN G 33 12.97 -31.51 -9.75
C ASN G 33 12.18 -31.85 -11.07
N THR G 34 11.11 -31.09 -11.35
CA THR G 34 10.26 -31.39 -12.47
C THR G 34 9.90 -30.12 -13.19
N ILE G 35 10.34 -30.00 -14.44
CA ILE G 35 9.95 -28.89 -15.30
C ILE G 35 8.65 -29.25 -16.04
N ARG G 36 7.75 -28.29 -16.16
CA ARG G 36 6.38 -28.55 -16.61
C ARG G 36 6.00 -27.48 -17.65
N PRO G 37 6.46 -27.68 -18.88
CA PRO G 37 6.16 -26.71 -19.93
C PRO G 37 4.96 -27.19 -20.77
N TRP G 38 3.75 -26.83 -20.37
CA TRP G 38 2.57 -27.26 -21.06
C TRP G 38 2.45 -26.51 -22.36
N LEU G 39 1.96 -27.18 -23.37
CA LEU G 39 1.99 -26.59 -24.70
C LEU G 39 0.72 -26.85 -25.47
N LYS G 40 0.45 -25.95 -26.43
CA LYS G 40 -0.57 -26.10 -27.47
C LYS G 40 0.00 -25.62 -28.79
N VAL G 41 -0.44 -26.21 -29.89
CA VAL G 41 -0.07 -25.74 -31.24
C VAL G 41 -1.32 -25.24 -31.85
N VAL G 42 -1.27 -24.06 -32.47
CA VAL G 42 -2.43 -23.38 -33.08
C VAL G 42 -2.04 -23.20 -34.54
N ASN G 43 -2.89 -23.63 -35.47
CA ASN G 43 -2.66 -23.40 -36.92
C ASN G 43 -3.30 -22.03 -37.25
N THR G 44 -2.47 -21.06 -37.59
CA THR G 44 -2.97 -19.73 -37.81
C THR G 44 -3.07 -19.38 -39.32
N GLY G 45 -2.61 -20.29 -40.17
CA GLY G 45 -2.57 -20.09 -41.60
C GLY G 45 -3.84 -20.59 -42.27
N SER G 46 -3.71 -20.90 -43.55
CA SER G 46 -4.86 -21.23 -44.41
C SER G 46 -4.84 -22.70 -44.92
N SER G 47 -3.79 -23.44 -44.64
CA SER G 47 -3.61 -24.81 -45.07
C SER G 47 -3.60 -25.70 -43.83
N SER G 48 -3.97 -26.96 -43.98
CA SER G 48 -3.86 -27.91 -42.89
C SER G 48 -2.45 -28.30 -42.73
N ILE G 49 -2.12 -28.68 -41.49
CA ILE G 49 -0.82 -29.23 -41.16
C ILE G 49 -0.96 -30.59 -40.48
N ASP G 50 -0.26 -31.60 -40.99
CA ASP G 50 -0.14 -32.85 -40.29
C ASP G 50 0.76 -32.62 -39.11
N LEU G 51 0.28 -32.87 -37.92
CA LEU G 51 1.10 -32.63 -36.70
C LEU G 51 2.39 -33.37 -36.68
N SER G 52 2.50 -34.50 -37.37
CA SER G 52 3.81 -35.19 -37.48
C SER G 52 4.94 -34.38 -38.12
N ARG G 53 4.60 -33.38 -38.93
CA ARG G 53 5.63 -32.50 -39.51
C ARG G 53 6.17 -31.43 -38.51
N VAL G 54 5.41 -31.20 -37.44
CA VAL G 54 5.68 -30.19 -36.45
C VAL G 54 6.56 -30.68 -35.30
N THR G 55 7.57 -29.89 -34.97
CA THR G 55 8.34 -30.08 -33.77
C THR G 55 8.38 -28.76 -32.98
N ILE G 56 8.58 -28.92 -31.67
CA ILE G 56 8.66 -27.83 -30.78
C ILE G 56 9.88 -28.06 -29.90
N ARG G 57 10.58 -26.98 -29.58
CA ARG G 57 11.77 -27.01 -28.75
C ARG G 57 11.68 -26.17 -27.54
N TYR G 58 11.93 -26.79 -26.39
CA TYR G 58 12.05 -26.12 -25.16
C TYR G 58 13.51 -26.12 -24.78
N TRP G 59 14.05 -24.92 -24.65
CA TRP G 59 15.49 -24.72 -24.54
C TRP G 59 15.86 -24.36 -23.11
N TYR G 60 16.89 -25.00 -22.61
CA TYR G 60 17.14 -24.94 -21.19
C TYR G 60 18.53 -25.45 -20.82
N THR G 61 18.91 -25.14 -19.60
CA THR G 61 20.19 -25.55 -18.99
C THR G 61 19.87 -26.62 -18.00
N VAL G 62 20.40 -27.78 -18.28
CA VAL G 62 20.13 -28.97 -17.56
C VAL G 62 20.55 -28.92 -16.10
N ASP G 63 21.59 -28.15 -15.77
CA ASP G 63 22.07 -27.95 -14.39
C ASP G 63 22.54 -29.25 -13.77
N GLY G 64 23.55 -29.83 -14.42
CA GLY G 64 24.11 -31.09 -13.96
C GLY G 64 23.51 -32.19 -14.76
N ASP G 65 24.25 -32.65 -15.76
CA ASP G 65 23.73 -33.48 -16.80
C ASP G 65 23.56 -34.91 -16.30
N ARG G 66 22.36 -35.43 -16.50
CA ARG G 66 21.96 -36.76 -16.06
C ARG G 66 21.02 -37.23 -17.13
N ALA G 67 20.68 -38.52 -17.10
CA ALA G 67 19.56 -38.98 -17.93
C ALA G 67 18.26 -38.16 -17.63
N GLN G 68 17.46 -37.91 -18.66
CA GLN G 68 16.22 -37.22 -18.49
C GLN G 68 15.10 -38.03 -19.06
N SER G 69 13.95 -37.89 -18.43
CA SER G 69 12.70 -38.47 -18.86
C SER G 69 11.63 -37.40 -18.98
N ALA G 70 10.87 -37.42 -20.09
CA ALA G 70 9.76 -36.56 -20.27
C ALA G 70 8.52 -37.42 -20.46
N ILE G 71 7.41 -36.94 -19.90
CA ILE G 71 6.14 -37.68 -19.89
C ILE G 71 5.03 -36.68 -20.14
N SER G 72 4.08 -37.00 -21.02
CA SER G 72 2.85 -36.28 -21.11
C SER G 72 1.86 -37.10 -20.33
N ASP G 73 1.34 -36.55 -19.24
CA ASP G 73 0.33 -37.29 -18.43
C ASP G 73 -1.00 -37.31 -19.14
N TRP G 74 -1.15 -36.37 -20.07
CA TRP G 74 -2.40 -36.15 -20.70
C TRP G 74 -2.23 -35.14 -21.79
N ALA G 75 -2.94 -35.41 -22.88
CA ALA G 75 -2.97 -34.52 -24.00
C ALA G 75 -4.30 -34.76 -24.70
N GLN G 76 -4.95 -33.69 -25.10
CA GLN G 76 -6.19 -33.76 -25.87
C GLN G 76 -6.06 -34.58 -27.14
N ILE G 77 -4.91 -34.47 -27.83
CA ILE G 77 -4.65 -35.35 -28.96
C ILE G 77 -4.31 -36.78 -28.57
N GLY G 78 -4.16 -37.04 -27.27
CA GLY G 78 -3.74 -38.34 -26.80
C GLY G 78 -2.29 -38.28 -26.45
N ALA G 79 -2.01 -38.45 -25.15
CA ALA G 79 -0.64 -38.38 -24.65
C ALA G 79 0.26 -39.33 -25.39
N SER G 80 -0.23 -40.51 -25.84
CA SER G 80 0.67 -41.49 -26.46
C SER G 80 1.20 -41.03 -27.84
N ASN G 81 0.53 -40.05 -28.46
CA ASN G 81 0.99 -39.41 -29.70
C ASN G 81 1.97 -38.27 -29.54
N VAL G 82 2.48 -38.05 -28.34
CA VAL G 82 3.49 -37.06 -28.08
C VAL G 82 4.84 -37.76 -27.97
N THR G 83 5.78 -37.36 -28.81
CA THR G 83 7.14 -37.81 -28.76
C THR G 83 8.06 -36.79 -28.08
N PHE G 84 9.07 -37.32 -27.44
CA PHE G 84 10.06 -36.52 -26.80
C PHE G 84 11.44 -36.92 -27.23
N LYS G 85 12.32 -35.94 -27.34
CA LYS G 85 13.75 -36.27 -27.56
C LYS G 85 14.56 -35.18 -26.94
N PHE G 86 15.48 -35.56 -26.07
CA PHE G 86 16.32 -34.65 -25.45
C PHE G 86 17.53 -34.47 -26.31
N VAL G 87 17.88 -33.22 -26.63
CA VAL G 87 19.03 -32.97 -27.49
C VAL G 87 19.98 -32.13 -26.72
N LYS G 88 21.20 -32.65 -26.56
CA LYS G 88 22.30 -31.91 -25.99
C LYS G 88 22.91 -31.04 -27.12
N LEU G 89 23.11 -29.76 -26.84
CA LEU G 89 23.70 -28.83 -27.79
C LEU G 89 25.21 -29.09 -27.88
N SER G 90 25.70 -29.25 -29.11
CA SER G 90 27.16 -29.30 -29.37
C SER G 90 27.89 -28.13 -28.79
N SER G 91 27.24 -26.98 -28.81
CA SER G 91 27.81 -25.75 -28.31
C SER G 91 26.75 -25.00 -27.49
N SER G 92 26.88 -25.03 -26.17
CA SER G 92 25.98 -24.31 -25.25
C SER G 92 25.98 -22.80 -25.45
N VAL G 93 24.84 -22.18 -25.16
CA VAL G 93 24.57 -20.79 -25.50
C VAL G 93 23.73 -20.14 -24.42
N SER G 94 23.31 -18.91 -24.67
CA SER G 94 22.47 -18.16 -23.75
C SER G 94 21.27 -18.99 -23.31
N GLY G 95 21.34 -19.49 -22.09
CA GLY G 95 20.18 -20.11 -21.45
C GLY G 95 19.86 -21.52 -21.89
N ALA G 96 20.78 -22.15 -22.62
CA ALA G 96 20.55 -23.49 -23.05
C ALA G 96 21.82 -24.23 -23.31
N ASP G 97 21.86 -25.45 -22.79
CA ASP G 97 22.75 -26.49 -23.27
C ASP G 97 21.98 -27.72 -23.72
N TYR G 98 20.64 -27.64 -23.68
CA TYR G 98 19.76 -28.69 -24.13
C TYR G 98 18.50 -28.13 -24.76
N TYR G 99 17.81 -28.96 -25.51
CA TYR G 99 16.40 -28.72 -25.67
C TYR G 99 15.70 -30.01 -25.62
N LEU G 100 14.47 -29.96 -25.14
CA LEU G 100 13.55 -31.03 -25.33
C LEU G 100 12.76 -30.73 -26.61
N GLU G 101 12.75 -31.71 -27.51
CA GLU G 101 11.99 -31.58 -28.72
C GLU G 101 10.75 -32.44 -28.58
N ILE G 102 9.62 -31.78 -28.76
CA ILE G 102 8.33 -32.35 -28.67
C ILE G 102 7.93 -32.53 -30.10
N GLY G 103 7.57 -33.75 -30.45
CA GLY G 103 7.02 -34.08 -31.77
C GLY G 103 5.72 -34.85 -31.63
N PHE G 104 5.19 -35.32 -32.75
CA PHE G 104 3.88 -35.92 -32.78
C PHE G 104 3.87 -37.11 -33.72
N LYS G 105 3.22 -38.18 -33.30
CA LYS G 105 3.10 -39.34 -34.17
C LYS G 105 1.98 -39.08 -35.21
N SER G 106 1.88 -39.98 -36.20
CA SER G 106 0.75 -39.98 -37.16
C SER G 106 -0.56 -39.91 -36.45
N GLY G 107 -0.69 -40.62 -35.32
CA GLY G 107 -1.98 -40.71 -34.65
C GLY G 107 -2.48 -39.37 -34.14
N ALA G 108 -1.58 -38.40 -33.99
CA ALA G 108 -1.96 -37.04 -33.64
C ALA G 108 -2.88 -36.38 -34.68
N GLY G 109 -2.82 -36.84 -35.95
CA GLY G 109 -3.72 -36.35 -36.97
C GLY G 109 -3.31 -34.97 -37.53
N GLN G 110 -4.28 -34.31 -38.15
CA GLN G 110 -4.09 -33.04 -38.87
C GLN G 110 -4.49 -31.90 -38.00
N LEU G 111 -3.82 -30.77 -38.16
CA LEU G 111 -4.29 -29.56 -37.54
C LEU G 111 -4.84 -28.65 -38.62
N GLN G 112 -6.13 -28.37 -38.57
CA GLN G 112 -6.75 -27.55 -39.58
C GLN G 112 -6.68 -26.08 -39.30
N PRO G 113 -6.86 -25.27 -40.34
CA PRO G 113 -6.75 -23.84 -40.12
C PRO G 113 -7.65 -23.33 -39.01
N GLY G 114 -7.13 -22.44 -38.18
CA GLY G 114 -7.92 -21.88 -37.09
C GLY G 114 -8.15 -22.83 -35.90
N LYS G 115 -7.49 -23.98 -35.88
CA LYS G 115 -7.70 -24.94 -34.79
C LYS G 115 -6.40 -25.07 -34.05
N ASP G 116 -6.50 -25.69 -32.89
CA ASP G 116 -5.35 -25.95 -32.09
C ASP G 116 -5.44 -27.36 -31.53
N THR G 117 -4.29 -27.84 -31.07
CA THR G 117 -4.16 -29.18 -30.58
C THR G 117 -4.87 -29.44 -29.24
N GLY G 118 -5.26 -28.40 -28.54
CA GLY G 118 -5.69 -28.52 -27.15
C GLY G 118 -4.43 -28.74 -26.34
N GLU G 119 -4.64 -28.98 -25.08
CA GLU G 119 -3.61 -28.95 -24.13
C GLU G 119 -2.68 -30.14 -24.35
N ILE G 120 -1.39 -29.87 -24.25
CA ILE G 120 -0.40 -30.92 -24.17
C ILE G 120 0.36 -30.76 -22.85
N GLN G 121 0.14 -31.69 -21.92
CA GLN G 121 0.83 -31.64 -20.64
C GLN G 121 2.15 -32.28 -20.82
N ILE G 122 3.14 -31.67 -20.21
CA ILE G 122 4.51 -32.12 -20.28
C ILE G 122 5.11 -31.93 -18.90
N ARG G 123 5.76 -32.98 -18.41
CA ARG G 123 6.70 -32.85 -17.33
C ARG G 123 8.01 -33.52 -17.69
N PHE G 124 9.11 -32.99 -17.16
CA PHE G 124 10.36 -33.72 -17.23
C PHE G 124 11.31 -33.54 -16.05
N ASN G 125 12.06 -34.60 -15.77
CA ASN G 125 12.93 -34.62 -14.62
C ASN G 125 14.22 -35.31 -14.98
N LYS G 126 15.22 -35.16 -14.11
CA LYS G 126 16.40 -36.01 -14.22
C LYS G 126 16.13 -37.36 -13.56
N SER G 127 16.77 -38.40 -14.09
CA SER G 127 16.62 -39.80 -13.58
C SER G 127 16.87 -40.01 -12.05
N ASP G 128 17.59 -39.08 -11.42
CA ASP G 128 17.92 -39.16 -9.99
C ASP G 128 17.12 -38.16 -9.18
N TRP G 129 16.13 -37.54 -9.82
CA TRP G 129 15.28 -36.51 -9.24
C TRP G 129 16.03 -35.29 -8.71
N SER G 130 17.26 -35.07 -9.22
CA SER G 130 18.05 -33.89 -8.80
C SER G 130 17.42 -32.62 -9.33
N ASN G 131 17.65 -31.50 -8.67
CA ASN G 131 17.01 -30.26 -9.10
C ASN G 131 17.55 -29.63 -10.37
N TYR G 132 16.63 -28.98 -11.05
CA TYR G 132 16.92 -27.97 -12.01
C TYR G 132 16.86 -26.61 -11.37
N ASN G 133 17.56 -25.65 -11.97
CA ASN G 133 17.32 -24.23 -11.81
C ASN G 133 16.67 -23.81 -13.16
N GLN G 134 15.45 -23.32 -13.06
CA GLN G 134 14.70 -22.92 -14.24
C GLN G 134 15.02 -21.47 -14.58
N GLY G 135 15.54 -20.72 -13.63
CA GLY G 135 15.81 -19.32 -13.86
C GLY G 135 16.91 -19.07 -14.86
N ASN G 136 17.72 -20.10 -15.19
CA ASN G 136 18.74 -19.96 -16.24
C ASN G 136 18.39 -20.74 -17.52
N ASP G 137 17.09 -20.84 -17.81
CA ASP G 137 16.57 -21.52 -18.98
C ASP G 137 15.99 -20.52 -19.96
N TRP G 138 16.50 -20.53 -21.15
CA TRP G 138 16.00 -19.67 -22.21
C TRP G 138 14.50 -19.71 -22.30
N SER G 139 13.91 -20.92 -22.30
CA SER G 139 12.51 -21.04 -22.64
C SER G 139 11.56 -20.89 -21.48
N TRP G 140 12.07 -20.75 -20.24
CA TRP G 140 11.17 -20.67 -19.09
C TRP G 140 10.52 -19.32 -18.99
N LEU G 141 9.23 -19.30 -18.73
CA LEU G 141 8.52 -18.04 -18.51
C LEU G 141 7.71 -18.26 -17.26
N GLN G 142 8.30 -17.91 -16.12
CA GLN G 142 7.79 -18.24 -14.79
C GLN G 142 6.36 -17.81 -14.58
N SER G 143 6.07 -16.57 -14.97
CA SER G 143 4.76 -15.98 -14.72
C SER G 143 3.65 -16.37 -15.73
N MET G 144 3.99 -16.94 -16.89
CA MET G 144 2.96 -17.36 -17.88
C MET G 144 2.45 -18.71 -17.43
N THR G 145 1.62 -18.66 -16.37
CA THR G 145 1.07 -19.83 -15.74
C THR G 145 -0.13 -20.33 -16.50
N SER G 146 -0.76 -19.45 -17.28
N SER G 146 -0.76 -19.44 -17.28
CA SER G 146 -1.84 -19.80 -18.17
CA SER G 146 -1.83 -19.78 -18.18
C SER G 146 -1.33 -19.62 -19.60
C SER G 146 -1.34 -19.60 -19.62
N TYR G 147 -1.97 -20.32 -20.53
CA TYR G 147 -1.51 -20.41 -21.91
C TYR G 147 -1.36 -19.02 -22.54
N GLY G 148 -0.19 -18.79 -23.11
CA GLY G 148 0.15 -17.52 -23.76
C GLY G 148 1.29 -17.75 -24.72
N GLU G 149 1.85 -16.67 -25.24
CA GLU G 149 2.80 -16.76 -26.32
C GLU G 149 4.19 -16.66 -25.78
N ASN G 150 4.82 -17.81 -25.61
CA ASN G 150 6.17 -17.85 -25.15
C ASN G 150 6.99 -18.06 -26.41
N VAL G 151 7.63 -16.99 -26.83
CA VAL G 151 8.32 -16.97 -28.12
C VAL G 151 9.69 -17.63 -28.00
N LYS G 152 10.12 -17.96 -26.78
CA LYS G 152 11.35 -18.70 -26.63
C LYS G 152 11.18 -20.21 -26.57
N VAL G 153 9.94 -20.68 -26.72
CA VAL G 153 9.66 -22.05 -27.11
C VAL G 153 9.54 -21.99 -28.61
N THR G 154 10.38 -22.73 -29.32
CA THR G 154 10.39 -22.64 -30.79
C THR G 154 9.69 -23.81 -31.44
N ALA G 155 9.19 -23.56 -32.62
CA ALA G 155 8.48 -24.58 -33.41
C ALA G 155 8.91 -24.62 -34.88
N TYR G 156 8.72 -25.76 -35.47
CA TYR G 156 9.34 -26.05 -36.77
C TYR G 156 8.34 -26.86 -37.55
N ILE G 157 8.34 -26.63 -38.86
CA ILE G 157 7.58 -27.44 -39.77
C ILE G 157 8.58 -28.05 -40.72
N ASP G 158 8.63 -29.36 -40.75
CA ASP G 158 9.68 -30.05 -41.54
C ASP G 158 11.08 -29.58 -41.21
N GLY G 159 11.34 -29.31 -39.93
CA GLY G 159 12.67 -28.89 -39.53
C GLY G 159 13.02 -27.42 -39.70
N VAL G 160 12.12 -26.64 -40.29
CA VAL G 160 12.38 -25.25 -40.54
C VAL G 160 11.66 -24.41 -39.49
N LEU G 161 12.40 -23.49 -38.88
CA LEU G 161 11.84 -22.55 -37.93
C LEU G 161 10.74 -21.72 -38.52
N VAL G 162 9.55 -21.77 -37.89
CA VAL G 162 8.39 -20.98 -38.24
C VAL G 162 7.76 -20.26 -37.05
N TRP G 163 8.20 -20.54 -35.81
CA TRP G 163 7.72 -19.83 -34.66
C TRP G 163 8.83 -19.68 -33.61
N GLY G 164 8.94 -18.47 -33.10
CA GLY G 164 9.74 -18.27 -31.96
C GLY G 164 11.13 -17.91 -32.30
N GLN G 165 11.85 -17.61 -31.23
CA GLN G 165 13.24 -17.19 -31.24
C GLN G 165 14.15 -18.27 -30.64
N GLU G 166 15.07 -18.79 -31.44
CA GLU G 166 16.07 -19.69 -30.94
C GLU G 166 17.07 -18.93 -30.05
N PRO G 167 17.69 -19.60 -29.06
CA PRO G 167 18.72 -18.90 -28.32
C PRO G 167 19.88 -18.48 -29.22
N SER G 168 20.42 -17.30 -28.96
CA SER G 168 21.65 -16.79 -29.63
C SER G 168 22.67 -17.88 -30.03
N GLY H 17 -12.02 -43.90 -24.47
CA GLY H 17 -12.25 -43.21 -23.16
C GLY H 17 -11.21 -42.15 -22.83
N GLN H 18 -11.62 -40.88 -22.83
CA GLN H 18 -10.74 -39.79 -22.45
C GLN H 18 -11.47 -38.89 -21.49
N ILE H 19 -10.88 -38.67 -20.31
CA ILE H 19 -11.37 -37.70 -19.33
C ILE H 19 -10.31 -36.78 -18.76
N LYS H 20 -10.79 -35.67 -18.19
CA LYS H 20 -10.05 -34.80 -17.30
C LYS H 20 -10.76 -34.81 -15.95
N VAL H 21 -9.99 -34.67 -14.85
CA VAL H 21 -10.61 -34.33 -13.58
C VAL H 21 -10.26 -32.90 -13.26
N LEU H 22 -11.28 -32.13 -12.86
CA LEU H 22 -11.10 -30.81 -12.34
C LEU H 22 -11.23 -30.86 -10.80
N TYR H 23 -10.46 -30.02 -10.13
CA TYR H 23 -10.38 -29.97 -8.69
C TYR H 23 -10.61 -28.56 -8.16
N ALA H 24 -11.26 -28.46 -7.01
CA ALA H 24 -11.31 -27.18 -6.30
C ALA H 24 -11.10 -27.46 -4.83
N ASN H 25 -10.01 -26.92 -4.32
CA ASN H 25 -9.72 -26.99 -2.91
C ASN H 25 -10.60 -26.11 -2.04
N LYS H 26 -11.40 -26.71 -1.14
CA LYS H 26 -12.22 -25.93 -0.29
C LYS H 26 -11.77 -25.88 1.16
N GLU H 27 -10.53 -26.22 1.43
CA GLU H 27 -9.91 -25.95 2.71
C GLU H 27 -8.49 -25.46 2.48
N THR H 28 -8.28 -24.17 2.56
CA THR H 28 -6.95 -23.61 2.31
C THR H 28 -5.99 -23.72 3.50
N ASN H 29 -6.49 -23.97 4.71
CA ASN H 29 -5.59 -24.21 5.85
C ASN H 29 -4.90 -25.56 5.77
N SER H 30 -3.58 -25.53 5.88
CA SER H 30 -2.82 -26.77 5.82
C SER H 30 -3.19 -27.63 7.04
N THR H 31 -3.48 -27.00 8.17
CA THR H 31 -3.84 -27.72 9.40
C THR H 31 -5.31 -27.71 9.47
N THR H 32 -5.93 -28.87 9.30
CA THR H 32 -7.36 -28.92 9.34
C THR H 32 -7.80 -30.28 9.72
N ASN H 33 -8.98 -30.38 10.29
CA ASN H 33 -9.54 -31.72 10.55
C ASN H 33 -10.37 -32.29 9.37
N THR H 34 -10.57 -31.47 8.34
CA THR H 34 -11.48 -31.81 7.25
C THR H 34 -10.82 -31.40 5.97
N ILE H 35 -10.45 -32.39 5.16
CA ILE H 35 -9.96 -32.16 3.82
C ILE H 35 -11.19 -32.05 2.87
N ARG H 36 -11.13 -31.09 1.95
CA ARG H 36 -12.23 -30.80 1.06
C ARG H 36 -11.80 -30.72 -0.42
N PRO H 37 -11.65 -31.88 -1.09
CA PRO H 37 -11.20 -31.92 -2.46
C PRO H 37 -12.41 -32.04 -3.39
N TRP H 38 -12.92 -30.93 -3.88
CA TRP H 38 -14.15 -30.94 -4.68
C TRP H 38 -13.74 -31.28 -6.09
N LEU H 39 -14.56 -32.06 -6.77
CA LEU H 39 -14.13 -32.65 -7.99
C LEU H 39 -15.19 -32.57 -9.08
N LYS H 40 -14.74 -32.72 -10.31
CA LYS H 40 -15.59 -32.75 -11.45
C LYS H 40 -14.93 -33.66 -12.46
N VAL H 41 -15.69 -34.47 -13.17
CA VAL H 41 -15.17 -35.30 -14.25
C VAL H 41 -15.72 -34.79 -15.61
N VAL H 42 -14.81 -34.64 -16.57
CA VAL H 42 -15.11 -34.06 -17.87
C VAL H 42 -14.79 -35.08 -18.92
N ASN H 43 -15.75 -35.36 -19.80
CA ASN H 43 -15.50 -36.29 -20.92
C ASN H 43 -14.98 -35.43 -22.07
N THR H 44 -13.72 -35.61 -22.39
CA THR H 44 -13.14 -34.88 -23.54
C THR H 44 -13.00 -35.74 -24.82
N GLY H 45 -13.27 -37.03 -24.73
CA GLY H 45 -13.18 -37.91 -25.87
C GLY H 45 -14.39 -37.79 -26.79
N SER H 46 -14.53 -38.78 -27.64
CA SER H 46 -15.52 -38.77 -28.69
C SER H 46 -16.59 -39.83 -28.46
N SER H 47 -16.44 -40.68 -27.45
CA SER H 47 -17.48 -41.61 -27.08
C SER H 47 -18.02 -41.33 -25.68
N SER H 48 -19.11 -42.00 -25.35
CA SER H 48 -19.72 -41.89 -24.04
C SER H 48 -18.95 -42.67 -23.05
N ILE H 49 -18.99 -42.18 -21.81
CA ILE H 49 -18.40 -42.93 -20.70
C ILE H 49 -19.39 -43.17 -19.62
N ASP H 50 -19.59 -44.43 -19.25
CA ASP H 50 -20.35 -44.76 -18.05
C ASP H 50 -19.51 -44.34 -16.79
N LEU H 51 -20.07 -43.48 -15.97
CA LEU H 51 -19.34 -43.00 -14.81
C LEU H 51 -18.90 -44.06 -13.88
N SER H 52 -19.61 -45.18 -13.83
CA SER H 52 -19.24 -46.26 -12.96
C SER H 52 -17.89 -46.87 -13.32
N ARG H 53 -17.39 -46.62 -14.52
CA ARG H 53 -16.11 -47.15 -14.91
C ARG H 53 -15.00 -46.19 -14.46
N VAL H 54 -15.34 -44.99 -14.02
CA VAL H 54 -14.35 -44.00 -13.63
C VAL H 54 -14.06 -44.05 -12.13
N THR H 55 -12.80 -44.02 -11.78
CA THR H 55 -12.40 -43.79 -10.40
C THR H 55 -11.40 -42.63 -10.35
N ILE H 56 -11.41 -41.91 -9.21
CA ILE H 56 -10.51 -40.83 -8.99
C ILE H 56 -9.79 -41.09 -7.66
N ARG H 57 -8.51 -40.75 -7.63
CA ARG H 57 -7.71 -40.92 -6.42
C ARG H 57 -7.11 -39.59 -5.93
N TYR H 58 -7.41 -39.27 -4.66
CA TYR H 58 -6.82 -38.15 -4.00
C TYR H 58 -5.79 -38.77 -3.06
N TRP H 59 -4.53 -38.45 -3.28
CA TRP H 59 -3.41 -39.13 -2.60
C TRP H 59 -2.96 -38.19 -1.49
N TYR H 60 -2.66 -38.74 -0.32
CA TYR H 60 -2.29 -37.90 0.83
C TYR H 60 -1.64 -38.71 1.95
N THR H 61 -1.11 -38.00 2.92
CA THR H 61 -0.55 -38.58 4.16
C THR H 61 -1.54 -38.30 5.30
N VAL H 62 -1.98 -39.36 5.93
CA VAL H 62 -3.05 -39.34 6.93
C VAL H 62 -2.64 -38.63 8.20
N ASP H 63 -1.34 -38.53 8.46
CA ASP H 63 -0.78 -37.80 9.62
C ASP H 63 -1.33 -38.31 10.98
N GLY H 64 -1.14 -39.61 11.24
CA GLY H 64 -1.68 -40.27 12.42
C GLY H 64 -2.86 -41.15 12.02
N ASP H 65 -2.60 -42.40 11.69
CA ASP H 65 -3.66 -43.23 11.19
C ASP H 65 -4.84 -43.38 12.18
N ARG H 66 -6.07 -43.23 11.65
CA ARG H 66 -7.30 -43.40 12.41
C ARG H 66 -8.31 -43.90 11.43
N ALA H 67 -9.46 -44.41 11.89
CA ALA H 67 -10.64 -44.54 11.01
C ALA H 67 -10.92 -43.19 10.33
N GLN H 68 -11.29 -43.22 9.05
CA GLN H 68 -11.61 -42.04 8.28
C GLN H 68 -12.97 -42.21 7.68
N SER H 69 -13.64 -41.10 7.44
CA SER H 69 -14.95 -41.04 6.86
C SER H 69 -14.95 -39.93 5.78
N ALA H 70 -15.57 -40.23 4.63
CA ALA H 70 -15.73 -39.25 3.55
C ALA H 70 -17.19 -39.12 3.26
N ILE H 71 -17.60 -37.87 3.06
CA ILE H 71 -19.01 -37.56 2.81
C ILE H 71 -19.10 -36.62 1.63
N SER H 72 -20.05 -36.85 0.73
CA SER H 72 -20.45 -35.86 -0.27
C SER H 72 -21.74 -35.23 0.24
N ASP H 73 -21.66 -33.98 0.61
CA ASP H 73 -22.86 -33.27 1.11
C ASP H 73 -23.82 -32.91 -0.06
N TRP H 74 -23.26 -32.87 -1.27
CA TRP H 74 -23.98 -32.47 -2.46
C TRP H 74 -23.10 -32.77 -3.67
N ALA H 75 -23.69 -33.41 -4.68
CA ALA H 75 -23.13 -33.50 -6.02
C ALA H 75 -24.26 -33.30 -7.04
N GLN H 76 -23.97 -32.66 -8.16
CA GLN H 76 -24.92 -32.51 -9.29
C GLN H 76 -25.53 -33.84 -9.74
N ILE H 77 -24.71 -34.89 -9.88
CA ILE H 77 -25.20 -36.27 -10.08
C ILE H 77 -25.93 -36.95 -8.89
N GLY H 78 -26.19 -36.24 -7.78
CA GLY H 78 -26.72 -36.88 -6.56
C GLY H 78 -25.59 -37.40 -5.68
N ALA H 79 -25.50 -36.91 -4.45
CA ALA H 79 -24.41 -37.30 -3.57
C ALA H 79 -24.42 -38.77 -3.31
N SER H 80 -25.62 -39.37 -3.28
CA SER H 80 -25.78 -40.81 -3.04
C SER H 80 -25.10 -41.73 -4.08
N ASN H 81 -24.86 -41.21 -5.29
CA ASN H 81 -24.12 -41.89 -6.34
C ASN H 81 -22.62 -41.84 -6.27
N VAL H 82 -22.07 -41.20 -5.25
CA VAL H 82 -20.64 -41.07 -5.08
C VAL H 82 -20.20 -42.10 -4.08
N THR H 83 -19.16 -42.85 -4.41
CA THR H 83 -18.65 -43.87 -3.52
C THR H 83 -17.31 -43.47 -3.07
N PHE H 84 -16.96 -43.90 -1.89
CA PHE H 84 -15.66 -43.55 -1.32
C PHE H 84 -15.04 -44.81 -0.81
N LYS H 85 -13.75 -44.97 -1.05
CA LYS H 85 -12.96 -45.99 -0.40
C LYS H 85 -11.59 -45.45 -0.03
N PHE H 86 -11.21 -45.56 1.24
CA PHE H 86 -9.87 -45.20 1.72
C PHE H 86 -8.92 -46.39 1.54
N VAL H 87 -7.75 -46.15 0.98
CA VAL H 87 -6.83 -47.21 0.65
C VAL H 87 -5.53 -46.78 1.26
N LYS H 88 -5.03 -47.59 2.18
CA LYS H 88 -3.74 -47.37 2.78
C LYS H 88 -2.69 -47.99 1.85
N LEU H 89 -1.64 -47.27 1.55
CA LEU H 89 -0.62 -47.73 0.63
C LEU H 89 0.29 -48.70 1.41
N SER H 90 0.73 -49.75 0.74
CA SER H 90 1.68 -50.72 1.37
C SER H 90 2.97 -50.01 1.58
N SER H 91 3.44 -49.36 0.54
CA SER H 91 4.64 -48.59 0.64
C SER H 91 4.20 -47.15 0.61
N SER H 92 4.59 -46.38 1.61
CA SER H 92 4.43 -44.95 1.52
C SER H 92 5.43 -44.38 0.46
N VAL H 93 5.03 -43.27 -0.16
CA VAL H 93 5.71 -42.67 -1.28
C VAL H 93 5.60 -41.19 -1.05
N SER H 94 6.19 -40.40 -1.94
CA SER H 94 6.17 -38.93 -1.92
C SER H 94 4.79 -38.37 -1.76
N GLY H 95 4.48 -37.83 -0.60
CA GLY H 95 3.17 -37.17 -0.40
C GLY H 95 1.99 -38.09 -0.21
N ALA H 96 2.24 -39.37 0.00
CA ALA H 96 1.10 -40.23 0.23
C ALA H 96 1.43 -41.45 0.93
N ASP H 97 0.59 -41.76 1.89
CA ASP H 97 0.49 -43.09 2.45
C ASP H 97 -0.97 -43.64 2.36
N TYR H 98 -1.85 -42.85 1.73
CA TYR H 98 -3.21 -43.21 1.53
C TYR H 98 -3.65 -42.65 0.20
N TYR H 99 -4.68 -43.21 -0.39
CA TYR H 99 -5.53 -42.41 -1.25
C TYR H 99 -6.98 -42.60 -0.89
N LEU H 100 -7.73 -41.52 -1.03
CA LEU H 100 -9.18 -41.64 -1.08
C LEU H 100 -9.54 -41.96 -2.54
N GLU H 101 -10.29 -43.04 -2.74
CA GLU H 101 -10.74 -43.37 -4.07
C GLU H 101 -12.20 -43.04 -4.18
N ILE H 102 -12.48 -42.16 -5.15
CA ILE H 102 -13.82 -41.78 -5.45
C ILE H 102 -14.28 -42.57 -6.70
N GLY H 103 -15.48 -43.08 -6.62
CA GLY H 103 -16.14 -43.87 -7.69
C GLY H 103 -17.58 -43.48 -7.83
N PHE H 104 -18.29 -44.15 -8.70
CA PHE H 104 -19.63 -43.74 -9.06
C PHE H 104 -20.50 -44.97 -9.24
N LYS H 105 -21.69 -44.90 -8.68
CA LYS H 105 -22.70 -45.93 -8.85
C LYS H 105 -23.27 -45.80 -10.25
N SER H 106 -23.87 -46.88 -10.75
CA SER H 106 -24.57 -46.82 -12.06
C SER H 106 -25.59 -45.68 -12.14
N GLY H 107 -26.24 -45.40 -11.00
CA GLY H 107 -27.15 -44.24 -10.92
C GLY H 107 -26.56 -42.90 -11.30
N ALA H 108 -25.23 -42.80 -11.28
CA ALA H 108 -24.55 -41.62 -11.74
C ALA H 108 -24.72 -41.41 -13.25
N GLY H 109 -24.93 -42.50 -13.95
CA GLY H 109 -25.19 -42.47 -15.37
C GLY H 109 -23.93 -42.36 -16.22
N GLN H 110 -24.11 -41.66 -17.33
CA GLN H 110 -23.22 -41.74 -18.44
C GLN H 110 -22.83 -40.31 -18.74
N LEU H 111 -21.57 -40.11 -19.05
CA LEU H 111 -21.08 -38.80 -19.38
C LEU H 111 -20.90 -38.74 -20.89
N GLN H 112 -21.63 -37.85 -21.56
CA GLN H 112 -21.53 -37.65 -23.00
C GLN H 112 -20.29 -36.87 -23.37
N PRO H 113 -19.84 -36.96 -24.63
CA PRO H 113 -18.70 -36.17 -25.08
C PRO H 113 -18.86 -34.68 -24.81
N GLY H 114 -17.77 -34.05 -24.34
CA GLY H 114 -17.78 -32.63 -24.00
C GLY H 114 -18.65 -32.25 -22.80
N LYS H 115 -19.19 -33.21 -22.07
CA LYS H 115 -20.00 -32.87 -20.92
C LYS H 115 -19.27 -33.24 -19.62
N ASP H 116 -19.68 -32.65 -18.50
CA ASP H 116 -19.00 -32.91 -17.24
C ASP H 116 -20.03 -33.25 -16.22
N THR H 117 -19.59 -33.76 -15.06
CA THR H 117 -20.46 -34.24 -14.00
C THR H 117 -21.12 -33.12 -13.25
N GLY H 118 -20.67 -31.89 -13.44
CA GLY H 118 -20.91 -30.88 -12.48
C GLY H 118 -20.16 -31.23 -11.18
N GLU H 119 -20.39 -30.37 -10.21
CA GLU H 119 -19.66 -30.35 -8.96
C GLU H 119 -19.89 -31.63 -8.16
N ILE H 120 -18.81 -32.14 -7.56
CA ILE H 120 -18.92 -33.19 -6.61
C ILE H 120 -18.28 -32.70 -5.30
N GLN H 121 -19.08 -32.45 -4.28
CA GLN H 121 -18.48 -31.96 -3.05
C GLN H 121 -17.99 -33.16 -2.31
N ILE H 122 -16.87 -33.00 -1.66
CA ILE H 122 -16.30 -34.03 -0.88
C ILE H 122 -15.67 -33.42 0.32
N ARG H 123 -15.83 -34.11 1.46
CA ARG H 123 -15.04 -33.80 2.63
C ARG H 123 -14.70 -35.10 3.31
N PHE H 124 -13.60 -35.10 4.07
CA PHE H 124 -13.26 -36.24 4.84
C PHE H 124 -12.45 -35.86 6.05
N ASN H 125 -12.55 -36.72 7.05
CA ASN H 125 -12.02 -36.46 8.31
C ASN H 125 -11.66 -37.75 9.02
N LYS H 126 -10.81 -37.62 10.01
CA LYS H 126 -10.53 -38.78 10.87
C LYS H 126 -11.61 -38.89 11.97
N SER H 127 -11.89 -40.08 12.47
CA SER H 127 -13.06 -40.29 13.37
C SER H 127 -12.96 -39.61 14.75
N ASP H 128 -11.73 -39.34 15.21
CA ASP H 128 -11.53 -38.55 16.40
C ASP H 128 -11.36 -37.07 16.10
N TRP H 129 -11.63 -36.59 14.89
CA TRP H 129 -11.41 -35.18 14.49
C TRP H 129 -9.99 -34.60 14.74
N SER H 130 -8.99 -35.47 14.80
CA SER H 130 -7.61 -35.02 14.82
C SER H 130 -7.18 -34.36 13.48
N ASN H 131 -6.21 -33.49 13.56
CA ASN H 131 -5.82 -32.70 12.46
C ASN H 131 -5.08 -33.46 11.45
N TYR H 132 -5.32 -33.07 10.21
CA TYR H 132 -4.43 -33.33 9.12
C TYR H 132 -3.45 -32.17 8.91
N ASN H 133 -2.40 -32.51 8.22
CA ASN H 133 -1.45 -31.59 7.65
C ASN H 133 -1.60 -31.76 6.11
N GLN H 134 -2.21 -30.79 5.44
CA GLN H 134 -2.41 -30.95 3.98
C GLN H 134 -1.16 -30.70 3.17
N GLY H 135 -0.16 -30.01 3.76
CA GLY H 135 0.97 -29.50 2.99
C GLY H 135 1.94 -30.59 2.66
N ASN H 136 1.72 -31.80 3.21
CA ASN H 136 2.56 -32.98 2.86
C ASN H 136 1.72 -34.01 2.08
N ASP H 137 0.71 -33.53 1.36
CA ASP H 137 -0.22 -34.40 0.61
C ASP H 137 0.03 -34.14 -0.83
N TRP H 138 0.31 -35.23 -1.55
CA TRP H 138 0.61 -35.18 -2.98
C TRP H 138 -0.46 -34.43 -3.75
N SER H 139 -1.71 -34.73 -3.44
CA SER H 139 -2.77 -34.22 -4.28
C SER H 139 -3.27 -32.84 -3.92
N TRP H 140 -2.88 -32.32 -2.77
CA TRP H 140 -3.39 -31.03 -2.36
C TRP H 140 -2.87 -29.91 -3.25
N LEU H 141 -3.77 -29.02 -3.65
CA LEU H 141 -3.33 -27.87 -4.39
C LEU H 141 -4.02 -26.71 -3.76
N GLN H 142 -3.30 -26.13 -2.81
CA GLN H 142 -3.87 -25.15 -1.90
C GLN H 142 -4.48 -23.95 -2.61
N SER H 143 -3.77 -23.44 -3.62
CA SER H 143 -4.18 -22.20 -4.30
C SER H 143 -5.31 -22.42 -5.31
N MET H 144 -5.60 -23.66 -5.71
CA MET H 144 -6.67 -23.96 -6.69
C MET H 144 -8.01 -24.10 -5.98
N THR H 145 -8.56 -22.96 -5.60
CA THR H 145 -9.79 -22.91 -4.80
C THR H 145 -11.00 -22.90 -5.69
N SER H 146 -10.81 -22.65 -6.98
CA SER H 146 -11.90 -22.85 -7.93
C SER H 146 -11.44 -23.84 -8.99
N TYR H 147 -12.39 -24.42 -9.68
CA TYR H 147 -12.15 -25.63 -10.40
C TYR H 147 -11.02 -25.50 -11.40
N GLY H 148 -10.03 -26.38 -11.33
CA GLY H 148 -8.86 -26.32 -12.23
C GLY H 148 -8.30 -27.70 -12.45
N GLU H 149 -7.26 -27.78 -13.25
CA GLU H 149 -6.67 -29.04 -13.62
C GLU H 149 -5.58 -29.33 -12.59
N ASN H 150 -5.90 -30.20 -11.65
CA ASN H 150 -4.94 -30.58 -10.59
C ASN H 150 -4.50 -31.98 -11.04
N VAL H 151 -3.34 -32.04 -11.70
CA VAL H 151 -2.90 -33.29 -12.30
C VAL H 151 -2.44 -34.34 -11.29
N LYS H 152 -2.29 -33.97 -10.02
CA LYS H 152 -1.94 -34.90 -8.99
C LYS H 152 -3.16 -35.53 -8.34
N VAL H 153 -4.35 -35.10 -8.76
CA VAL H 153 -5.51 -35.92 -8.56
C VAL H 153 -5.62 -36.81 -9.79
N THR H 154 -5.58 -38.13 -9.60
CA THR H 154 -5.49 -39.08 -10.73
C THR H 154 -6.84 -39.70 -10.98
N ALA H 155 -7.06 -40.08 -12.24
CA ALA H 155 -8.28 -40.79 -12.62
C ALA H 155 -8.03 -41.96 -13.54
N TYR H 156 -9.01 -42.83 -13.56
CA TYR H 156 -8.84 -44.15 -14.10
C TYR H 156 -10.12 -44.51 -14.83
N ILE H 157 -9.93 -45.19 -15.96
CA ILE H 157 -11.05 -45.88 -16.61
C ILE H 157 -10.78 -47.36 -16.55
N ASP H 158 -11.71 -48.11 -16.00
CA ASP H 158 -11.55 -49.56 -15.77
C ASP H 158 -10.30 -49.90 -15.03
N GLY H 159 -9.86 -49.00 -14.14
CA GLY H 159 -8.69 -49.22 -13.37
C GLY H 159 -7.42 -48.80 -14.08
N VAL H 160 -7.51 -48.25 -15.28
CA VAL H 160 -6.34 -47.83 -16.05
C VAL H 160 -6.14 -46.30 -15.91
N LEU H 161 -4.97 -45.90 -15.50
CA LEU H 161 -4.67 -44.49 -15.35
C LEU H 161 -4.82 -43.83 -16.69
N VAL H 162 -5.72 -42.86 -16.76
CA VAL H 162 -5.89 -42.03 -17.94
C VAL H 162 -5.73 -40.51 -17.73
N TRP H 163 -5.68 -40.05 -16.48
CA TRP H 163 -5.50 -38.67 -16.18
C TRP H 163 -4.62 -38.58 -14.96
N GLY H 164 -3.61 -37.72 -15.05
CA GLY H 164 -2.85 -37.31 -13.93
C GLY H 164 -1.57 -38.08 -13.67
N GLN H 165 -0.87 -37.58 -12.67
CA GLN H 165 0.41 -38.05 -12.29
C GLN H 165 0.28 -38.66 -10.88
N GLU H 166 0.43 -39.96 -10.81
CA GLU H 166 0.55 -40.66 -9.55
C GLU H 166 1.85 -40.27 -8.80
N PRO H 167 1.81 -40.29 -7.45
CA PRO H 167 3.02 -40.15 -6.65
C PRO H 167 4.13 -41.15 -7.13
N SER H 168 5.34 -40.65 -7.38
CA SER H 168 6.53 -41.46 -7.73
C SER H 168 6.81 -42.45 -6.60
N SER I 16 -37.59 -37.12 -6.03
CA SER I 16 -37.51 -35.89 -5.18
C SER I 16 -36.53 -34.83 -5.71
N GLY I 17 -36.61 -33.62 -5.13
CA GLY I 17 -35.93 -32.43 -5.65
C GLY I 17 -34.44 -32.24 -5.37
N GLN I 18 -33.81 -31.36 -6.15
CA GLN I 18 -32.43 -31.04 -5.91
C GLN I 18 -32.27 -29.52 -5.88
N ILE I 19 -31.67 -29.00 -4.81
CA ILE I 19 -31.39 -27.57 -4.71
C ILE I 19 -29.98 -27.25 -4.25
N LYS I 20 -29.54 -26.04 -4.54
CA LYS I 20 -28.40 -25.46 -3.87
C LYS I 20 -28.86 -24.19 -3.19
N VAL I 21 -28.17 -23.85 -2.10
CA VAL I 21 -28.34 -22.60 -1.48
C VAL I 21 -27.11 -21.81 -1.84
N LEU I 22 -27.31 -20.63 -2.39
CA LEU I 22 -26.24 -19.64 -2.43
C LEU I 22 -26.35 -18.63 -1.31
N TYR I 23 -25.17 -18.12 -0.91
CA TYR I 23 -25.03 -17.27 0.24
C TYR I 23 -24.15 -16.09 -0.05
N ALA I 24 -24.57 -14.93 0.45
CA ALA I 24 -23.74 -13.74 0.49
C ALA I 24 -23.74 -13.12 1.85
N ASN I 25 -22.55 -13.08 2.46
CA ASN I 25 -22.37 -12.40 3.71
C ASN I 25 -22.35 -10.91 3.48
N LYS I 26 -23.31 -10.20 4.09
CA LYS I 26 -23.40 -8.74 4.04
C LYS I 26 -22.99 -8.03 5.29
N GLU I 27 -22.31 -8.73 6.18
CA GLU I 27 -21.67 -8.11 7.34
C GLU I 27 -20.35 -8.75 7.62
N THR I 28 -19.28 -8.16 7.12
CA THR I 28 -17.92 -8.68 7.36
C THR I 28 -17.42 -8.41 8.81
N ASN I 29 -18.02 -7.50 9.56
CA ASN I 29 -17.57 -7.33 10.95
C ASN I 29 -17.88 -8.56 11.82
N SER I 30 -16.83 -9.09 12.42
CA SER I 30 -16.91 -10.16 13.34
C SER I 30 -17.85 -9.76 14.49
N THR I 31 -17.70 -8.52 14.95
CA THR I 31 -18.50 -7.99 16.05
C THR I 31 -19.57 -7.12 15.38
N THR I 32 -20.84 -7.56 15.49
CA THR I 32 -21.95 -6.81 14.92
C THR I 32 -23.19 -7.03 15.76
N ASN I 33 -24.08 -6.07 15.74
CA ASN I 33 -25.43 -6.28 16.32
C ASN I 33 -26.42 -6.84 15.27
N THR I 34 -26.02 -6.91 13.99
CA THR I 34 -26.87 -7.41 12.91
C THR I 34 -26.13 -8.37 11.98
N ILE I 35 -26.54 -9.65 12.05
CA ILE I 35 -26.03 -10.67 11.17
C ILE I 35 -26.82 -10.53 9.86
N ARG I 36 -26.16 -10.69 8.70
CA ARG I 36 -26.81 -10.46 7.39
C ARG I 36 -26.42 -11.56 6.42
N PRO I 37 -27.09 -12.72 6.52
CA PRO I 37 -26.85 -13.83 5.64
C PRO I 37 -27.84 -13.88 4.45
N TRP I 38 -27.49 -13.24 3.34
CA TRP I 38 -28.40 -13.19 2.19
C TRP I 38 -28.32 -14.52 1.49
N LEU I 39 -29.42 -14.92 0.89
CA LEU I 39 -29.59 -16.26 0.42
C LEU I 39 -30.33 -16.24 -0.91
N LYS I 40 -30.06 -17.25 -1.74
CA LYS I 40 -30.85 -17.61 -2.89
C LYS I 40 -30.95 -19.11 -2.85
N VAL I 41 -32.02 -19.63 -3.42
CA VAL I 41 -32.22 -21.09 -3.66
C VAL I 41 -32.19 -21.37 -5.17
N VAL I 42 -31.35 -22.29 -5.61
CA VAL I 42 -31.24 -22.69 -6.98
C VAL I 42 -31.85 -24.07 -7.08
N ASN I 43 -32.77 -24.26 -8.04
CA ASN I 43 -33.25 -25.59 -8.37
C ASN I 43 -32.32 -26.18 -9.43
N THR I 44 -31.59 -27.22 -9.08
CA THR I 44 -30.59 -27.75 -9.99
C THR I 44 -31.02 -29.11 -10.55
N GLY I 45 -32.21 -29.59 -10.19
CA GLY I 45 -32.68 -30.90 -10.62
C GLY I 45 -33.63 -30.78 -11.79
N SER I 46 -34.47 -31.79 -11.98
CA SER I 46 -35.32 -31.86 -13.17
C SER I 46 -36.80 -31.63 -12.90
N SER I 47 -37.20 -31.50 -11.65
CA SER I 47 -38.58 -31.27 -11.27
C SER I 47 -38.73 -29.91 -10.56
N SER I 48 -39.94 -29.37 -10.59
CA SER I 48 -40.31 -28.17 -9.83
C SER I 48 -40.37 -28.42 -8.37
N ILE I 49 -39.94 -27.42 -7.60
CA ILE I 49 -40.06 -27.45 -6.15
C ILE I 49 -40.93 -26.30 -5.65
N ASP I 50 -42.03 -26.62 -4.99
CA ASP I 50 -42.78 -25.63 -4.17
C ASP I 50 -41.78 -25.15 -3.10
N LEU I 51 -41.48 -23.86 -3.11
CA LEU I 51 -40.55 -23.26 -2.15
C LEU I 51 -41.04 -23.43 -0.73
N SER I 52 -42.33 -23.54 -0.53
CA SER I 52 -42.88 -23.82 0.80
C SER I 52 -42.29 -25.07 1.44
N ARG I 53 -41.87 -26.02 0.65
CA ARG I 53 -41.28 -27.28 1.13
C ARG I 53 -39.80 -27.15 1.52
N VAL I 54 -39.17 -26.04 1.14
CA VAL I 54 -37.77 -25.78 1.40
C VAL I 54 -37.53 -25.02 2.68
N THR I 55 -36.63 -25.52 3.51
CA THR I 55 -36.19 -24.73 4.65
C THR I 55 -34.68 -24.58 4.54
N ILE I 56 -34.16 -23.50 5.14
CA ILE I 56 -32.75 -23.21 5.19
C ILE I 56 -32.40 -22.87 6.65
N ARG I 57 -31.27 -23.43 7.10
CA ARG I 57 -30.77 -23.14 8.42
C ARG I 57 -29.41 -22.47 8.43
N TYR I 58 -29.32 -21.37 9.17
CA TYR I 58 -28.08 -20.65 9.36
C TYR I 58 -27.75 -20.93 10.82
N TRP I 59 -26.61 -21.57 11.03
CA TRP I 59 -26.18 -22.10 12.34
C TRP I 59 -25.15 -21.18 12.96
N TYR I 60 -25.36 -20.84 14.24
CA TYR I 60 -24.55 -19.86 14.91
C TYR I 60 -24.70 -19.93 16.45
N THR I 61 -23.90 -19.13 17.12
CA THR I 61 -23.89 -18.98 18.57
C THR I 61 -24.39 -17.60 18.90
N VAL I 62 -25.44 -17.55 19.74
CA VAL I 62 -26.21 -16.33 20.02
C VAL I 62 -25.46 -15.31 20.90
N ASP I 63 -24.45 -15.79 21.63
CA ASP I 63 -23.50 -14.95 22.38
C ASP I 63 -24.20 -14.09 23.46
N GLY I 64 -24.90 -14.77 24.37
CA GLY I 64 -25.72 -14.10 25.39
C GLY I 64 -27.14 -14.17 24.91
N ASP I 65 -27.84 -15.24 25.28
CA ASP I 65 -29.18 -15.53 24.75
C ASP I 65 -30.22 -14.46 25.13
N ARG I 66 -30.92 -13.96 24.12
CA ARG I 66 -31.96 -12.92 24.25
C ARG I 66 -33.01 -13.21 23.20
N ALA I 67 -34.12 -12.48 23.27
CA ALA I 67 -35.05 -12.50 22.14
C ALA I 67 -34.31 -11.98 20.91
N GLN I 68 -34.59 -12.62 19.79
CA GLN I 68 -34.06 -12.20 18.50
C GLN I 68 -35.21 -11.92 17.57
N SER I 69 -34.91 -11.09 16.59
CA SER I 69 -35.77 -10.72 15.48
C SER I 69 -35.01 -10.87 14.15
N ALA I 70 -35.65 -11.47 13.13
CA ALA I 70 -35.14 -11.51 11.77
C ALA I 70 -36.10 -10.78 10.83
N ILE I 71 -35.53 -10.21 9.78
CA ILE I 71 -36.30 -9.42 8.84
C ILE I 71 -35.68 -9.58 7.47
N SER I 72 -36.52 -9.76 6.44
CA SER I 72 -36.07 -9.56 5.08
C SER I 72 -36.50 -8.16 4.64
N ASP I 73 -35.57 -7.28 4.37
CA ASP I 73 -35.97 -5.97 3.86
C ASP I 73 -36.49 -6.04 2.43
N TRP I 74 -36.04 -7.05 1.68
CA TRP I 74 -36.35 -7.20 0.28
C TRP I 74 -35.97 -8.60 -0.21
N ALA I 75 -36.83 -9.18 -1.04
CA ALA I 75 -36.60 -10.46 -1.65
C ALA I 75 -37.28 -10.39 -3.01
N GLN I 76 -36.66 -11.00 -4.03
CA GLN I 76 -37.22 -11.04 -5.38
C GLN I 76 -38.58 -11.76 -5.37
N ILE I 77 -38.73 -12.81 -4.58
CA ILE I 77 -40.06 -13.43 -4.37
C ILE I 77 -41.02 -12.59 -3.49
N GLY I 78 -40.58 -11.41 -3.02
CA GLY I 78 -41.36 -10.67 -2.07
C GLY I 78 -40.99 -11.03 -0.65
N ALA I 79 -40.56 -10.05 0.12
CA ALA I 79 -40.04 -10.25 1.50
C ALA I 79 -41.09 -10.82 2.43
N SER I 80 -42.34 -10.41 2.26
CA SER I 80 -43.43 -10.96 3.03
C SER I 80 -43.60 -12.49 2.85
N ASN I 81 -42.99 -13.10 1.83
CA ASN I 81 -43.07 -14.55 1.63
C ASN I 81 -41.98 -15.37 2.35
N VAL I 82 -41.11 -14.70 3.10
CA VAL I 82 -40.05 -15.35 3.81
C VAL I 82 -40.45 -15.49 5.28
N THR I 83 -40.34 -16.69 5.86
CA THR I 83 -40.63 -16.93 7.27
C THR I 83 -39.31 -17.17 8.01
N PHE I 84 -39.31 -16.92 9.31
CA PHE I 84 -38.09 -16.93 10.12
C PHE I 84 -38.51 -17.54 11.42
N LYS I 85 -37.67 -18.42 11.92
CA LYS I 85 -37.91 -19.12 13.17
C LYS I 85 -36.53 -19.37 13.83
N PHE I 86 -36.34 -18.88 15.04
CA PHE I 86 -35.10 -19.11 15.77
C PHE I 86 -35.28 -20.38 16.60
N VAL I 87 -34.37 -21.35 16.43
CA VAL I 87 -34.42 -22.63 17.16
C VAL I 87 -33.17 -22.75 18.03
N LYS I 88 -33.40 -22.74 19.34
CA LYS I 88 -32.36 -22.98 20.31
C LYS I 88 -32.05 -24.48 20.27
N LEU I 89 -30.79 -24.82 20.09
CA LEU I 89 -30.41 -26.23 20.03
C LEU I 89 -30.47 -26.76 21.47
N SER I 90 -30.94 -28.00 21.60
CA SER I 90 -31.05 -28.74 22.89
C SER I 90 -29.71 -28.87 23.56
N SER I 91 -28.73 -29.35 22.80
CA SER I 91 -27.34 -29.32 23.17
C SER I 91 -26.60 -28.49 22.12
N SER I 92 -25.91 -27.44 22.56
CA SER I 92 -25.07 -26.68 21.66
C SER I 92 -23.89 -27.56 21.11
N VAL I 93 -23.47 -27.26 19.88
CA VAL I 93 -22.38 -27.99 19.22
C VAL I 93 -21.41 -26.99 18.64
N SER I 94 -20.40 -27.50 17.98
CA SER I 94 -19.33 -26.68 17.49
C SER I 94 -19.91 -25.61 16.51
N GLY I 95 -19.84 -24.36 16.95
CA GLY I 95 -20.25 -23.21 16.19
C GLY I 95 -21.73 -22.92 16.26
N ALA I 96 -22.48 -23.63 17.10
CA ALA I 96 -23.91 -23.42 17.15
C ALA I 96 -24.57 -23.76 18.46
N ASP I 97 -25.27 -22.79 19.01
CA ASP I 97 -26.32 -23.03 20.04
C ASP I 97 -27.71 -22.65 19.53
N TYR I 98 -27.75 -22.16 18.27
CA TYR I 98 -29.00 -21.74 17.63
C TYR I 98 -28.98 -21.97 16.12
N TYR I 99 -30.14 -22.02 15.51
CA TYR I 99 -30.20 -21.69 14.09
C TYR I 99 -31.33 -20.81 13.80
N LEU I 100 -31.12 -19.90 12.85
CA LEU I 100 -32.22 -19.27 12.18
C LEU I 100 -32.68 -20.19 11.06
N GLU I 101 -33.96 -20.53 11.04
CA GLU I 101 -34.55 -21.29 9.98
C GLU I 101 -35.38 -20.42 9.10
N ILE I 102 -35.07 -20.47 7.80
CA ILE I 102 -35.71 -19.62 6.81
C ILE I 102 -36.61 -20.53 6.01
N GLY I 103 -37.82 -20.06 5.80
CA GLY I 103 -38.77 -20.80 5.04
C GLY I 103 -39.57 -19.85 4.15
N PHE I 104 -40.56 -20.43 3.49
CA PHE I 104 -41.24 -19.79 2.42
C PHE I 104 -42.73 -20.03 2.48
N LYS I 105 -43.51 -18.97 2.37
CA LYS I 105 -44.96 -19.13 2.32
C LYS I 105 -45.34 -19.57 0.90
N SER I 106 -46.62 -19.93 0.72
CA SER I 106 -47.18 -20.27 -0.61
C SER I 106 -46.96 -19.22 -1.66
N GLY I 107 -47.08 -17.95 -1.27
CA GLY I 107 -46.88 -16.83 -2.20
C GLY I 107 -45.50 -16.78 -2.80
N ALA I 108 -44.52 -17.42 -2.18
CA ALA I 108 -43.19 -17.57 -2.80
C ALA I 108 -43.28 -18.37 -4.11
N GLY I 109 -44.30 -19.23 -4.23
CA GLY I 109 -44.55 -19.95 -5.49
C GLY I 109 -43.59 -21.13 -5.65
N GLN I 110 -43.16 -21.35 -6.88
CA GLN I 110 -42.54 -22.58 -7.29
C GLN I 110 -41.22 -22.31 -7.98
N LEU I 111 -40.23 -23.18 -7.73
CA LEU I 111 -38.95 -23.01 -8.38
C LEU I 111 -38.80 -24.02 -9.48
N GLN I 112 -38.62 -23.51 -10.70
CA GLN I 112 -38.46 -24.34 -11.86
C GLN I 112 -37.02 -24.79 -12.00
N PRO I 113 -36.83 -25.95 -12.63
CA PRO I 113 -35.51 -26.47 -12.87
C PRO I 113 -34.61 -25.47 -13.54
N GLY I 114 -33.37 -25.45 -13.05
CA GLY I 114 -32.39 -24.49 -13.50
C GLY I 114 -32.69 -23.04 -13.15
N LYS I 115 -33.76 -22.74 -12.43
CA LYS I 115 -34.02 -21.38 -11.98
C LYS I 115 -33.69 -21.20 -10.51
N ASP I 116 -33.56 -19.94 -10.13
CA ASP I 116 -33.36 -19.60 -8.71
C ASP I 116 -34.37 -18.58 -8.18
N THR I 117 -34.38 -18.41 -6.87
CA THR I 117 -35.34 -17.50 -6.19
C THR I 117 -34.99 -16.04 -6.42
N GLY I 118 -33.78 -15.76 -6.90
CA GLY I 118 -33.33 -14.43 -6.78
C GLY I 118 -32.94 -14.23 -5.34
N GLU I 119 -32.39 -13.04 -5.12
CA GLU I 119 -31.90 -12.61 -3.84
C GLU I 119 -32.95 -12.61 -2.70
N ILE I 120 -32.54 -13.08 -1.55
CA ILE I 120 -33.35 -13.03 -0.37
C ILE I 120 -32.53 -12.32 0.69
N GLN I 121 -32.84 -11.06 0.96
CA GLN I 121 -32.08 -10.30 1.97
C GLN I 121 -32.53 -10.73 3.33
N ILE I 122 -31.59 -10.81 4.26
CA ILE I 122 -31.91 -11.30 5.61
C ILE I 122 -31.00 -10.52 6.50
N ARG I 123 -31.56 -10.04 7.58
CA ARG I 123 -30.80 -9.55 8.69
C ARG I 123 -31.48 -10.02 9.97
N PHE I 124 -30.68 -10.28 11.01
CA PHE I 124 -31.25 -10.51 12.31
C PHE I 124 -30.42 -9.92 13.46
N ASN I 125 -31.09 -9.61 14.56
CA ASN I 125 -30.50 -8.96 15.72
C ASN I 125 -31.20 -9.44 16.97
N LYS I 126 -30.56 -9.12 18.10
CA LYS I 126 -31.14 -9.34 19.39
C LYS I 126 -31.94 -8.12 19.81
N SER I 127 -32.88 -8.34 20.72
CA SER I 127 -33.90 -7.34 21.00
C SER I 127 -33.33 -6.10 21.75
N ASP I 128 -32.25 -6.29 22.48
CA ASP I 128 -31.55 -5.22 23.14
C ASP I 128 -30.37 -4.67 22.31
N TRP I 129 -30.33 -5.01 21.02
CA TRP I 129 -29.24 -4.68 20.06
C TRP I 129 -27.82 -5.01 20.53
N SER I 130 -27.69 -6.03 21.36
CA SER I 130 -26.39 -6.39 21.84
C SER I 130 -25.64 -7.04 20.72
N ASN I 131 -24.32 -6.92 20.78
CA ASN I 131 -23.47 -7.44 19.71
C ASN I 131 -23.46 -8.96 19.73
N TYR I 132 -23.47 -9.53 18.53
CA TYR I 132 -23.02 -10.89 18.30
C TYR I 132 -21.49 -10.90 18.01
N ASN I 133 -20.91 -12.08 18.06
CA ASN I 133 -19.59 -12.39 17.61
C ASN I 133 -19.72 -13.47 16.48
N GLN I 134 -19.45 -13.12 15.23
CA GLN I 134 -19.72 -14.08 14.14
C GLN I 134 -18.62 -15.10 14.00
N GLY I 135 -17.48 -14.79 14.61
CA GLY I 135 -16.31 -15.64 14.54
C GLY I 135 -16.48 -17.05 15.05
N ASN I 136 -17.48 -17.30 15.89
CA ASN I 136 -17.74 -18.65 16.40
C ASN I 136 -19.09 -19.19 15.89
N ASP I 137 -19.54 -18.71 14.71
CA ASP I 137 -20.80 -19.15 14.10
C ASP I 137 -20.48 -20.09 13.02
N TRP I 138 -20.99 -21.32 13.16
CA TRP I 138 -20.83 -22.34 12.14
C TRP I 138 -21.06 -21.86 10.68
N SER I 139 -22.13 -21.12 10.46
CA SER I 139 -22.52 -20.78 9.09
C SER I 139 -21.85 -19.56 8.50
N TRP I 140 -21.18 -18.76 9.32
CA TRP I 140 -20.63 -17.53 8.79
C TRP I 140 -19.49 -17.83 7.79
N LEU I 141 -19.52 -17.16 6.64
CA LEU I 141 -18.40 -17.22 5.66
C LEU I 141 -18.05 -15.82 5.33
N GLN I 142 -17.20 -15.27 6.18
CA GLN I 142 -16.90 -13.87 6.21
C GLN I 142 -16.66 -13.36 4.81
N SER I 143 -15.79 -14.06 4.10
CA SER I 143 -15.26 -13.56 2.84
C SER I 143 -16.20 -13.80 1.68
N MET I 144 -17.24 -14.61 1.83
CA MET I 144 -18.19 -14.78 0.73
C MET I 144 -19.22 -13.64 0.73
N THR I 145 -18.78 -12.50 0.21
CA THR I 145 -19.56 -11.28 0.20
C THR I 145 -20.41 -11.19 -1.04
N SER I 146 -20.09 -11.98 -2.07
CA SER I 146 -21.01 -12.15 -3.21
C SER I 146 -21.46 -13.61 -3.23
N TYR I 147 -22.59 -13.86 -3.89
CA TYR I 147 -23.29 -15.12 -3.77
C TYR I 147 -22.41 -16.29 -4.12
N GLY I 148 -22.20 -17.21 -3.18
CA GLY I 148 -21.49 -18.42 -3.49
C GLY I 148 -22.04 -19.60 -2.72
N GLU I 149 -21.34 -20.72 -2.85
CA GLU I 149 -21.71 -21.96 -2.20
C GLU I 149 -21.10 -22.00 -0.79
N ASN I 150 -21.94 -21.64 0.20
CA ASN I 150 -21.62 -21.79 1.60
C ASN I 150 -22.31 -23.08 2.05
N VAL I 151 -21.51 -24.16 2.12
CA VAL I 151 -22.12 -25.42 2.49
C VAL I 151 -22.48 -25.47 3.99
N LYS I 152 -22.08 -24.49 4.81
CA LYS I 152 -22.43 -24.55 6.26
C LYS I 152 -23.72 -23.85 6.60
N VAL I 153 -24.31 -23.23 5.56
CA VAL I 153 -25.72 -22.94 5.47
C VAL I 153 -26.43 -24.16 4.87
N THR I 154 -27.31 -24.81 5.63
CA THR I 154 -27.88 -26.07 5.20
C THR I 154 -29.30 -25.82 4.70
N ALA I 155 -29.82 -26.73 3.91
CA ALA I 155 -31.19 -26.63 3.40
C ALA I 155 -31.86 -28.01 3.28
N TYR I 156 -33.19 -27.98 3.33
CA TYR I 156 -33.98 -29.18 3.53
C TYR I 156 -35.16 -29.12 2.59
N ILE I 157 -35.58 -30.28 2.13
CA ILE I 157 -36.84 -30.44 1.37
C ILE I 157 -37.69 -31.36 2.22
N ASP I 158 -38.87 -30.89 2.62
CA ASP I 158 -39.73 -31.59 3.59
C ASP I 158 -38.98 -32.02 4.83
N GLY I 159 -38.18 -31.15 5.42
CA GLY I 159 -37.46 -31.47 6.62
C GLY I 159 -36.22 -32.34 6.49
N VAL I 160 -35.92 -32.82 5.26
CA VAL I 160 -34.77 -33.73 5.02
C VAL I 160 -33.58 -32.97 4.43
N LEU I 161 -32.41 -33.17 5.01
CA LEU I 161 -31.21 -32.50 4.59
C LEU I 161 -30.90 -32.82 3.13
N VAL I 162 -30.88 -31.81 2.27
CA VAL I 162 -30.50 -32.03 0.85
C VAL I 162 -29.32 -31.19 0.38
N TRP I 163 -28.91 -30.19 1.16
CA TRP I 163 -27.76 -29.38 0.82
C TRP I 163 -27.02 -29.03 2.09
N GLY I 164 -25.69 -29.13 2.03
CA GLY I 164 -24.83 -28.52 3.05
C GLY I 164 -24.48 -29.50 4.14
N GLN I 165 -23.60 -29.03 5.01
CA GLN I 165 -23.07 -29.78 6.16
C GLN I 165 -23.58 -29.16 7.47
N GLU I 166 -24.36 -29.90 8.22
CA GLU I 166 -24.76 -29.46 9.55
C GLU I 166 -23.57 -29.53 10.55
N PRO I 167 -23.63 -28.74 11.64
CA PRO I 167 -22.58 -28.84 12.68
C PRO I 167 -22.39 -30.30 13.21
N SER I 168 -21.14 -30.62 13.56
CA SER I 168 -20.71 -32.02 13.77
C SER I 168 -21.20 -32.61 15.09
N SER J 16 -49.15 -3.43 -6.55
CA SER J 16 -48.08 -3.13 -5.56
C SER J 16 -46.91 -2.34 -6.22
N GLY J 17 -46.10 -3.02 -7.04
CA GLY J 17 -44.83 -2.46 -7.56
C GLY J 17 -43.63 -2.87 -6.71
N GLN J 18 -42.58 -3.40 -7.35
CA GLN J 18 -41.38 -3.87 -6.67
C GLN J 18 -40.17 -3.21 -7.32
N ILE J 19 -39.33 -2.58 -6.51
CA ILE J 19 -38.20 -1.87 -7.00
C ILE J 19 -37.01 -2.17 -6.16
N LYS J 20 -35.84 -2.07 -6.79
CA LYS J 20 -34.62 -1.96 -6.02
C LYS J 20 -33.95 -0.64 -6.38
N VAL J 21 -33.21 -0.10 -5.38
CA VAL J 21 -32.40 1.04 -5.63
C VAL J 21 -30.97 0.58 -5.76
N LEU J 22 -30.30 1.09 -6.77
CA LEU J 22 -28.86 0.90 -6.88
C LEU J 22 -28.18 2.24 -6.50
N TYR J 23 -27.03 2.11 -5.84
CA TYR J 23 -26.29 3.20 -5.29
C TYR J 23 -24.80 3.12 -5.70
N ALA J 24 -24.27 4.29 -6.04
CA ALA J 24 -22.87 4.44 -6.31
C ALA J 24 -22.31 5.61 -5.54
N ASN J 25 -21.44 5.33 -4.58
CA ASN J 25 -20.77 6.38 -3.87
C ASN J 25 -19.69 7.06 -4.77
N LYS J 26 -19.91 8.31 -5.09
CA LYS J 26 -18.92 9.06 -5.83
C LYS J 26 -18.10 10.06 -5.00
N GLU J 27 -18.07 9.84 -3.70
CA GLU J 27 -17.13 10.47 -2.79
C GLU J 27 -16.64 9.49 -1.68
N THR J 28 -15.40 9.05 -1.83
CA THR J 28 -14.79 8.12 -0.86
C THR J 28 -14.25 8.76 0.41
N ASN J 29 -13.90 10.05 0.35
CA ASN J 29 -13.45 10.73 1.56
C ASN J 29 -14.59 10.85 2.54
N SER J 30 -14.36 10.38 3.77
CA SER J 30 -15.26 10.57 4.90
C SER J 30 -15.46 12.07 5.15
N THR J 31 -14.42 12.86 4.94
CA THR J 31 -14.52 14.30 5.10
C THR J 31 -14.65 14.87 3.71
N THR J 32 -15.81 15.44 3.43
CA THR J 32 -16.03 16.07 2.15
C THR J 32 -17.03 17.18 2.33
N ASN J 33 -16.96 18.22 1.51
CA ASN J 33 -18.05 19.19 1.46
C ASN J 33 -19.26 18.77 0.62
N THR J 34 -19.11 17.68 -0.11
CA THR J 34 -20.07 17.28 -1.12
C THR J 34 -20.24 15.76 -1.11
N ILE J 35 -21.40 15.34 -0.59
CA ILE J 35 -21.84 13.95 -0.62
C ILE J 35 -22.38 13.64 -1.98
N ARG J 36 -22.08 12.44 -2.52
CA ARG J 36 -22.34 12.12 -3.90
C ARG J 36 -22.96 10.73 -4.01
N PRO J 37 -24.25 10.61 -3.66
CA PRO J 37 -24.89 9.32 -3.71
C PRO J 37 -25.62 9.12 -5.03
N TRP J 38 -24.97 8.49 -5.99
CA TRP J 38 -25.57 8.37 -7.28
C TRP J 38 -26.54 7.20 -7.14
N LEU J 39 -27.64 7.30 -7.84
CA LEU J 39 -28.68 6.35 -7.72
C LEU J 39 -29.26 5.95 -9.02
N LYS J 40 -29.96 4.82 -8.96
CA LYS J 40 -30.67 4.27 -10.03
C LYS J 40 -31.85 3.49 -9.45
N VAL J 41 -33.03 3.65 -10.03
CA VAL J 41 -34.22 2.82 -9.62
C VAL J 41 -34.43 1.73 -10.64
N VAL J 42 -34.66 0.50 -10.17
CA VAL J 42 -34.81 -0.66 -11.05
C VAL J 42 -36.16 -1.27 -10.74
N ASN J 43 -36.98 -1.50 -11.78
CA ASN J 43 -38.32 -2.03 -11.59
C ASN J 43 -38.10 -3.51 -11.66
N THR J 44 -38.26 -4.21 -10.54
CA THR J 44 -37.97 -5.65 -10.55
C THR J 44 -39.25 -6.49 -10.62
N GLY J 45 -40.40 -5.86 -10.44
CA GLY J 45 -41.68 -6.55 -10.48
C GLY J 45 -42.23 -6.73 -11.90
N SER J 46 -43.52 -6.95 -11.96
CA SER J 46 -44.18 -7.27 -13.21
C SER J 46 -45.13 -6.17 -13.69
N SER J 47 -45.26 -5.08 -12.94
N SER J 47 -45.20 -5.06 -12.96
CA SER J 47 -46.14 -3.99 -13.37
CA SER J 47 -46.12 -3.98 -13.25
C SER J 47 -45.30 -2.75 -13.50
C SER J 47 -45.27 -2.76 -13.52
N SER J 48 -45.81 -1.80 -14.27
CA SER J 48 -45.14 -0.51 -14.53
C SER J 48 -45.27 0.40 -13.36
N ILE J 49 -44.27 1.24 -13.15
CA ILE J 49 -44.39 2.22 -12.09
C ILE J 49 -44.15 3.59 -12.60
N ASP J 50 -45.06 4.50 -12.24
CA ASP J 50 -44.88 5.92 -12.52
C ASP J 50 -43.78 6.39 -11.54
N LEU J 51 -42.70 6.91 -12.08
CA LEU J 51 -41.57 7.29 -11.23
C LEU J 51 -41.89 8.33 -10.20
N SER J 52 -42.92 9.13 -10.47
CA SER J 52 -43.36 10.12 -9.54
C SER J 52 -43.98 9.51 -8.28
N ARG J 53 -44.38 8.24 -8.32
CA ARG J 53 -44.79 7.56 -7.10
C ARG J 53 -43.59 7.13 -6.24
N VAL J 54 -42.37 7.20 -6.78
CA VAL J 54 -41.23 6.63 -6.09
C VAL J 54 -40.47 7.77 -5.37
N THR J 55 -40.12 7.51 -4.13
CA THR J 55 -39.18 8.37 -3.39
C THR J 55 -38.05 7.54 -2.90
N ILE J 56 -36.90 8.18 -2.74
CA ILE J 56 -35.73 7.53 -2.18
C ILE J 56 -35.23 8.41 -1.05
N ARG J 57 -34.71 7.75 -0.01
CA ARG J 57 -34.16 8.43 1.15
C ARG J 57 -32.74 8.07 1.45
N TYR J 58 -31.93 9.13 1.68
CA TYR J 58 -30.53 8.95 2.01
C TYR J 58 -30.42 9.55 3.39
N TRP J 59 -30.01 8.71 4.35
CA TRP J 59 -30.09 8.99 5.75
C TRP J 59 -28.72 9.30 6.14
N TYR J 60 -28.58 10.41 6.87
CA TYR J 60 -27.28 10.89 7.23
C TYR J 60 -27.35 11.89 8.37
N THR J 61 -26.17 12.17 8.90
CA THR J 61 -25.95 13.17 9.97
C THR J 61 -25.37 14.42 9.38
N VAL J 62 -26.08 15.52 9.50
CA VAL J 62 -25.76 16.78 8.81
C VAL J 62 -24.42 17.36 9.25
N ASP J 63 -24.07 17.14 10.53
CA ASP J 63 -22.74 17.49 11.10
C ASP J 63 -22.58 19.01 11.27
N GLY J 64 -23.46 19.60 12.05
CA GLY J 64 -23.64 21.03 12.15
C GLY J 64 -24.71 21.43 11.18
N ASP J 65 -25.82 21.94 11.67
CA ASP J 65 -26.98 22.19 10.84
C ASP J 65 -26.89 23.56 10.09
N ARG J 66 -26.76 23.45 8.78
CA ARG J 66 -26.82 24.54 7.83
C ARG J 66 -27.89 24.20 6.81
N ALA J 67 -28.30 25.19 6.04
CA ALA J 67 -28.99 24.92 4.80
C ALA J 67 -28.16 24.05 3.88
N GLN J 68 -28.87 23.21 3.11
CA GLN J 68 -28.28 22.29 2.21
C GLN J 68 -28.91 22.45 0.83
N SER J 69 -28.14 22.14 -0.18
CA SER J 69 -28.52 22.21 -1.57
C SER J 69 -28.13 20.87 -2.21
N ALA J 70 -29.04 20.28 -2.99
CA ALA J 70 -28.78 19.08 -3.73
C ALA J 70 -29.00 19.45 -5.21
N ILE J 71 -28.16 18.88 -6.06
CA ILE J 71 -28.19 19.11 -7.51
C ILE J 71 -27.99 17.78 -8.22
N SER J 72 -28.73 17.53 -9.28
CA SER J 72 -28.37 16.50 -10.20
C SER J 72 -27.76 17.20 -11.39
N ASP J 73 -26.49 16.90 -11.67
CA ASP J 73 -25.82 17.50 -12.82
C ASP J 73 -26.25 16.85 -14.13
N TRP J 74 -26.69 15.59 -14.04
CA TRP J 74 -27.04 14.83 -15.20
C TRP J 74 -27.77 13.61 -14.69
N ALA J 75 -28.84 13.28 -15.39
CA ALA J 75 -29.50 12.00 -15.14
C ALA J 75 -30.11 11.56 -16.49
N GLN J 76 -30.13 10.25 -16.71
CA GLN J 76 -30.62 9.64 -18.00
C GLN J 76 -32.04 10.08 -18.34
N ILE J 77 -32.84 10.20 -17.28
CA ILE J 77 -34.22 10.66 -17.42
C ILE J 77 -34.32 12.16 -17.51
N GLY J 78 -33.20 12.88 -17.48
CA GLY J 78 -33.22 14.35 -17.36
C GLY J 78 -33.12 14.85 -15.93
N ALA J 79 -32.01 15.48 -15.61
CA ALA J 79 -31.77 16.01 -14.30
C ALA J 79 -32.94 16.89 -13.83
N SER J 80 -33.60 17.64 -14.72
CA SER J 80 -34.69 18.50 -14.26
C SER J 80 -35.95 17.73 -13.85
N ASN J 81 -35.95 16.42 -14.03
CA ASN J 81 -37.01 15.59 -13.50
C ASN J 81 -36.73 14.98 -12.14
N VAL J 82 -35.59 15.28 -11.53
CA VAL J 82 -35.28 14.80 -10.19
C VAL J 82 -35.62 15.89 -9.22
N THR J 83 -36.36 15.58 -8.14
CA THR J 83 -36.66 16.55 -7.10
C THR J 83 -35.94 16.19 -5.81
N PHE J 84 -35.58 17.22 -5.06
CA PHE J 84 -34.93 17.00 -3.77
C PHE J 84 -35.67 17.74 -2.67
N LYS J 85 -35.70 17.11 -1.51
CA LYS J 85 -36.20 17.67 -0.30
C LYS J 85 -35.33 17.16 0.85
N PHE J 86 -34.81 18.09 1.65
CA PHE J 86 -34.13 17.77 2.91
C PHE J 86 -35.16 17.78 4.03
N VAL J 87 -35.14 16.73 4.83
CA VAL J 87 -36.02 16.55 5.99
C VAL J 87 -35.17 16.32 7.23
N LYS J 88 -35.31 17.23 8.18
CA LYS J 88 -34.70 17.11 9.49
C LYS J 88 -35.57 16.18 10.31
N LEU J 89 -35.00 15.14 10.89
CA LEU J 89 -35.82 14.25 11.72
C LEU J 89 -36.29 14.89 13.05
N SER J 90 -37.49 14.46 13.51
CA SER J 90 -38.09 14.87 14.82
C SER J 90 -37.11 14.62 15.96
N SER J 91 -36.81 13.35 16.17
CA SER J 91 -35.75 12.93 17.07
C SER J 91 -34.71 12.19 16.24
N SER J 92 -33.44 12.42 16.54
CA SER J 92 -32.35 11.77 15.84
C SER J 92 -32.27 10.29 16.22
N VAL J 93 -31.56 9.52 15.39
CA VAL J 93 -31.47 8.06 15.47
C VAL J 93 -30.10 7.57 15.02
N SER J 94 -29.89 6.26 15.06
CA SER J 94 -28.64 5.65 14.59
C SER J 94 -28.24 6.20 13.21
N GLY J 95 -27.18 7.02 13.17
CA GLY J 95 -26.61 7.52 11.90
C GLY J 95 -27.46 8.49 11.05
N ALA J 96 -28.44 9.14 11.67
CA ALA J 96 -29.26 10.10 10.98
C ALA J 96 -29.94 11.12 11.87
N ASP J 97 -29.74 12.40 11.53
CA ASP J 97 -30.66 13.45 11.97
C ASP J 97 -31.33 14.04 10.76
N TYR J 98 -31.03 13.53 9.58
CA TYR J 98 -31.59 14.08 8.35
C TYR J 98 -31.78 12.97 7.33
N TYR J 99 -32.70 13.23 6.40
CA TYR J 99 -32.60 12.55 5.15
C TYR J 99 -32.81 13.44 3.96
N LEU J 100 -32.10 13.10 2.91
CA LEU J 100 -32.35 13.67 1.61
C LEU J 100 -33.35 12.74 0.93
N GLU J 101 -34.44 13.33 0.46
CA GLU J 101 -35.44 12.59 -0.25
C GLU J 101 -35.46 12.98 -1.69
N ILE J 102 -35.23 11.97 -2.52
CA ILE J 102 -35.12 12.09 -3.95
C ILE J 102 -36.45 11.64 -4.51
N GLY J 103 -37.04 12.48 -5.35
CA GLY J 103 -38.28 12.18 -6.03
C GLY J 103 -38.21 12.50 -7.50
N PHE J 104 -39.34 12.36 -8.13
CA PHE J 104 -39.41 12.38 -9.59
C PHE J 104 -40.64 13.14 -10.00
N LYS J 105 -40.47 14.04 -10.96
CA LYS J 105 -41.60 14.74 -11.57
C LYS J 105 -42.27 13.81 -12.56
N SER J 106 -43.46 14.19 -13.01
CA SER J 106 -44.18 13.41 -14.02
C SER J 106 -43.34 13.25 -15.29
N GLY J 107 -42.57 14.25 -15.68
CA GLY J 107 -41.68 14.15 -16.86
C GLY J 107 -40.71 13.01 -16.85
N ALA J 108 -40.49 12.43 -15.67
CA ALA J 108 -39.62 11.28 -15.56
C ALA J 108 -40.25 10.06 -16.22
N GLY J 109 -41.58 10.07 -16.32
CA GLY J 109 -42.32 9.00 -16.99
C GLY J 109 -42.34 7.72 -16.17
N GLN J 110 -42.26 6.58 -16.85
CA GLN J 110 -42.65 5.29 -16.29
C GLN J 110 -41.49 4.36 -16.35
N LEU J 111 -41.40 3.54 -15.32
CA LEU J 111 -40.44 2.45 -15.30
C LEU J 111 -41.14 1.12 -15.57
N GLN J 112 -40.78 0.52 -16.69
CA GLN J 112 -41.28 -0.74 -17.10
C GLN J 112 -40.59 -1.88 -16.39
N PRO J 113 -41.29 -3.02 -16.28
CA PRO J 113 -40.73 -4.20 -15.65
C PRO J 113 -39.37 -4.54 -16.18
N GLY J 114 -38.44 -4.82 -15.29
CA GLY J 114 -37.11 -5.23 -15.68
C GLY J 114 -36.24 -4.08 -16.23
N LYS J 115 -36.73 -2.84 -16.17
N LYS J 115 -36.74 -2.85 -16.21
CA LYS J 115 -35.95 -1.71 -16.67
CA LYS J 115 -35.95 -1.71 -16.69
C LYS J 115 -35.66 -0.73 -15.54
C LYS J 115 -35.48 -0.89 -15.48
N ASP J 116 -34.64 0.10 -15.76
CA ASP J 116 -34.16 0.96 -14.77
C ASP J 116 -34.07 2.37 -15.28
N THR J 117 -34.02 3.29 -14.33
CA THR J 117 -33.95 4.71 -14.67
C THR J 117 -32.69 5.12 -15.43
N GLY J 118 -31.67 4.27 -15.45
CA GLY J 118 -30.33 4.74 -15.73
C GLY J 118 -29.86 5.64 -14.60
N GLU J 119 -28.71 6.22 -14.81
CA GLU J 119 -27.95 6.89 -13.77
C GLU J 119 -28.61 8.24 -13.39
N ILE J 120 -28.67 8.46 -12.09
CA ILE J 120 -29.14 9.67 -11.49
C ILE J 120 -28.00 10.18 -10.67
N GLN J 121 -27.30 11.18 -11.20
CA GLN J 121 -26.21 11.81 -10.47
C GLN J 121 -26.82 12.73 -9.42
N ILE J 122 -26.24 12.67 -8.23
CA ILE J 122 -26.63 13.54 -7.14
C ILE J 122 -25.38 14.07 -6.45
N ARG J 123 -25.40 15.34 -6.12
CA ARG J 123 -24.49 15.84 -5.13
C ARG J 123 -25.21 16.73 -4.17
N PHE J 124 -24.77 16.77 -2.92
CA PHE J 124 -25.25 17.81 -2.05
C PHE J 124 -24.19 18.37 -1.09
N ASN J 125 -24.33 19.65 -0.78
CA ASN J 125 -23.43 20.33 0.13
C ASN J 125 -24.25 21.19 1.07
N LYS J 126 -23.58 21.68 2.10
CA LYS J 126 -24.14 22.69 2.95
C LYS J 126 -23.80 24.06 2.35
N SER J 127 -24.49 25.06 2.86
CA SER J 127 -24.53 26.37 2.25
C SER J 127 -23.19 27.15 2.34
N ASP J 128 -22.39 26.81 3.33
CA ASP J 128 -21.11 27.43 3.56
C ASP J 128 -19.96 26.48 3.18
N TRP J 129 -20.25 25.39 2.45
CA TRP J 129 -19.30 24.41 2.04
C TRP J 129 -18.48 23.84 3.20
N SER J 130 -19.07 23.87 4.39
CA SER J 130 -18.50 23.22 5.53
C SER J 130 -18.52 21.67 5.31
N ASN J 131 -17.66 20.98 6.04
CA ASN J 131 -17.44 19.59 5.75
C ASN J 131 -18.50 18.75 6.44
N TYR J 132 -18.82 17.65 5.75
CA TYR J 132 -19.47 16.54 6.35
C TYR J 132 -18.48 15.45 6.77
N ASN J 133 -18.94 14.65 7.70
CA ASN J 133 -18.32 13.40 8.07
C ASN J 133 -19.31 12.35 7.58
N GLN J 134 -18.93 11.64 6.51
CA GLN J 134 -19.75 10.56 5.96
C GLN J 134 -19.71 9.29 6.81
N GLY J 135 -18.63 9.09 7.58
CA GLY J 135 -18.50 7.87 8.41
C GLY J 135 -19.58 7.63 9.47
N ASN J 136 -20.33 8.66 9.84
CA ASN J 136 -21.42 8.49 10.82
C ASN J 136 -22.77 8.70 10.11
N ASP J 137 -22.80 8.37 8.82
CA ASP J 137 -24.08 8.45 8.06
C ASP J 137 -24.64 7.06 7.87
N TRP J 138 -25.85 6.86 8.28
CA TRP J 138 -26.57 5.58 7.99
C TRP J 138 -26.40 5.05 6.56
N SER J 139 -26.62 5.89 5.57
CA SER J 139 -26.72 5.46 4.20
C SER J 139 -25.43 5.47 3.49
N TRP J 140 -24.36 5.96 4.07
CA TRP J 140 -23.12 5.97 3.32
C TRP J 140 -22.52 4.58 3.17
N LEU J 141 -22.10 4.24 1.97
CA LEU J 141 -21.37 3.00 1.77
C LEU J 141 -20.10 3.27 0.99
N GLN J 142 -19.02 3.49 1.72
CA GLN J 142 -17.80 4.02 1.16
C GLN J 142 -17.31 3.23 -0.05
N SER J 143 -17.28 1.92 0.12
CA SER J 143 -16.72 1.01 -0.87
C SER J 143 -17.56 0.81 -2.09
N MET J 144 -18.87 1.06 -2.00
CA MET J 144 -19.74 0.77 -3.16
C MET J 144 -19.63 1.92 -4.15
N THR J 145 -18.51 1.98 -4.89
CA THR J 145 -18.21 3.05 -5.84
C THR J 145 -18.81 2.86 -7.24
N SER J 146 -19.19 1.62 -7.58
N SER J 146 -19.17 1.62 -7.58
CA SER J 146 -20.00 1.34 -8.77
CA SER J 146 -19.96 1.31 -8.76
C SER J 146 -21.33 0.83 -8.28
C SER J 146 -21.33 0.82 -8.28
N TYR J 147 -22.32 0.90 -9.15
CA TYR J 147 -23.69 0.73 -8.75
C TYR J 147 -23.89 -0.59 -8.10
N GLY J 148 -24.49 -0.56 -6.91
CA GLY J 148 -24.72 -1.77 -6.15
C GLY J 148 -25.92 -1.59 -5.24
N GLU J 149 -26.19 -2.60 -4.47
CA GLU J 149 -27.33 -2.61 -3.58
C GLU J 149 -26.88 -2.12 -2.23
N ASN J 150 -27.22 -0.86 -1.96
CA ASN J 150 -27.04 -0.25 -0.67
C ASN J 150 -28.44 -0.26 -0.01
N VAL J 151 -28.61 -1.20 0.92
CA VAL J 151 -29.94 -1.38 1.56
C VAL J 151 -30.24 -0.31 2.60
N LYS J 152 -29.27 0.51 2.92
CA LYS J 152 -29.53 1.60 3.87
C LYS J 152 -29.92 2.89 3.16
N VAL J 153 -29.95 2.87 1.82
CA VAL J 153 -30.67 3.85 1.03
C VAL J 153 -32.04 3.23 0.86
N THR J 154 -33.07 3.87 1.42
CA THR J 154 -34.40 3.33 1.45
C THR J 154 -35.23 3.88 0.30
N ALA J 155 -36.26 3.15 -0.12
CA ALA J 155 -37.14 3.63 -1.20
C ALA J 155 -38.58 3.19 -0.97
N TYR J 156 -39.48 3.95 -1.53
CA TYR J 156 -40.88 3.97 -1.15
C TYR J 156 -41.68 4.11 -2.42
N ILE J 157 -42.84 3.45 -2.48
CA ILE J 157 -43.83 3.65 -3.54
C ILE J 157 -45.03 4.16 -2.77
N ASP J 158 -45.56 5.33 -3.16
CA ASP J 158 -46.67 5.99 -2.47
C ASP J 158 -46.38 6.18 -1.01
N GLY J 159 -45.13 6.46 -0.65
CA GLY J 159 -44.78 6.67 0.74
C GLY J 159 -44.67 5.43 1.62
N VAL J 160 -44.75 4.24 1.02
CA VAL J 160 -44.62 2.96 1.70
C VAL J 160 -43.26 2.35 1.40
N LEU J 161 -42.55 2.03 2.45
CA LEU J 161 -41.25 1.47 2.34
C LEU J 161 -41.32 0.17 1.60
N VAL J 162 -40.52 0.06 0.53
CA VAL J 162 -40.48 -1.17 -0.27
C VAL J 162 -39.07 -1.67 -0.51
N TRP J 163 -38.08 -0.85 -0.16
CA TRP J 163 -36.72 -1.23 -0.29
C TRP J 163 -35.96 -0.62 0.84
N GLY J 164 -35.12 -1.43 1.45
CA GLY J 164 -34.09 -0.94 2.28
C GLY J 164 -34.44 -0.99 3.74
N GLN J 165 -33.44 -0.68 4.55
CA GLN J 165 -33.58 -0.74 5.97
C GLN J 165 -33.47 0.71 6.45
N GLU J 166 -34.51 1.17 7.14
CA GLU J 166 -34.48 2.50 7.74
C GLU J 166 -33.59 2.42 8.99
N PRO J 167 -32.99 3.57 9.39
CA PRO J 167 -32.30 3.59 10.68
C PRO J 167 -33.27 3.42 11.88
N SER J 168 -32.80 2.65 12.86
CA SER J 168 -33.55 2.25 14.05
C SER J 168 -33.21 3.26 15.15
N SER K 16 -33.70 18.62 -28.20
CA SER K 16 -32.61 19.58 -27.81
C SER K 16 -31.24 18.86 -27.79
N GLY K 17 -31.12 17.85 -26.94
CA GLY K 17 -29.97 16.98 -26.94
C GLY K 17 -29.51 16.63 -25.55
N GLN K 18 -29.14 15.38 -25.37
CA GLN K 18 -28.57 14.90 -24.11
C GLN K 18 -27.25 14.24 -24.46
N ILE K 19 -26.19 14.58 -23.73
CA ILE K 19 -24.91 13.93 -23.97
C ILE K 19 -24.25 13.63 -22.65
N LYS K 20 -23.36 12.63 -22.67
CA LYS K 20 -22.39 12.38 -21.62
C LYS K 20 -21.04 12.73 -22.26
N VAL K 21 -20.08 13.11 -21.41
CA VAL K 21 -18.70 13.15 -21.80
C VAL K 21 -18.01 12.07 -20.99
N LEU K 22 -17.25 11.24 -21.70
CA LEU K 22 -16.38 10.30 -21.07
C LEU K 22 -14.99 10.78 -21.17
N TYR K 23 -14.21 10.40 -20.17
CA TYR K 23 -12.90 10.91 -19.92
C TYR K 23 -11.95 9.76 -19.55
N ALA K 24 -10.75 9.83 -20.09
CA ALA K 24 -9.66 9.01 -19.70
C ALA K 24 -8.43 9.87 -19.53
N ASN K 25 -7.92 9.84 -18.32
CA ASN K 25 -6.66 10.44 -17.98
C ASN K 25 -5.45 9.62 -18.47
N LYS K 26 -4.74 10.14 -19.47
CA LYS K 26 -3.53 9.53 -19.96
C LYS K 26 -2.26 10.18 -19.38
N GLU K 27 -2.40 10.95 -18.31
CA GLU K 27 -1.22 11.30 -17.49
C GLU K 27 -1.51 11.21 -16.01
N THR K 28 -0.97 10.17 -15.39
CA THR K 28 -1.22 9.93 -13.97
C THR K 28 -0.32 10.76 -13.07
N ASN K 29 0.83 11.17 -13.57
CA ASN K 29 1.75 11.99 -12.75
C ASN K 29 1.10 13.31 -12.53
N SER K 30 0.97 13.69 -11.28
CA SER K 30 0.45 14.98 -10.95
C SER K 30 1.31 16.11 -11.49
N THR K 31 2.62 15.86 -11.57
CA THR K 31 3.55 16.80 -12.13
C THR K 31 3.85 16.34 -13.54
N THR K 32 3.58 17.20 -14.52
CA THR K 32 3.78 16.85 -15.86
C THR K 32 3.79 18.10 -16.69
N ASN K 33 4.49 18.03 -17.81
CA ASN K 33 4.46 19.11 -18.81
C ASN K 33 3.39 18.97 -19.87
N THR K 34 2.71 17.80 -19.88
CA THR K 34 1.70 17.51 -20.88
C THR K 34 0.49 16.89 -20.24
N ILE K 35 -0.60 17.67 -20.15
CA ILE K 35 -1.88 17.19 -19.65
C ILE K 35 -2.58 16.44 -20.78
N ARG K 36 -3.18 15.28 -20.45
CA ARG K 36 -3.77 14.42 -21.44
C ARG K 36 -5.20 13.99 -21.05
N PRO K 37 -6.17 14.86 -21.35
CA PRO K 37 -7.56 14.48 -21.07
C PRO K 37 -8.19 13.94 -22.32
N TRP K 38 -8.19 12.63 -22.46
CA TRP K 38 -8.78 12.04 -23.61
C TRP K 38 -10.27 11.97 -23.39
N LEU K 39 -11.03 12.13 -24.45
CA LEU K 39 -12.46 12.30 -24.33
C LEU K 39 -13.24 11.60 -25.42
N LYS K 40 -14.51 11.41 -25.10
CA LYS K 40 -15.48 10.83 -25.97
C LYS K 40 -16.72 11.58 -25.69
N VAL K 41 -17.51 11.88 -26.73
CA VAL K 41 -18.86 12.45 -26.53
C VAL K 41 -19.85 11.33 -26.87
N VAL K 42 -20.85 11.14 -26.02
CA VAL K 42 -21.83 10.03 -26.18
C VAL K 42 -23.16 10.75 -26.30
N ASN K 43 -23.93 10.45 -27.36
CA ASN K 43 -25.29 11.01 -27.47
C ASN K 43 -26.20 10.00 -26.79
N THR K 44 -26.85 10.45 -25.72
CA THR K 44 -27.72 9.59 -24.91
C THR K 44 -29.21 9.92 -25.04
N GLY K 45 -29.53 10.96 -25.79
CA GLY K 45 -30.91 11.33 -26.02
C GLY K 45 -31.49 10.56 -27.19
N SER K 46 -32.64 11.02 -27.61
CA SER K 46 -33.40 10.32 -28.63
C SER K 46 -33.21 10.98 -30.00
N SER K 47 -32.40 12.02 -30.06
CA SER K 47 -32.28 12.88 -31.22
C SER K 47 -30.83 13.01 -31.67
N SER K 48 -30.65 13.26 -32.96
CA SER K 48 -29.31 13.57 -33.51
C SER K 48 -28.72 14.81 -32.96
N ILE K 49 -27.40 14.86 -32.86
CA ILE K 49 -26.66 16.09 -32.44
C ILE K 49 -25.58 16.33 -33.45
N ASP K 50 -25.53 17.53 -34.02
CA ASP K 50 -24.41 17.97 -34.85
C ASP K 50 -23.29 18.27 -33.85
N LEU K 51 -22.19 17.57 -33.99
CA LEU K 51 -21.05 17.77 -33.06
C LEU K 51 -20.56 19.20 -33.02
N SER K 52 -20.76 19.97 -34.08
CA SER K 52 -20.30 21.33 -34.08
C SER K 52 -21.08 22.19 -33.08
N ARG K 53 -22.23 21.71 -32.60
CA ARG K 53 -22.95 22.39 -31.53
C ARG K 53 -22.45 22.05 -30.12
N VAL K 54 -21.52 21.10 -30.00
CA VAL K 54 -21.06 20.65 -28.70
C VAL K 54 -19.72 21.29 -28.34
N THR K 55 -19.57 21.71 -27.10
CA THR K 55 -18.27 22.10 -26.63
C THR K 55 -18.09 21.44 -25.30
N ILE K 56 -16.83 21.23 -25.01
CA ILE K 56 -16.41 20.57 -23.78
C ILE K 56 -15.34 21.43 -23.12
N ARG K 57 -15.37 21.50 -21.76
CA ARG K 57 -14.42 22.27 -21.01
C ARG K 57 -13.67 21.43 -20.00
N TYR K 58 -12.38 21.59 -20.04
CA TYR K 58 -11.51 20.99 -19.08
C TYR K 58 -10.98 22.17 -18.28
N TRP K 59 -11.30 22.19 -16.99
CA TRP K 59 -11.07 23.30 -16.11
C TRP K 59 -9.83 22.97 -15.33
N TYR K 60 -8.91 23.92 -15.26
CA TYR K 60 -7.64 23.62 -14.57
C TYR K 60 -6.96 24.90 -14.17
N THR K 61 -5.90 24.76 -13.38
CA THR K 61 -5.04 25.88 -13.03
C THR K 61 -3.77 25.78 -13.87
N VAL K 62 -3.44 26.85 -14.53
CA VAL K 62 -2.36 26.81 -15.49
C VAL K 62 -0.99 26.67 -14.84
N ASP K 63 -0.84 27.19 -13.63
CA ASP K 63 0.38 27.09 -12.83
C ASP K 63 1.56 27.81 -13.54
N GLY K 64 1.30 29.01 -14.06
CA GLY K 64 2.33 29.75 -14.82
C GLY K 64 1.73 30.44 -16.02
N ASP K 65 2.07 31.71 -16.20
CA ASP K 65 1.45 32.51 -17.27
C ASP K 65 2.20 32.24 -18.52
N ARG K 66 1.76 31.24 -19.25
CA ARG K 66 2.40 30.88 -20.53
C ARG K 66 1.39 30.56 -21.59
N ALA K 67 1.73 30.88 -22.83
CA ALA K 67 0.95 30.38 -23.97
C ALA K 67 0.91 28.85 -23.90
N GLN K 68 -0.13 28.28 -24.45
CA GLN K 68 -0.38 26.87 -24.39
C GLN K 68 -0.78 26.37 -25.74
N SER K 69 -0.49 25.11 -25.99
CA SER K 69 -0.89 24.46 -27.22
C SER K 69 -1.59 23.15 -26.90
N ALA K 70 -2.68 22.89 -27.62
CA ALA K 70 -3.42 21.66 -27.51
C ALA K 70 -3.43 21.03 -28.92
N ILE K 71 -3.20 19.73 -28.92
CA ILE K 71 -3.13 18.95 -30.11
C ILE K 71 -3.86 17.63 -29.89
N SER K 72 -4.72 17.30 -30.85
CA SER K 72 -5.20 15.96 -31.01
C SER K 72 -4.26 15.20 -31.99
N ASP K 73 -3.54 14.21 -31.46
CA ASP K 73 -2.73 13.32 -32.27
C ASP K 73 -3.53 12.38 -33.17
N TRP K 74 -4.75 12.13 -32.73
CA TRP K 74 -5.63 11.19 -33.36
C TRP K 74 -6.97 11.29 -32.71
N ALA K 75 -8.00 11.17 -33.56
CA ALA K 75 -9.36 11.07 -33.07
C ALA K 75 -10.10 10.29 -34.15
N GLN K 76 -10.97 9.40 -33.69
CA GLN K 76 -11.80 8.59 -34.56
C GLN K 76 -12.55 9.45 -35.55
N ILE K 77 -13.06 10.61 -35.12
CA ILE K 77 -13.75 11.52 -36.07
C ILE K 77 -12.83 12.30 -36.97
N GLY K 78 -11.52 12.14 -36.77
CA GLY K 78 -10.54 12.86 -37.52
C GLY K 78 -9.98 14.01 -36.71
N ALA K 79 -8.69 13.97 -36.45
CA ALA K 79 -8.07 14.91 -35.53
C ALA K 79 -8.26 16.31 -36.06
N SER K 80 -8.24 16.49 -37.40
CA SER K 80 -8.46 17.84 -37.98
C SER K 80 -9.84 18.48 -37.63
N ASN K 81 -10.79 17.64 -37.26
CA ASN K 81 -12.14 18.07 -36.85
C ASN K 81 -12.30 18.51 -35.41
N VAL K 82 -11.22 18.45 -34.64
CA VAL K 82 -11.22 18.89 -33.25
C VAL K 82 -10.67 20.31 -33.18
N THR K 83 -11.38 21.18 -32.52
CA THR K 83 -10.92 22.54 -32.30
C THR K 83 -10.59 22.71 -30.83
N PHE K 84 -9.68 23.59 -30.59
CA PHE K 84 -9.23 23.88 -29.22
C PHE K 84 -9.18 25.37 -28.99
N LYS K 85 -9.62 25.79 -27.82
CA LYS K 85 -9.50 27.17 -27.39
C LYS K 85 -9.14 27.23 -25.91
N PHE K 86 -8.07 27.93 -25.58
CA PHE K 86 -7.77 28.17 -24.17
C PHE K 86 -8.45 29.45 -23.72
N VAL K 87 -9.21 29.40 -22.63
CA VAL K 87 -9.85 30.56 -22.04
C VAL K 87 -9.29 30.76 -20.66
N LYS K 88 -8.67 31.93 -20.42
CA LYS K 88 -8.26 32.39 -19.10
C LYS K 88 -9.47 33.00 -18.36
N LEU K 89 -9.77 32.54 -17.17
CA LEU K 89 -10.94 33.04 -16.43
C LEU K 89 -10.72 34.49 -15.94
N SER K 90 -11.70 35.37 -16.22
CA SER K 90 -11.68 36.79 -15.75
C SER K 90 -11.48 36.86 -14.22
N SER K 91 -12.08 35.89 -13.50
CA SER K 91 -11.86 35.65 -12.07
C SER K 91 -11.68 34.16 -11.78
N SER K 92 -10.55 33.80 -11.16
CA SER K 92 -10.25 32.40 -10.84
C SER K 92 -11.04 31.83 -9.66
N VAL K 93 -11.25 30.54 -9.66
CA VAL K 93 -11.99 29.84 -8.62
C VAL K 93 -11.17 28.65 -8.19
N SER K 94 -11.57 28.01 -7.12
CA SER K 94 -10.81 26.84 -6.65
C SER K 94 -10.77 25.73 -7.76
N GLY K 95 -9.56 25.34 -8.15
CA GLY K 95 -9.34 24.35 -9.16
C GLY K 95 -9.27 24.86 -10.60
N ALA K 96 -9.48 26.15 -10.85
CA ALA K 96 -9.49 26.66 -12.22
C ALA K 96 -9.16 28.15 -12.38
N ASP K 97 -8.16 28.43 -13.21
CA ASP K 97 -7.98 29.77 -13.74
C ASP K 97 -8.05 29.83 -15.27
N TYR K 98 -8.30 28.66 -15.88
CA TYR K 98 -8.40 28.49 -17.29
C TYR K 98 -9.34 27.31 -17.58
N TYR K 99 -9.92 27.32 -18.76
CA TYR K 99 -10.31 26.07 -19.37
C TYR K 99 -9.82 25.90 -20.77
N LEU K 100 -9.66 24.65 -21.13
CA LEU K 100 -9.45 24.26 -22.50
C LEU K 100 -10.86 23.99 -23.03
N GLU K 101 -11.24 24.61 -24.13
CA GLU K 101 -12.51 24.35 -24.73
C GLU K 101 -12.33 23.54 -26.00
N ILE K 102 -12.87 22.34 -25.98
CA ILE K 102 -12.79 21.48 -27.08
C ILE K 102 -14.09 21.69 -27.81
N GLY K 103 -13.98 21.85 -29.09
CA GLY K 103 -15.13 21.76 -30.00
C GLY K 103 -14.89 21.03 -31.30
N PHE K 104 -15.84 21.16 -32.23
CA PHE K 104 -15.90 20.32 -33.39
C PHE K 104 -16.26 21.07 -34.67
N LYS K 105 -15.53 20.79 -35.72
CA LYS K 105 -15.86 21.31 -37.05
C LYS K 105 -17.07 20.56 -37.57
N SER K 106 -17.68 21.10 -38.62
CA SER K 106 -18.81 20.45 -39.28
C SER K 106 -18.38 19.11 -39.82
N GLY K 107 -17.12 19.00 -40.24
CA GLY K 107 -16.51 17.71 -40.61
C GLY K 107 -16.63 16.57 -39.59
N ALA K 108 -16.87 16.89 -38.33
CA ALA K 108 -17.05 15.86 -37.32
C ALA K 108 -18.43 15.20 -37.54
N GLY K 109 -19.32 15.93 -38.19
CA GLY K 109 -20.63 15.42 -38.59
C GLY K 109 -21.54 15.40 -37.40
N GLN K 110 -22.44 14.41 -37.39
CA GLN K 110 -23.54 14.29 -36.44
C GLN K 110 -23.22 13.13 -35.53
N LEU K 111 -23.75 13.18 -34.31
CA LEU K 111 -23.76 12.04 -33.43
C LEU K 111 -25.18 11.52 -33.34
N GLN K 112 -25.39 10.26 -33.67
CA GLN K 112 -26.75 9.72 -33.70
C GLN K 112 -27.06 9.24 -32.29
N PRO K 113 -28.36 9.08 -31.98
CA PRO K 113 -28.71 8.59 -30.66
C PRO K 113 -27.99 7.30 -30.29
N GLY K 114 -27.59 7.15 -29.03
CA GLY K 114 -26.83 5.99 -28.60
C GLY K 114 -25.37 5.94 -29.07
N LYS K 115 -24.96 6.73 -30.06
CA LYS K 115 -23.60 6.58 -30.58
C LYS K 115 -22.67 7.50 -29.83
N ASP K 116 -21.38 7.33 -30.08
CA ASP K 116 -20.36 8.24 -29.49
C ASP K 116 -19.28 8.50 -30.50
N THR K 117 -18.48 9.49 -30.20
CA THR K 117 -17.55 10.04 -31.14
C THR K 117 -16.40 9.08 -31.40
N GLY K 118 -16.28 8.09 -30.54
CA GLY K 118 -15.05 7.40 -30.40
C GLY K 118 -14.03 8.29 -29.70
N GLU K 119 -12.81 7.77 -29.67
CA GLU K 119 -11.73 8.36 -28.91
C GLU K 119 -11.31 9.69 -29.49
N ILE K 120 -11.13 10.67 -28.61
CA ILE K 120 -10.56 11.97 -28.94
C ILE K 120 -9.29 12.16 -28.09
N GLN K 121 -8.15 11.99 -28.72
CA GLN K 121 -6.95 12.14 -28.01
C GLN K 121 -6.68 13.61 -27.95
N ILE K 122 -6.13 14.02 -26.82
CA ILE K 122 -5.87 15.39 -26.53
C ILE K 122 -4.65 15.44 -25.67
N ARG K 123 -3.79 16.39 -25.96
CA ARG K 123 -2.69 16.73 -25.07
C ARG K 123 -2.49 18.21 -25.15
N PHE K 124 -2.09 18.79 -24.04
CA PHE K 124 -1.71 20.18 -24.08
C PHE K 124 -0.55 20.51 -23.15
N ASN K 125 0.14 21.57 -23.49
CA ASN K 125 1.37 21.87 -22.80
C ASN K 125 1.57 23.36 -22.91
N LYS K 126 2.52 23.91 -22.16
CA LYS K 126 2.81 25.33 -22.19
C LYS K 126 3.96 25.52 -23.13
N SER K 127 4.14 26.77 -23.56
CA SER K 127 5.11 27.09 -24.60
C SER K 127 6.54 26.78 -24.26
N ASP K 128 6.88 26.76 -22.97
CA ASP K 128 8.25 26.50 -22.58
C ASP K 128 8.38 25.08 -21.99
N TRP K 129 7.37 24.23 -22.17
CA TRP K 129 7.38 22.86 -21.73
C TRP K 129 7.51 22.76 -20.21
N SER K 130 7.01 23.77 -19.51
CA SER K 130 7.14 23.78 -18.06
C SER K 130 6.00 22.96 -17.46
N ASN K 131 6.24 22.48 -16.26
CA ASN K 131 5.28 21.58 -15.63
C ASN K 131 4.02 22.26 -15.14
N TYR K 132 2.95 21.52 -15.27
CA TYR K 132 1.74 21.71 -14.54
C TYR K 132 1.74 20.88 -13.22
N ASN K 133 0.83 21.28 -12.36
CA ASN K 133 0.42 20.52 -11.23
C ASN K 133 -1.04 20.18 -11.49
N GLN K 134 -1.34 18.91 -11.75
CA GLN K 134 -2.70 18.48 -12.03
C GLN K 134 -3.52 18.36 -10.78
N GLY K 135 -2.84 18.20 -9.64
CA GLY K 135 -3.47 17.98 -8.35
C GLY K 135 -4.31 19.12 -7.91
N ASN K 136 -4.08 20.33 -8.41
CA ASN K 136 -4.95 21.47 -8.11
C ASN K 136 -5.84 21.87 -9.31
N ASP K 137 -6.25 20.87 -10.10
CA ASP K 137 -7.07 21.10 -11.33
C ASP K 137 -8.43 20.54 -11.11
N TRP K 138 -9.43 21.39 -11.27
CA TRP K 138 -10.80 21.00 -11.07
C TRP K 138 -11.13 19.74 -11.84
N SER K 139 -10.77 19.70 -13.13
CA SER K 139 -11.18 18.59 -14.00
C SER K 139 -10.34 17.34 -13.94
N TRP K 140 -9.20 17.34 -13.25
CA TRP K 140 -8.39 16.15 -13.30
C TRP K 140 -8.99 15.01 -12.47
N LEU K 141 -9.02 13.81 -13.00
CA LEU K 141 -9.37 12.61 -12.22
C LEU K 141 -8.26 11.63 -12.50
N GLN K 142 -7.30 11.64 -11.59
CA GLN K 142 -6.08 10.89 -11.74
C GLN K 142 -6.30 9.40 -12.07
N SER K 143 -7.14 8.77 -11.26
CA SER K 143 -7.37 7.31 -11.35
C SER K 143 -8.34 6.85 -12.45
N MET K 144 -9.02 7.74 -13.14
CA MET K 144 -9.86 7.35 -14.30
C MET K 144 -8.99 7.29 -15.53
N THR K 145 -8.19 6.22 -15.62
CA THR K 145 -7.25 6.06 -16.70
C THR K 145 -7.87 5.42 -17.91
N SER K 146 -9.00 4.73 -17.73
CA SER K 146 -9.79 4.30 -18.87
C SER K 146 -11.14 5.05 -18.85
N TYR K 147 -11.73 5.18 -20.03
CA TYR K 147 -12.89 6.04 -20.19
C TYR K 147 -13.96 5.82 -19.10
N GLY K 148 -14.36 6.91 -18.48
CA GLY K 148 -15.36 6.90 -17.43
C GLY K 148 -16.02 8.26 -17.33
N GLU K 149 -16.92 8.40 -16.36
CA GLU K 149 -17.68 9.62 -16.14
C GLU K 149 -17.00 10.56 -15.13
N ASN K 150 -16.31 11.55 -15.69
CA ASN K 150 -15.70 12.59 -14.96
C ASN K 150 -16.62 13.76 -15.10
N VAL K 151 -17.40 14.00 -14.07
CA VAL K 151 -18.41 15.06 -14.16
C VAL K 151 -17.82 16.46 -14.02
N LYS K 152 -16.55 16.58 -13.68
CA LYS K 152 -15.90 17.89 -13.66
C LYS K 152 -15.24 18.29 -15.00
N VAL K 153 -15.29 17.41 -15.98
CA VAL K 153 -15.23 17.84 -17.38
C VAL K 153 -16.66 18.20 -17.77
N THR K 154 -16.92 19.46 -18.11
CA THR K 154 -18.26 19.90 -18.44
C THR K 154 -18.48 19.99 -19.96
N ALA K 155 -19.73 19.89 -20.33
CA ALA K 155 -20.06 20.00 -21.75
C ALA K 155 -21.35 20.76 -21.95
N TYR K 156 -21.47 21.19 -23.18
CA TYR K 156 -22.42 22.22 -23.55
C TYR K 156 -22.94 21.89 -24.92
N ILE K 157 -24.22 22.19 -25.11
CA ILE K 157 -24.83 22.24 -26.39
C ILE K 157 -25.24 23.67 -26.62
N ASP K 158 -24.73 24.22 -27.71
CA ASP K 158 -24.98 25.61 -28.06
C ASP K 158 -24.66 26.49 -26.91
N GLY K 159 -23.58 26.20 -26.19
CA GLY K 159 -23.18 27.08 -25.10
C GLY K 159 -23.92 26.87 -23.79
N VAL K 160 -24.79 25.87 -23.69
CA VAL K 160 -25.61 25.63 -22.53
C VAL K 160 -25.14 24.36 -21.87
N LEU K 161 -24.86 24.46 -20.58
CA LEU K 161 -24.37 23.37 -19.78
C LEU K 161 -25.37 22.26 -19.74
N VAL K 162 -24.93 21.09 -20.21
CA VAL K 162 -25.75 19.87 -20.30
C VAL K 162 -25.15 18.70 -19.59
N TRP K 163 -23.83 18.73 -19.34
CA TRP K 163 -23.13 17.66 -18.62
C TRP K 163 -22.13 18.26 -17.65
N GLY K 164 -22.13 17.74 -16.44
CA GLY K 164 -21.08 17.99 -15.51
C GLY K 164 -21.30 19.17 -14.57
N GLN K 165 -20.35 19.27 -13.66
CA GLN K 165 -20.29 20.26 -12.63
C GLN K 165 -19.22 21.31 -12.93
N GLU K 166 -19.61 22.55 -13.15
CA GLU K 166 -18.62 23.63 -13.24
C GLU K 166 -17.97 23.97 -11.90
N PRO K 167 -16.72 24.47 -11.94
CA PRO K 167 -16.11 24.81 -10.65
C PRO K 167 -16.94 25.80 -9.83
N SER K 168 -16.88 25.65 -8.50
CA SER K 168 -17.66 26.45 -7.54
C SER K 168 -17.23 27.94 -7.52
N SER L 16 -8.86 10.29 -46.92
CA SER L 16 -7.80 9.26 -47.10
C SER L 16 -7.77 8.32 -45.86
N GLY L 17 -6.71 7.51 -45.74
CA GLY L 17 -6.63 6.50 -44.69
C GLY L 17 -6.60 6.95 -43.22
N GLN L 18 -7.20 6.16 -42.35
CA GLN L 18 -7.09 6.32 -40.91
C GLN L 18 -6.67 5.01 -40.26
N ILE L 19 -5.60 5.07 -39.48
CA ILE L 19 -5.21 3.89 -38.74
C ILE L 19 -4.85 4.20 -37.31
N LYS L 20 -4.80 3.13 -36.54
CA LYS L 20 -4.27 3.14 -35.20
C LYS L 20 -3.19 2.12 -35.16
N VAL L 21 -2.13 2.42 -34.36
CA VAL L 21 -1.15 1.41 -33.96
C VAL L 21 -1.37 0.99 -32.50
N LEU L 22 -1.37 -0.32 -32.27
CA LEU L 22 -1.38 -0.88 -30.95
C LEU L 22 -0.01 -1.45 -30.70
N TYR L 23 0.38 -1.44 -29.42
CA TYR L 23 1.68 -1.81 -29.01
C TYR L 23 1.62 -2.75 -27.81
N ALA L 24 2.54 -3.71 -27.76
CA ALA L 24 2.73 -4.50 -26.54
C ALA L 24 4.19 -4.61 -26.28
N ASN L 25 4.62 -4.11 -25.12
CA ASN L 25 6.00 -4.19 -24.67
C ASN L 25 6.23 -5.58 -24.15
N LYS L 26 7.10 -6.34 -24.81
CA LYS L 26 7.39 -7.69 -24.36
C LYS L 26 8.76 -7.78 -23.75
N GLU L 27 9.34 -6.65 -23.37
CA GLU L 27 10.51 -6.64 -22.46
C GLU L 27 10.34 -5.55 -21.40
N THR L 28 9.97 -5.97 -20.20
CA THR L 28 9.78 -5.01 -19.11
C THR L 28 11.08 -4.54 -18.45
N ASN L 29 12.21 -5.17 -18.77
CA ASN L 29 13.46 -4.78 -18.15
C ASN L 29 13.95 -3.50 -18.76
N SER L 30 14.30 -2.54 -17.92
CA SER L 30 14.80 -1.27 -18.40
C SER L 30 16.18 -1.52 -19.02
N THR L 31 16.96 -2.46 -18.47
CA THR L 31 18.17 -2.92 -19.13
C THR L 31 17.88 -4.21 -19.88
N THR L 32 18.19 -4.22 -21.17
CA THR L 32 17.99 -5.40 -21.96
C THR L 32 18.85 -5.34 -23.23
N ASN L 33 19.23 -6.49 -23.75
CA ASN L 33 19.93 -6.52 -25.04
C ASN L 33 18.95 -6.54 -26.22
N THR L 34 17.65 -6.67 -25.96
CA THR L 34 16.66 -6.97 -26.99
C THR L 34 15.33 -6.25 -26.67
N ILE L 35 15.08 -5.23 -27.46
CA ILE L 35 13.88 -4.48 -27.40
C ILE L 35 12.83 -5.21 -28.19
N ARG L 36 11.62 -5.25 -27.63
CA ARG L 36 10.57 -6.07 -28.13
C ARG L 36 9.24 -5.29 -28.22
N PRO L 37 9.11 -4.43 -29.26
CA PRO L 37 7.93 -3.62 -29.37
C PRO L 37 6.93 -4.24 -30.32
N TRP L 38 6.05 -5.09 -29.82
CA TRP L 38 5.13 -5.82 -30.69
C TRP L 38 4.10 -4.85 -31.15
N LEU L 39 3.66 -4.99 -32.38
CA LEU L 39 2.78 -4.05 -33.01
C LEU L 39 1.65 -4.72 -33.75
N LYS L 40 0.64 -3.91 -33.99
CA LYS L 40 -0.53 -4.28 -34.71
C LYS L 40 -1.03 -2.98 -35.34
N VAL L 41 -1.50 -3.04 -36.60
CA VAL L 41 -2.08 -1.90 -37.28
C VAL L 41 -3.55 -2.15 -37.45
N VAL L 42 -4.38 -1.23 -36.98
CA VAL L 42 -5.77 -1.32 -37.10
C VAL L 42 -6.22 -0.26 -38.14
N ASN L 43 -7.03 -0.69 -39.11
CA ASN L 43 -7.75 0.24 -39.96
C ASN L 43 -9.06 0.65 -39.28
N THR L 44 -9.10 1.90 -38.87
CA THR L 44 -10.30 2.44 -38.25
C THR L 44 -11.12 3.33 -39.17
N GLY L 45 -10.60 3.61 -40.36
CA GLY L 45 -11.19 4.53 -41.30
C GLY L 45 -12.20 3.78 -42.14
N SER L 46 -12.65 4.38 -43.23
CA SER L 46 -13.68 3.79 -44.09
C SER L 46 -13.14 3.16 -45.42
N SER L 47 -11.85 3.30 -45.69
CA SER L 47 -11.28 2.81 -46.91
C SER L 47 -10.21 1.80 -46.59
N SER L 48 -9.90 0.97 -47.58
CA SER L 48 -8.85 -0.05 -47.49
C SER L 48 -7.51 0.66 -47.57
N ILE L 49 -6.52 0.08 -46.88
CA ILE L 49 -5.15 0.56 -47.01
C ILE L 49 -4.27 -0.57 -47.42
N ASP L 50 -3.49 -0.35 -48.47
CA ASP L 50 -2.38 -1.22 -48.77
C ASP L 50 -1.35 -1.04 -47.64
N LEU L 51 -0.99 -2.13 -46.99
CA LEU L 51 -0.04 -2.04 -45.91
C LEU L 51 1.30 -1.47 -46.36
N SER L 52 1.66 -1.63 -47.63
CA SER L 52 2.88 -1.10 -48.13
C SER L 52 2.94 0.40 -47.95
N ARG L 53 1.79 1.06 -47.92
CA ARG L 53 1.74 2.50 -47.69
C ARG L 53 2.06 2.92 -46.25
N VAL L 54 1.94 1.99 -45.31
CA VAL L 54 2.04 2.28 -43.91
C VAL L 54 3.44 2.13 -43.40
N THR L 55 3.93 3.14 -42.73
CA THR L 55 5.12 2.92 -41.92
C THR L 55 4.88 3.23 -40.47
N ILE L 56 5.65 2.55 -39.58
CA ILE L 56 5.53 2.74 -38.16
C ILE L 56 6.94 3.05 -37.67
N ARG L 57 7.06 3.97 -36.72
CA ARG L 57 8.33 4.33 -36.12
C ARG L 57 8.37 4.14 -34.61
N TYR L 58 9.40 3.43 -34.13
CA TYR L 58 9.63 3.27 -32.71
C TYR L 58 10.88 4.06 -32.45
N TRP L 59 10.71 5.07 -31.61
CA TRP L 59 11.69 6.11 -31.34
C TRP L 59 12.37 5.79 -30.03
N TYR L 60 13.67 5.93 -30.02
CA TYR L 60 14.48 5.47 -28.90
C TYR L 60 15.92 5.94 -29.03
N THR L 61 16.65 5.74 -27.95
CA THR L 61 18.08 6.09 -27.87
C THR L 61 18.86 4.81 -27.93
N VAL L 62 19.80 4.75 -28.87
CA VAL L 62 20.57 3.53 -29.15
C VAL L 62 21.46 3.09 -28.00
N ASP L 63 21.90 4.03 -27.18
CA ASP L 63 22.75 3.74 -25.99
C ASP L 63 24.06 3.08 -26.45
N GLY L 64 24.71 3.70 -27.41
CA GLY L 64 25.99 3.32 -27.90
C GLY L 64 25.83 2.83 -29.29
N ASP L 65 26.19 3.64 -30.28
N ASP L 65 26.29 3.62 -30.25
CA ASP L 65 25.85 3.31 -31.66
CA ASP L 65 26.06 3.35 -31.67
C ASP L 65 26.61 2.06 -32.12
C ASP L 65 26.67 2.00 -32.09
N ARG L 66 25.82 1.12 -32.63
CA ARG L 66 26.28 -0.13 -33.16
C ARG L 66 25.29 -0.39 -34.24
N ALA L 67 25.66 -1.27 -35.15
CA ALA L 67 24.71 -1.81 -36.08
C ALA L 67 23.61 -2.51 -35.29
N GLN L 68 22.42 -2.51 -35.89
CA GLN L 68 21.28 -3.12 -35.26
C GLN L 68 20.60 -4.05 -36.24
N SER L 69 19.90 -5.02 -35.67
CA SER L 69 19.17 -5.95 -36.43
C SER L 69 17.78 -5.97 -35.79
N ALA L 70 16.75 -5.96 -36.64
CA ALA L 70 15.42 -6.19 -36.17
C ALA L 70 14.92 -7.45 -36.85
N ILE L 71 14.19 -8.25 -36.12
CA ILE L 71 13.70 -9.52 -36.62
C ILE L 71 12.23 -9.62 -36.24
N SER L 72 11.40 -10.00 -37.18
CA SER L 72 10.05 -10.43 -36.81
C SER L 72 10.06 -11.95 -36.70
N ASP L 73 9.95 -12.51 -35.49
CA ASP L 73 9.91 -13.99 -35.35
C ASP L 73 8.64 -14.61 -35.84
N TRP L 74 7.59 -13.82 -35.87
CA TRP L 74 6.28 -14.28 -36.28
C TRP L 74 5.38 -13.07 -36.46
N ALA L 75 4.58 -13.09 -37.52
CA ALA L 75 3.56 -12.07 -37.73
C ALA L 75 2.40 -12.78 -38.38
N GLN L 76 1.18 -12.46 -37.96
CA GLN L 76 -0.04 -12.99 -38.62
C GLN L 76 -0.03 -12.79 -40.13
N ILE L 77 0.44 -11.62 -40.58
CA ILE L 77 0.55 -11.37 -42.02
C ILE L 77 1.74 -12.10 -42.63
N GLY L 78 2.54 -12.80 -41.83
CA GLY L 78 3.73 -13.45 -42.32
C GLY L 78 4.93 -12.60 -42.09
N ALA L 79 5.85 -13.09 -41.28
CA ALA L 79 6.97 -12.27 -40.81
C ALA L 79 7.80 -11.79 -41.99
N SER L 80 7.81 -12.53 -43.08
CA SER L 80 8.65 -12.12 -44.21
C SER L 80 8.13 -10.85 -44.94
N ASN L 81 6.87 -10.50 -44.72
CA ASN L 81 6.29 -9.26 -45.22
C ASN L 81 6.55 -8.01 -44.37
N VAL L 82 7.25 -8.15 -43.25
CA VAL L 82 7.66 -7.01 -42.45
C VAL L 82 9.05 -6.55 -42.88
N THR L 83 9.19 -5.25 -43.13
CA THR L 83 10.45 -4.63 -43.40
C THR L 83 10.85 -3.76 -42.22
N PHE L 84 12.16 -3.60 -42.09
CA PHE L 84 12.75 -2.82 -41.03
C PHE L 84 13.84 -1.96 -41.54
N LYS L 85 13.92 -0.74 -41.02
CA LYS L 85 14.94 0.21 -41.36
C LYS L 85 15.27 0.97 -40.10
N PHE L 86 16.53 0.96 -39.70
CA PHE L 86 16.99 1.82 -38.66
C PHE L 86 17.39 3.13 -39.26
N VAL L 87 16.86 4.17 -38.68
CA VAL L 87 17.20 5.55 -39.10
C VAL L 87 17.80 6.26 -37.93
N LYS L 88 19.03 6.69 -38.11
CA LYS L 88 19.71 7.49 -37.13
C LYS L 88 19.25 8.92 -37.32
N LEU L 89 18.80 9.59 -36.25
CA LEU L 89 18.36 10.97 -36.40
C LEU L 89 19.53 11.91 -36.59
N SER L 90 19.37 12.84 -37.54
CA SER L 90 20.30 14.00 -37.74
C SER L 90 20.60 14.72 -36.45
N SER L 91 19.57 15.31 -35.82
CA SER L 91 19.68 15.82 -34.45
C SER L 91 18.89 14.91 -33.57
N SER L 92 19.41 14.62 -32.37
CA SER L 92 18.66 13.83 -31.39
C SER L 92 17.62 14.74 -30.70
N VAL L 93 16.62 14.11 -30.08
CA VAL L 93 15.51 14.84 -29.47
C VAL L 93 15.09 14.12 -28.19
N SER L 94 14.03 14.59 -27.56
CA SER L 94 13.56 14.03 -26.27
C SER L 94 13.38 12.52 -26.37
N GLY L 95 14.25 11.74 -25.77
CA GLY L 95 14.14 10.28 -25.87
C GLY L 95 14.38 9.58 -27.21
N ALA L 96 15.07 10.23 -28.17
CA ALA L 96 15.37 9.57 -29.43
C ALA L 96 16.60 10.09 -30.15
N ASP L 97 17.49 9.17 -30.51
CA ASP L 97 18.50 9.47 -31.54
C ASP L 97 18.35 8.50 -32.71
N TYR L 98 17.42 7.57 -32.61
CA TYR L 98 17.13 6.63 -33.70
C TYR L 98 15.64 6.45 -33.74
N TYR L 99 15.14 5.97 -34.87
CA TYR L 99 13.94 5.21 -34.88
C TYR L 99 14.14 3.97 -35.72
N LEU L 100 13.41 2.93 -35.37
CA LEU L 100 13.24 1.79 -36.20
C LEU L 100 11.96 2.07 -36.95
N GLU L 101 12.03 1.98 -38.28
CA GLU L 101 10.86 2.12 -39.11
C GLU L 101 10.43 0.77 -39.64
N ILE L 102 9.18 0.42 -39.36
CA ILE L 102 8.63 -0.85 -39.70
C ILE L 102 7.75 -0.55 -40.90
N GLY L 103 7.91 -1.34 -41.93
CA GLY L 103 7.16 -1.19 -43.19
C GLY L 103 6.62 -2.55 -43.59
N PHE L 104 5.92 -2.59 -44.71
CA PHE L 104 5.30 -3.80 -45.19
C PHE L 104 5.57 -4.05 -46.67
N LYS L 105 5.79 -5.29 -47.06
CA LYS L 105 5.87 -5.61 -48.50
C LYS L 105 4.46 -5.69 -49.08
N SER L 106 4.36 -5.66 -50.42
CA SER L 106 3.06 -5.88 -51.13
C SER L 106 2.39 -7.17 -50.65
N GLY L 107 3.20 -8.20 -50.41
CA GLY L 107 2.74 -9.46 -49.82
C GLY L 107 1.96 -9.36 -48.53
N ALA L 108 2.14 -8.28 -47.77
CA ALA L 108 1.27 -8.00 -46.59
C ALA L 108 -0.19 -7.78 -46.90
N GLY L 109 -0.46 -7.37 -48.13
CA GLY L 109 -1.83 -7.21 -48.57
C GLY L 109 -2.40 -5.87 -48.15
N GLN L 110 -3.74 -5.86 -48.05
CA GLN L 110 -4.54 -4.72 -47.71
C GLN L 110 -5.06 -4.90 -46.33
N LEU L 111 -5.37 -3.79 -45.71
CA LEU L 111 -6.07 -3.76 -44.47
C LEU L 111 -7.40 -3.11 -44.70
N GLN L 112 -8.45 -3.85 -44.42
CA GLN L 112 -9.81 -3.43 -44.69
C GLN L 112 -10.34 -2.65 -43.51
N PRO L 113 -11.30 -1.75 -43.75
CA PRO L 113 -11.98 -1.07 -42.69
C PRO L 113 -12.39 -1.96 -41.55
N GLY L 114 -12.08 -1.55 -40.33
CA GLY L 114 -12.40 -2.33 -39.17
C GLY L 114 -11.47 -3.49 -38.89
N LYS L 115 -10.45 -3.71 -39.71
CA LYS L 115 -9.64 -4.92 -39.54
C LYS L 115 -8.28 -4.54 -38.97
N ASP L 116 -7.57 -5.53 -38.45
CA ASP L 116 -6.17 -5.28 -38.07
C ASP L 116 -5.25 -6.32 -38.63
N THR L 117 -3.96 -6.01 -38.60
CA THR L 117 -2.93 -6.91 -39.15
C THR L 117 -2.78 -8.21 -38.34
N GLY L 118 -3.37 -8.30 -37.15
CA GLY L 118 -2.93 -9.24 -36.12
C GLY L 118 -1.53 -8.86 -35.66
N GLU L 119 -1.04 -9.68 -34.75
CA GLU L 119 0.20 -9.44 -34.08
C GLU L 119 1.38 -9.34 -35.02
N ILE L 120 2.29 -8.42 -34.74
CA ILE L 120 3.52 -8.30 -35.51
C ILE L 120 4.59 -8.32 -34.46
N GLN L 121 5.24 -9.46 -34.27
CA GLN L 121 6.29 -9.57 -33.26
C GLN L 121 7.49 -8.89 -33.82
N ILE L 122 8.17 -8.18 -32.96
CA ILE L 122 9.32 -7.43 -33.33
C ILE L 122 10.29 -7.59 -32.20
N ARG L 123 11.55 -7.81 -32.57
CA ARG L 123 12.65 -7.68 -31.62
C ARG L 123 13.78 -7.03 -32.32
N PHE L 124 14.54 -6.26 -31.57
CA PHE L 124 15.76 -5.73 -32.15
C PHE L 124 16.89 -5.61 -31.14
N ASN L 125 18.12 -5.81 -31.64
CA ASN L 125 19.33 -5.83 -30.83
C ASN L 125 20.41 -5.12 -31.52
N LYS L 126 21.47 -4.83 -30.80
CA LYS L 126 22.66 -4.41 -31.43
C LYS L 126 23.53 -5.62 -31.80
N SER L 127 24.47 -5.40 -32.73
CA SER L 127 25.22 -6.47 -33.39
C SER L 127 26.11 -7.29 -32.44
N ASP L 128 26.62 -6.62 -31.42
CA ASP L 128 27.40 -7.24 -30.36
C ASP L 128 26.55 -7.68 -29.17
N TRP L 129 25.23 -7.54 -29.24
CA TRP L 129 24.33 -7.86 -28.13
C TRP L 129 24.51 -6.96 -26.91
N SER L 130 25.03 -5.75 -27.05
CA SER L 130 25.20 -4.89 -25.91
C SER L 130 23.84 -4.33 -25.54
N ASN L 131 23.76 -3.94 -24.29
CA ASN L 131 22.51 -3.56 -23.70
C ASN L 131 22.00 -2.20 -24.10
N TYR L 132 20.69 -2.16 -24.20
CA TYR L 132 19.97 -0.94 -24.22
C TYR L 132 19.51 -0.63 -22.79
N ASN L 133 19.25 0.64 -22.60
CA ASN L 133 18.42 1.18 -21.56
C ASN L 133 17.08 1.69 -22.19
N GLN L 134 15.98 1.04 -21.87
CA GLN L 134 14.66 1.41 -22.40
C GLN L 134 14.10 2.66 -21.72
N GLY L 135 14.67 3.00 -20.58
CA GLY L 135 14.13 4.06 -19.78
C GLY L 135 14.33 5.42 -20.34
N ASN L 136 15.23 5.54 -21.29
CA ASN L 136 15.43 6.82 -21.95
C ASN L 136 14.96 6.80 -23.39
N ASP L 137 13.92 6.00 -23.64
CA ASP L 137 13.32 5.83 -24.96
C ASP L 137 11.97 6.48 -25.05
N TRP L 138 11.81 7.35 -26.03
CA TRP L 138 10.54 7.98 -26.28
C TRP L 138 9.39 6.98 -26.37
N SER L 139 9.57 5.92 -27.15
CA SER L 139 8.46 5.04 -27.46
C SER L 139 8.19 3.94 -26.46
N TRP L 140 9.05 3.79 -25.46
CA TRP L 140 8.88 2.72 -24.55
C TRP L 140 7.70 2.91 -23.57
N LEU L 141 6.88 1.87 -23.43
CA LEU L 141 5.82 1.98 -22.45
C LEU L 141 5.87 0.74 -21.65
N GLN L 142 6.69 0.78 -20.60
CA GLN L 142 7.06 -0.38 -19.82
C GLN L 142 5.89 -1.21 -19.45
N SER L 143 4.91 -0.56 -18.84
CA SER L 143 3.75 -1.25 -18.28
C SER L 143 2.72 -1.67 -19.29
N MET L 144 2.81 -1.29 -20.59
CA MET L 144 1.79 -1.68 -21.60
C MET L 144 2.27 -2.99 -22.20
N THR L 145 2.10 -4.04 -21.42
CA THR L 145 2.60 -5.33 -21.75
C THR L 145 1.62 -6.12 -22.62
N SER L 146 0.37 -5.69 -22.69
N SER L 146 0.39 -5.65 -22.70
CA SER L 146 -0.59 -6.25 -23.63
CA SER L 146 -0.60 -6.20 -23.60
C SER L 146 -1.06 -5.11 -24.51
C SER L 146 -1.04 -5.08 -24.52
N TYR L 147 -1.57 -5.45 -25.69
CA TYR L 147 -1.81 -4.49 -26.76
C TYR L 147 -2.65 -3.32 -26.30
N GLY L 148 -2.09 -2.14 -26.44
CA GLY L 148 -2.77 -0.92 -26.07
C GLY L 148 -2.31 0.21 -26.98
N GLU L 149 -2.78 1.41 -26.70
CA GLU L 149 -2.49 2.56 -27.53
C GLU L 149 -1.30 3.26 -26.97
N ASN L 150 -0.19 3.10 -27.65
CA ASN L 150 1.00 3.74 -27.26
C ASN L 150 1.17 4.81 -28.32
N VAL L 151 0.78 6.03 -27.93
CA VAL L 151 0.75 7.13 -28.88
C VAL L 151 2.16 7.61 -29.24
N LYS L 152 3.19 7.07 -28.60
CA LYS L 152 4.52 7.55 -28.87
C LYS L 152 5.25 6.64 -29.83
N VAL L 153 4.55 5.56 -30.28
CA VAL L 153 4.87 4.81 -31.43
C VAL L 153 4.11 5.49 -32.58
N THR L 154 4.81 5.98 -33.59
CA THR L 154 4.09 6.75 -34.61
C THR L 154 3.86 5.99 -35.87
N ALA L 155 2.90 6.45 -36.65
CA ALA L 155 2.55 5.77 -37.87
C ALA L 155 2.19 6.73 -38.95
N TYR L 156 2.52 6.32 -40.17
CA TYR L 156 2.49 7.16 -41.38
C TYR L 156 1.80 6.44 -42.51
N ILE L 157 1.12 7.21 -43.37
CA ILE L 157 0.60 6.68 -44.65
C ILE L 157 1.26 7.54 -45.71
N ASP L 158 1.95 6.88 -46.64
CA ASP L 158 2.76 7.59 -47.65
C ASP L 158 3.68 8.60 -47.01
N GLY L 159 4.30 8.25 -45.89
CA GLY L 159 5.18 9.15 -45.19
C GLY L 159 4.53 10.29 -44.43
N VAL L 160 3.21 10.32 -44.32
CA VAL L 160 2.50 11.42 -43.65
C VAL L 160 2.07 10.92 -42.30
N LEU L 161 2.47 11.59 -41.24
CA LEU L 161 2.05 11.25 -39.89
C LEU L 161 0.53 11.26 -39.77
N VAL L 162 -0.02 10.09 -39.41
CA VAL L 162 -1.43 9.91 -39.17
C VAL L 162 -1.74 9.35 -37.77
N TRP L 163 -0.73 8.83 -37.04
CA TRP L 163 -0.95 8.33 -35.68
C TRP L 163 0.23 8.64 -34.80
N GLY L 164 -0.05 9.15 -33.64
CA GLY L 164 0.85 9.15 -32.54
C GLY L 164 1.54 10.51 -32.50
N GLN L 165 2.44 10.63 -31.53
CA GLN L 165 3.16 11.85 -31.24
C GLN L 165 4.66 11.62 -31.48
N GLU L 166 5.23 12.37 -32.38
CA GLU L 166 6.64 12.33 -32.56
C GLU L 166 7.37 13.00 -31.37
N PRO L 167 8.62 12.57 -31.08
CA PRO L 167 9.32 13.27 -30.04
C PRO L 167 9.50 14.78 -30.39
N SER L 168 9.23 15.65 -29.42
CA SER L 168 9.24 17.09 -29.63
C SER L 168 10.68 17.60 -29.83
CA CA M . 8.43 -23.26 6.83
CA CA N . -13.74 -10.94 23.15
CA CA O . -20.59 18.38 19.72
CA CA P . -4.58 35.46 -0.20
CA CA Q . 18.26 22.82 -16.42
CA CA R . 24.81 -6.24 -12.93
CA CA S . 18.55 -24.70 -15.78
CA CA T . -1.07 -35.06 5.35
CA CA U . -21.57 -16.19 17.72
CA CA V . -22.44 12.93 8.99
CA CA W . -2.71 23.12 -12.12
CA CA X . 17.77 3.98 -24.87
#